data_7DTR
# 
_entry.id   7DTR 
# 
_audit_conform.dict_name       mmcif_pdbx.dic 
_audit_conform.dict_version    5.392 
_audit_conform.dict_location   http://mmcif.pdb.org/dictionaries/ascii/mmcif_pdbx.dic 
# 
loop_
_database_2.database_id 
_database_2.database_code 
_database_2.pdbx_database_accession 
_database_2.pdbx_DOI 
PDB   7DTR         pdb_00007dtr 10.2210/pdb7dtr/pdb 
WWPDB D_1300020125 ?            ?                   
# 
loop_
_pdbx_audit_revision_history.ordinal 
_pdbx_audit_revision_history.data_content_type 
_pdbx_audit_revision_history.major_revision 
_pdbx_audit_revision_history.minor_revision 
_pdbx_audit_revision_history.revision_date 
1 'Structure model' 1 0 2022-01-19 
2 'Structure model' 1 1 2022-08-03 
3 'Structure model' 1 2 2024-05-29 
# 
_pdbx_audit_revision_details.ordinal             1 
_pdbx_audit_revision_details.revision_ordinal    1 
_pdbx_audit_revision_details.data_content_type   'Structure model' 
_pdbx_audit_revision_details.provider            repository 
_pdbx_audit_revision_details.type                'Initial release' 
_pdbx_audit_revision_details.description         ? 
_pdbx_audit_revision_details.details             ? 
# 
loop_
_pdbx_audit_revision_group.ordinal 
_pdbx_audit_revision_group.revision_ordinal 
_pdbx_audit_revision_group.data_content_type 
_pdbx_audit_revision_group.group 
1 2 'Structure model' 'Database references' 
2 3 'Structure model' 'Data collection'     
# 
loop_
_pdbx_audit_revision_category.ordinal 
_pdbx_audit_revision_category.revision_ordinal 
_pdbx_audit_revision_category.data_content_type 
_pdbx_audit_revision_category.category 
1 2 'Structure model' citation        
2 2 'Structure model' citation_author 
3 3 'Structure model' chem_comp_atom  
4 3 'Structure model' chem_comp_bond  
# 
loop_
_pdbx_audit_revision_item.ordinal 
_pdbx_audit_revision_item.revision_ordinal 
_pdbx_audit_revision_item.data_content_type 
_pdbx_audit_revision_item.item 
1  2 'Structure model' '_citation.country'                 
2  2 'Structure model' '_citation.journal_abbrev'          
3  2 'Structure model' '_citation.journal_id_CSD'          
4  2 'Structure model' '_citation.journal_id_ISSN'         
5  2 'Structure model' '_citation.journal_volume'          
6  2 'Structure model' '_citation.page_first'              
7  2 'Structure model' '_citation.page_last'               
8  2 'Structure model' '_citation.pdbx_database_id_DOI'    
9  2 'Structure model' '_citation.pdbx_database_id_PubMed' 
10 2 'Structure model' '_citation.title'                   
11 2 'Structure model' '_citation.year'                    
# 
_pdbx_database_status.status_code                     REL 
_pdbx_database_status.status_code_sf                  REL 
_pdbx_database_status.status_code_mr                  ? 
_pdbx_database_status.entry_id                        7DTR 
_pdbx_database_status.recvd_initial_deposition_date   2021-01-06 
_pdbx_database_status.SG_entry                        N 
_pdbx_database_status.deposit_site                    PDBJ 
_pdbx_database_status.process_site                    PDBJ 
_pdbx_database_status.status_code_cs                  ? 
_pdbx_database_status.status_code_nmr_data            ? 
_pdbx_database_status.methods_development_category    ? 
_pdbx_database_status.pdb_format_compatible           Y 
# 
loop_
_audit_author.name 
_audit_author.pdbx_ordinal 
_audit_author.identifier_ORCID 
'Yue, F.'    1 ? 
'Peipei, Y.' 2 ? 
# 
_citation.abstract                  ? 
_citation.abstract_id_CAS           ? 
_citation.book_id_ISBN              ? 
_citation.book_publisher            ? 
_citation.book_publisher_city       ? 
_citation.book_title                ? 
_citation.coordinate_linkage        ? 
_citation.country                   UK 
_citation.database_id_Medline       ? 
_citation.details                   ? 
_citation.id                        primary 
_citation.journal_abbrev            'Nat Commun' 
_citation.journal_id_ASTM           ? 
_citation.journal_id_CSD            ? 
_citation.journal_id_ISSN           2041-1723 
_citation.journal_full              ? 
_citation.journal_issue             ? 
_citation.journal_volume            13 
_citation.language                  ? 
_citation.page_first                1931 
_citation.page_last                 1931 
_citation.title                     
'Insights into the inhibition of type I-F CRISPR-Cas system by a multifunctional anti-CRISPR protein AcrIF24.' 
_citation.year                      2022 
_citation.database_id_CSD           ? 
_citation.pdbx_database_id_DOI      10.1038/s41467-022-29581-1 
_citation.pdbx_database_id_PubMed   35411005 
_citation.unpublished_flag          ? 
# 
loop_
_citation_author.citation_id 
_citation_author.name 
_citation_author.ordinal 
_citation_author.identifier_ORCID 
primary 'Yang, L.'  1  0000-0002-0584-0178 
primary 'Zhang, L.' 2  0000-0001-9552-3848 
primary 'Yin, P.'   3  ?                   
primary 'Ding, H.'  4  ?                   
primary 'Xiao, Y.'  5  ?                   
primary 'Zeng, J.'  6  0000-0002-6880-3366 
primary 'Wang, W.'  7  ?                   
primary 'Zhou, H.'  8  ?                   
primary 'Wang, Q.'  9  ?                   
primary 'Zhang, Y.' 10 0000-0002-8702-6005 
primary 'Chen, Z.'  11 ?                   
primary 'Yang, M.'  12 ?                   
primary 'Feng, Y.'  13 0000-0002-1576-1385 
# 
loop_
_entity.id 
_entity.type 
_entity.src_method 
_entity.pdbx_description 
_entity.formula_weight 
_entity.pdbx_number_of_molecules 
_entity.pdbx_ec 
_entity.pdbx_mutation 
_entity.pdbx_fragment 
_entity.details 
1 polymer man AcrIF24 18587.834 1   ? ? ? ? 
2 water   nat water   18.015    149 ? ? ? ? 
# 
_entity_poly.entity_id                      1 
_entity_poly.type                           'polypeptide(L)' 
_entity_poly.nstd_linkage                   no 
_entity_poly.nstd_monomer                   no 
_entity_poly.pdbx_seq_one_letter_code       
;MNAIHIGPFSITPAARGLHYGGLPHHQWTLYYGPREMAIKTLPDSYTSSEVRDEFSDIIAEFVIDARHRYAPGSGSSGSA
PPLAWITGLLPGEVLTHDAEEWRPPTSWELRHVVGEGSFTGVSGAAAAALLGMSATNFRKYTAGDSAANRQKISFAAWHY
LLDRLGVKRAS
;
_entity_poly.pdbx_seq_one_letter_code_can   
;MNAIHIGPFSITPAARGLHYGGLPHHQWTLYYGPREMAIKTLPDSYTSSEVRDEFSDIIAEFVIDARHRYAPGSGSSGSA
PPLAWITGLLPGEVLTHDAEEWRPPTSWELRHVVGEGSFTGVSGAAAAALLGMSATNFRKYTAGDSAANRQKISFAAWHY
LLDRLGVKRAS
;
_entity_poly.pdbx_strand_id                 A 
_entity_poly.pdbx_target_identifier         ? 
# 
_pdbx_entity_nonpoly.entity_id   2 
_pdbx_entity_nonpoly.name        water 
_pdbx_entity_nonpoly.comp_id     HOH 
# 
loop_
_entity_poly_seq.entity_id 
_entity_poly_seq.num 
_entity_poly_seq.mon_id 
_entity_poly_seq.hetero 
1 1   MET n 
1 2   ASN n 
1 3   ALA n 
1 4   ILE n 
1 5   HIS n 
1 6   ILE n 
1 7   GLY n 
1 8   PRO n 
1 9   PHE n 
1 10  SER n 
1 11  ILE n 
1 12  THR n 
1 13  PRO n 
1 14  ALA n 
1 15  ALA n 
1 16  ARG n 
1 17  GLY n 
1 18  LEU n 
1 19  HIS n 
1 20  TYR n 
1 21  GLY n 
1 22  GLY n 
1 23  LEU n 
1 24  PRO n 
1 25  HIS n 
1 26  HIS n 
1 27  GLN n 
1 28  TRP n 
1 29  THR n 
1 30  LEU n 
1 31  TYR n 
1 32  TYR n 
1 33  GLY n 
1 34  PRO n 
1 35  ARG n 
1 36  GLU n 
1 37  MET n 
1 38  ALA n 
1 39  ILE n 
1 40  LYS n 
1 41  THR n 
1 42  LEU n 
1 43  PRO n 
1 44  ASP n 
1 45  SER n 
1 46  TYR n 
1 47  THR n 
1 48  SER n 
1 49  SER n 
1 50  GLU n 
1 51  VAL n 
1 52  ARG n 
1 53  ASP n 
1 54  GLU n 
1 55  PHE n 
1 56  SER n 
1 57  ASP n 
1 58  ILE n 
1 59  ILE n 
1 60  ALA n 
1 61  GLU n 
1 62  PHE n 
1 63  VAL n 
1 64  ILE n 
1 65  ASP n 
1 66  ALA n 
1 67  ARG n 
1 68  HIS n 
1 69  ARG n 
1 70  TYR n 
1 71  ALA n 
1 72  PRO n 
1 73  GLY n 
1 74  SER n 
1 75  GLY n 
1 76  SER n 
1 77  SER n 
1 78  GLY n 
1 79  SER n 
1 80  ALA n 
1 81  PRO n 
1 82  PRO n 
1 83  LEU n 
1 84  ALA n 
1 85  TRP n 
1 86  ILE n 
1 87  THR n 
1 88  GLY n 
1 89  LEU n 
1 90  LEU n 
1 91  PRO n 
1 92  GLY n 
1 93  GLU n 
1 94  VAL n 
1 95  LEU n 
1 96  THR n 
1 97  HIS n 
1 98  ASP n 
1 99  ALA n 
1 100 GLU n 
1 101 GLU n 
1 102 TRP n 
1 103 ARG n 
1 104 PRO n 
1 105 PRO n 
1 106 THR n 
1 107 SER n 
1 108 TRP n 
1 109 GLU n 
1 110 LEU n 
1 111 ARG n 
1 112 HIS n 
1 113 VAL n 
1 114 VAL n 
1 115 GLY n 
1 116 GLU n 
1 117 GLY n 
1 118 SER n 
1 119 PHE n 
1 120 THR n 
1 121 GLY n 
1 122 VAL n 
1 123 SER n 
1 124 GLY n 
1 125 ALA n 
1 126 ALA n 
1 127 ALA n 
1 128 ALA n 
1 129 ALA n 
1 130 LEU n 
1 131 LEU n 
1 132 GLY n 
1 133 MET n 
1 134 SER n 
1 135 ALA n 
1 136 THR n 
1 137 ASN n 
1 138 PHE n 
1 139 ARG n 
1 140 LYS n 
1 141 TYR n 
1 142 THR n 
1 143 ALA n 
1 144 GLY n 
1 145 ASP n 
1 146 SER n 
1 147 ALA n 
1 148 ALA n 
1 149 ASN n 
1 150 ARG n 
1 151 GLN n 
1 152 LYS n 
1 153 ILE n 
1 154 SER n 
1 155 PHE n 
1 156 ALA n 
1 157 ALA n 
1 158 TRP n 
1 159 HIS n 
1 160 TYR n 
1 161 LEU n 
1 162 LEU n 
1 163 ASP n 
1 164 ARG n 
1 165 LEU n 
1 166 GLY n 
1 167 VAL n 
1 168 LYS n 
1 169 ARG n 
1 170 ALA n 
1 171 SER n 
# 
_entity_src_gen.entity_id                          1 
_entity_src_gen.pdbx_src_id                        1 
_entity_src_gen.pdbx_alt_source_flag               sample 
_entity_src_gen.pdbx_seq_type                      'Biological sequence' 
_entity_src_gen.pdbx_beg_seq_num                   1 
_entity_src_gen.pdbx_end_seq_num                   171 
_entity_src_gen.gene_src_common_name               ? 
_entity_src_gen.gene_src_genus                     ? 
_entity_src_gen.pdbx_gene_src_gene                 ? 
_entity_src_gen.gene_src_species                   ? 
_entity_src_gen.gene_src_strain                    ? 
_entity_src_gen.gene_src_tissue                    ? 
_entity_src_gen.gene_src_tissue_fraction           ? 
_entity_src_gen.gene_src_details                   ? 
_entity_src_gen.pdbx_gene_src_fragment             ? 
_entity_src_gen.pdbx_gene_src_scientific_name      'Pseudomonas aeruginosa' 
_entity_src_gen.pdbx_gene_src_ncbi_taxonomy_id     287 
_entity_src_gen.pdbx_gene_src_variant              ? 
_entity_src_gen.pdbx_gene_src_cell_line            ? 
_entity_src_gen.pdbx_gene_src_atcc                 ? 
_entity_src_gen.pdbx_gene_src_organ                ? 
_entity_src_gen.pdbx_gene_src_organelle            ? 
_entity_src_gen.pdbx_gene_src_cell                 ? 
_entity_src_gen.pdbx_gene_src_cellular_location    ? 
_entity_src_gen.host_org_common_name               ? 
_entity_src_gen.pdbx_host_org_scientific_name      'Escherichia coli' 
_entity_src_gen.pdbx_host_org_ncbi_taxonomy_id     562 
_entity_src_gen.host_org_genus                     ? 
_entity_src_gen.pdbx_host_org_gene                 ? 
_entity_src_gen.pdbx_host_org_organ                ? 
_entity_src_gen.host_org_species                   ? 
_entity_src_gen.pdbx_host_org_tissue               ? 
_entity_src_gen.pdbx_host_org_tissue_fraction      ? 
_entity_src_gen.pdbx_host_org_strain               ? 
_entity_src_gen.pdbx_host_org_variant              ? 
_entity_src_gen.pdbx_host_org_cell_line            ? 
_entity_src_gen.pdbx_host_org_atcc                 ? 
_entity_src_gen.pdbx_host_org_culture_collection   ? 
_entity_src_gen.pdbx_host_org_cell                 ? 
_entity_src_gen.pdbx_host_org_organelle            ? 
_entity_src_gen.pdbx_host_org_cellular_location    ? 
_entity_src_gen.pdbx_host_org_vector_type          ? 
_entity_src_gen.pdbx_host_org_vector               ? 
_entity_src_gen.host_org_details                   ? 
_entity_src_gen.expression_system_id               ? 
_entity_src_gen.plasmid_name                       ? 
_entity_src_gen.plasmid_details                    ? 
_entity_src_gen.pdbx_description                   ? 
# 
loop_
_chem_comp.id 
_chem_comp.type 
_chem_comp.mon_nstd_flag 
_chem_comp.name 
_chem_comp.pdbx_synonyms 
_chem_comp.formula 
_chem_comp.formula_weight 
ALA 'L-peptide linking' y ALANINE         ? 'C3 H7 N O2'     89.093  
ARG 'L-peptide linking' y ARGININE        ? 'C6 H15 N4 O2 1' 175.209 
ASN 'L-peptide linking' y ASPARAGINE      ? 'C4 H8 N2 O3'    132.118 
ASP 'L-peptide linking' y 'ASPARTIC ACID' ? 'C4 H7 N O4'     133.103 
GLN 'L-peptide linking' y GLUTAMINE       ? 'C5 H10 N2 O3'   146.144 
GLU 'L-peptide linking' y 'GLUTAMIC ACID' ? 'C5 H9 N O4'     147.129 
GLY 'peptide linking'   y GLYCINE         ? 'C2 H5 N O2'     75.067  
HIS 'L-peptide linking' y HISTIDINE       ? 'C6 H10 N3 O2 1' 156.162 
HOH non-polymer         . WATER           ? 'H2 O'           18.015  
ILE 'L-peptide linking' y ISOLEUCINE      ? 'C6 H13 N O2'    131.173 
LEU 'L-peptide linking' y LEUCINE         ? 'C6 H13 N O2'    131.173 
LYS 'L-peptide linking' y LYSINE          ? 'C6 H15 N2 O2 1' 147.195 
MET 'L-peptide linking' y METHIONINE      ? 'C5 H11 N O2 S'  149.211 
PHE 'L-peptide linking' y PHENYLALANINE   ? 'C9 H11 N O2'    165.189 
PRO 'L-peptide linking' y PROLINE         ? 'C5 H9 N O2'     115.130 
SER 'L-peptide linking' y SERINE          ? 'C3 H7 N O3'     105.093 
THR 'L-peptide linking' y THREONINE       ? 'C4 H9 N O3'     119.119 
TRP 'L-peptide linking' y TRYPTOPHAN      ? 'C11 H12 N2 O2'  204.225 
TYR 'L-peptide linking' y TYROSINE        ? 'C9 H11 N O3'    181.189 
VAL 'L-peptide linking' y VALINE          ? 'C5 H11 N O2'    117.146 
# 
loop_
_pdbx_poly_seq_scheme.asym_id 
_pdbx_poly_seq_scheme.entity_id 
_pdbx_poly_seq_scheme.seq_id 
_pdbx_poly_seq_scheme.mon_id 
_pdbx_poly_seq_scheme.ndb_seq_num 
_pdbx_poly_seq_scheme.pdb_seq_num 
_pdbx_poly_seq_scheme.auth_seq_num 
_pdbx_poly_seq_scheme.pdb_mon_id 
_pdbx_poly_seq_scheme.auth_mon_id 
_pdbx_poly_seq_scheme.pdb_strand_id 
_pdbx_poly_seq_scheme.pdb_ins_code 
_pdbx_poly_seq_scheme.hetero 
A 1 1   MET 1   1   1   MET MET A . n 
A 1 2   ASN 2   2   2   ASN ASN A . n 
A 1 3   ALA 3   3   3   ALA ALA A . n 
A 1 4   ILE 4   4   4   ILE ILE A . n 
A 1 5   HIS 5   5   5   HIS HIS A . n 
A 1 6   ILE 6   6   6   ILE ILE A . n 
A 1 7   GLY 7   7   7   GLY GLY A . n 
A 1 8   PRO 8   8   8   PRO PRO A . n 
A 1 9   PHE 9   9   9   PHE PHE A . n 
A 1 10  SER 10  10  10  SER SER A . n 
A 1 11  ILE 11  11  11  ILE ILE A . n 
A 1 12  THR 12  12  12  THR THR A . n 
A 1 13  PRO 13  13  13  PRO PRO A . n 
A 1 14  ALA 14  14  14  ALA ALA A . n 
A 1 15  ALA 15  15  15  ALA ALA A . n 
A 1 16  ARG 16  16  16  ARG ARG A . n 
A 1 17  GLY 17  17  17  GLY GLY A . n 
A 1 18  LEU 18  18  18  LEU LEU A . n 
A 1 19  HIS 19  19  19  HIS HIS A . n 
A 1 20  TYR 20  20  20  TYR TYR A . n 
A 1 21  GLY 21  21  21  GLY GLY A . n 
A 1 22  GLY 22  22  22  GLY GLY A . n 
A 1 23  LEU 23  23  23  LEU LEU A . n 
A 1 24  PRO 24  24  24  PRO PRO A . n 
A 1 25  HIS 25  25  25  HIS HIS A . n 
A 1 26  HIS 26  26  26  HIS HIS A . n 
A 1 27  GLN 27  27  27  GLN GLN A . n 
A 1 28  TRP 28  28  28  TRP TRP A . n 
A 1 29  THR 29  29  29  THR THR A . n 
A 1 30  LEU 30  30  30  LEU LEU A . n 
A 1 31  TYR 31  31  31  TYR TYR A . n 
A 1 32  TYR 32  32  32  TYR TYR A . n 
A 1 33  GLY 33  33  33  GLY GLY A . n 
A 1 34  PRO 34  34  34  PRO PRO A . n 
A 1 35  ARG 35  35  35  ARG ARG A . n 
A 1 36  GLU 36  36  36  GLU GLU A . n 
A 1 37  MET 37  37  37  MET MET A . n 
A 1 38  ALA 38  38  38  ALA ALA A . n 
A 1 39  ILE 39  39  39  ILE ILE A . n 
A 1 40  LYS 40  40  40  LYS LYS A . n 
A 1 41  THR 41  41  41  THR THR A . n 
A 1 42  LEU 42  42  42  LEU LEU A . n 
A 1 43  PRO 43  43  43  PRO PRO A . n 
A 1 44  ASP 44  44  44  ASP ASP A . n 
A 1 45  SER 45  45  45  SER SER A . n 
A 1 46  TYR 46  46  46  TYR TYR A . n 
A 1 47  THR 47  47  47  THR THR A . n 
A 1 48  SER 48  48  48  SER SER A . n 
A 1 49  SER 49  49  49  SER SER A . n 
A 1 50  GLU 50  50  50  GLU GLU A . n 
A 1 51  VAL 51  51  51  VAL VAL A . n 
A 1 52  ARG 52  52  52  ARG ARG A . n 
A 1 53  ASP 53  53  53  ASP ASP A . n 
A 1 54  GLU 54  54  54  GLU GLU A . n 
A 1 55  PHE 55  55  55  PHE PHE A . n 
A 1 56  SER 56  56  56  SER SER A . n 
A 1 57  ASP 57  57  57  ASP ASP A . n 
A 1 58  ILE 58  58  58  ILE ILE A . n 
A 1 59  ILE 59  59  59  ILE ILE A . n 
A 1 60  ALA 60  60  60  ALA ALA A . n 
A 1 61  GLU 61  61  61  GLU GLU A . n 
A 1 62  PHE 62  62  62  PHE PHE A . n 
A 1 63  VAL 63  63  63  VAL VAL A . n 
A 1 64  ILE 64  64  64  ILE ILE A . n 
A 1 65  ASP 65  65  65  ASP ASP A . n 
A 1 66  ALA 66  66  66  ALA ALA A . n 
A 1 67  ARG 67  67  67  ARG ARG A . n 
A 1 68  HIS 68  68  68  HIS HIS A . n 
A 1 69  ARG 69  69  69  ARG ARG A . n 
A 1 70  TYR 70  70  70  TYR TYR A . n 
A 1 71  ALA 71  71  71  ALA ALA A . n 
A 1 72  PRO 72  129 ?   ?   ?   A . n 
A 1 73  GLY 73  130 ?   ?   ?   A . n 
A 1 74  SER 74  131 ?   ?   ?   A . n 
A 1 75  GLY 75  132 ?   ?   ?   A . n 
A 1 76  SER 76  133 ?   ?   ?   A . n 
A 1 77  SER 77  134 ?   ?   ?   A . n 
A 1 78  GLY 78  135 ?   ?   ?   A . n 
A 1 79  SER 79  136 ?   ?   ?   A . n 
A 1 80  ALA 80  137 137 ALA ALA A . n 
A 1 81  PRO 81  138 138 PRO PRO A . n 
A 1 82  PRO 82  139 139 PRO PRO A . n 
A 1 83  LEU 83  140 140 LEU LEU A . n 
A 1 84  ALA 84  141 141 ALA ALA A . n 
A 1 85  TRP 85  142 142 TRP TRP A . n 
A 1 86  ILE 86  143 143 ILE ILE A . n 
A 1 87  THR 87  144 144 THR THR A . n 
A 1 88  GLY 88  145 145 GLY GLY A . n 
A 1 89  LEU 89  146 146 LEU LEU A . n 
A 1 90  LEU 90  147 147 LEU LEU A . n 
A 1 91  PRO 91  148 148 PRO PRO A . n 
A 1 92  GLY 92  149 149 GLY GLY A . n 
A 1 93  GLU 93  150 150 GLU GLU A . n 
A 1 94  VAL 94  151 151 VAL VAL A . n 
A 1 95  LEU 95  152 152 LEU LEU A . n 
A 1 96  THR 96  153 153 THR THR A . n 
A 1 97  HIS 97  154 154 HIS HIS A . n 
A 1 98  ASP 98  155 155 ASP ASP A . n 
A 1 99  ALA 99  156 156 ALA ALA A . n 
A 1 100 GLU 100 157 157 GLU GLU A . n 
A 1 101 GLU 101 158 158 GLU GLU A . n 
A 1 102 TRP 102 159 159 TRP TRP A . n 
A 1 103 ARG 103 160 160 ARG ARG A . n 
A 1 104 PRO 104 161 161 PRO PRO A . n 
A 1 105 PRO 105 162 162 PRO PRO A . n 
A 1 106 THR 106 163 163 THR THR A . n 
A 1 107 SER 107 164 164 SER SER A . n 
A 1 108 TRP 108 165 165 TRP TRP A . n 
A 1 109 GLU 109 166 166 GLU GLU A . n 
A 1 110 LEU 110 167 167 LEU LEU A . n 
A 1 111 ARG 111 168 168 ARG ARG A . n 
A 1 112 HIS 112 169 169 HIS HIS A . n 
A 1 113 VAL 113 170 170 VAL VAL A . n 
A 1 114 VAL 114 171 171 VAL VAL A . n 
A 1 115 GLY 115 172 172 GLY GLY A . n 
A 1 116 GLU 116 173 173 GLU GLU A . n 
A 1 117 GLY 117 174 174 GLY GLY A . n 
A 1 118 SER 118 175 175 SER SER A . n 
A 1 119 PHE 119 176 176 PHE PHE A . n 
A 1 120 THR 120 177 177 THR THR A . n 
A 1 121 GLY 121 178 178 GLY GLY A . n 
A 1 122 VAL 122 179 179 VAL VAL A . n 
A 1 123 SER 123 180 180 SER SER A . n 
A 1 124 GLY 124 181 181 GLY GLY A . n 
A 1 125 ALA 125 182 182 ALA ALA A . n 
A 1 126 ALA 126 183 183 ALA ALA A . n 
A 1 127 ALA 127 184 184 ALA ALA A . n 
A 1 128 ALA 128 185 185 ALA ALA A . n 
A 1 129 ALA 129 186 186 ALA ALA A . n 
A 1 130 LEU 130 187 187 LEU LEU A . n 
A 1 131 LEU 131 188 188 LEU LEU A . n 
A 1 132 GLY 132 189 189 GLY GLY A . n 
A 1 133 MET 133 190 190 MET MET A . n 
A 1 134 SER 134 191 191 SER SER A . n 
A 1 135 ALA 135 192 192 ALA ALA A . n 
A 1 136 THR 136 193 193 THR THR A . n 
A 1 137 ASN 137 194 194 ASN ASN A . n 
A 1 138 PHE 138 195 195 PHE PHE A . n 
A 1 139 ARG 139 196 196 ARG ARG A . n 
A 1 140 LYS 140 197 197 LYS LYS A . n 
A 1 141 TYR 141 198 198 TYR TYR A . n 
A 1 142 THR 142 199 199 THR THR A . n 
A 1 143 ALA 143 200 200 ALA ALA A . n 
A 1 144 GLY 144 201 201 GLY GLY A . n 
A 1 145 ASP 145 202 202 ASP ASP A . n 
A 1 146 SER 146 203 203 SER SER A . n 
A 1 147 ALA 147 204 204 ALA ALA A . n 
A 1 148 ALA 148 205 205 ALA ALA A . n 
A 1 149 ASN 149 206 206 ASN ASN A . n 
A 1 150 ARG 150 207 207 ARG ARG A . n 
A 1 151 GLN 151 208 208 GLN GLN A . n 
A 1 152 LYS 152 209 209 LYS LYS A . n 
A 1 153 ILE 153 210 210 ILE ILE A . n 
A 1 154 SER 154 211 211 SER SER A . n 
A 1 155 PHE 155 212 212 PHE PHE A . n 
A 1 156 ALA 156 213 213 ALA ALA A . n 
A 1 157 ALA 157 214 214 ALA ALA A . n 
A 1 158 TRP 158 215 215 TRP TRP A . n 
A 1 159 HIS 159 216 216 HIS HIS A . n 
A 1 160 TYR 160 217 217 TYR TYR A . n 
A 1 161 LEU 161 218 218 LEU LEU A . n 
A 1 162 LEU 162 219 219 LEU LEU A . n 
A 1 163 ASP 163 220 220 ASP ASP A . n 
A 1 164 ARG 164 221 221 ARG ARG A . n 
A 1 165 LEU 165 222 222 LEU LEU A . n 
A 1 166 GLY 166 223 223 GLY GLY A . n 
A 1 167 VAL 167 224 224 VAL VAL A . n 
A 1 168 LYS 168 225 225 LYS LYS A . n 
A 1 169 ARG 169 226 226 ARG ARG A . n 
A 1 170 ALA 170 227 227 ALA ALA A . n 
A 1 171 SER 171 228 228 SER SER A . n 
# 
loop_
_pdbx_nonpoly_scheme.asym_id 
_pdbx_nonpoly_scheme.entity_id 
_pdbx_nonpoly_scheme.mon_id 
_pdbx_nonpoly_scheme.ndb_seq_num 
_pdbx_nonpoly_scheme.pdb_seq_num 
_pdbx_nonpoly_scheme.auth_seq_num 
_pdbx_nonpoly_scheme.pdb_mon_id 
_pdbx_nonpoly_scheme.auth_mon_id 
_pdbx_nonpoly_scheme.pdb_strand_id 
_pdbx_nonpoly_scheme.pdb_ins_code 
B 2 HOH 1   301 116 HOH HOH A . 
B 2 HOH 2   302 63  HOH HOH A . 
B 2 HOH 3   303 66  HOH HOH A . 
B 2 HOH 4   304 150 HOH HOH A . 
B 2 HOH 5   305 68  HOH HOH A . 
B 2 HOH 6   306 127 HOH HOH A . 
B 2 HOH 7   307 38  HOH HOH A . 
B 2 HOH 8   308 27  HOH HOH A . 
B 2 HOH 9   309 112 HOH HOH A . 
B 2 HOH 10  310 131 HOH HOH A . 
B 2 HOH 11  311 3   HOH HOH A . 
B 2 HOH 12  312 87  HOH HOH A . 
B 2 HOH 13  313 141 HOH HOH A . 
B 2 HOH 14  314 8   HOH HOH A . 
B 2 HOH 15  315 85  HOH HOH A . 
B 2 HOH 16  316 2   HOH HOH A . 
B 2 HOH 17  317 77  HOH HOH A . 
B 2 HOH 18  318 73  HOH HOH A . 
B 2 HOH 19  319 91  HOH HOH A . 
B 2 HOH 20  320 69  HOH HOH A . 
B 2 HOH 21  321 1   HOH HOH A . 
B 2 HOH 22  322 137 HOH HOH A . 
B 2 HOH 23  323 121 HOH HOH A . 
B 2 HOH 24  324 72  HOH HOH A . 
B 2 HOH 25  325 37  HOH HOH A . 
B 2 HOH 26  326 51  HOH HOH A . 
B 2 HOH 27  327 41  HOH HOH A . 
B 2 HOH 28  328 33  HOH HOH A . 
B 2 HOH 29  329 39  HOH HOH A . 
B 2 HOH 30  330 28  HOH HOH A . 
B 2 HOH 31  331 26  HOH HOH A . 
B 2 HOH 32  332 49  HOH HOH A . 
B 2 HOH 33  333 82  HOH HOH A . 
B 2 HOH 34  334 4   HOH HOH A . 
B 2 HOH 35  335 56  HOH HOH A . 
B 2 HOH 36  336 16  HOH HOH A . 
B 2 HOH 37  337 123 HOH HOH A . 
B 2 HOH 38  338 34  HOH HOH A . 
B 2 HOH 39  339 118 HOH HOH A . 
B 2 HOH 40  340 78  HOH HOH A . 
B 2 HOH 41  341 46  HOH HOH A . 
B 2 HOH 42  342 30  HOH HOH A . 
B 2 HOH 43  343 53  HOH HOH A . 
B 2 HOH 44  344 57  HOH HOH A . 
B 2 HOH 45  345 105 HOH HOH A . 
B 2 HOH 46  346 42  HOH HOH A . 
B 2 HOH 47  347 103 HOH HOH A . 
B 2 HOH 48  348 81  HOH HOH A . 
B 2 HOH 49  349 54  HOH HOH A . 
B 2 HOH 50  350 10  HOH HOH A . 
B 2 HOH 51  351 106 HOH HOH A . 
B 2 HOH 52  352 14  HOH HOH A . 
B 2 HOH 53  353 125 HOH HOH A . 
B 2 HOH 54  354 144 HOH HOH A . 
B 2 HOH 55  355 7   HOH HOH A . 
B 2 HOH 56  356 55  HOH HOH A . 
B 2 HOH 57  357 22  HOH HOH A . 
B 2 HOH 58  358 23  HOH HOH A . 
B 2 HOH 59  359 35  HOH HOH A . 
B 2 HOH 60  360 9   HOH HOH A . 
B 2 HOH 61  361 117 HOH HOH A . 
B 2 HOH 62  362 147 HOH HOH A . 
B 2 HOH 63  363 129 HOH HOH A . 
B 2 HOH 64  364 109 HOH HOH A . 
B 2 HOH 65  365 115 HOH HOH A . 
B 2 HOH 66  366 43  HOH HOH A . 
B 2 HOH 67  367 128 HOH HOH A . 
B 2 HOH 68  368 18  HOH HOH A . 
B 2 HOH 69  369 75  HOH HOH A . 
B 2 HOH 70  370 11  HOH HOH A . 
B 2 HOH 71  371 5   HOH HOH A . 
B 2 HOH 72  372 36  HOH HOH A . 
B 2 HOH 73  373 15  HOH HOH A . 
B 2 HOH 74  374 13  HOH HOH A . 
B 2 HOH 75  375 74  HOH HOH A . 
B 2 HOH 76  376 61  HOH HOH A . 
B 2 HOH 77  377 29  HOH HOH A . 
B 2 HOH 78  378 52  HOH HOH A . 
B 2 HOH 79  379 145 HOH HOH A . 
B 2 HOH 80  380 122 HOH HOH A . 
B 2 HOH 81  381 142 HOH HOH A . 
B 2 HOH 82  382 19  HOH HOH A . 
B 2 HOH 83  383 64  HOH HOH A . 
B 2 HOH 84  384 25  HOH HOH A . 
B 2 HOH 85  385 44  HOH HOH A . 
B 2 HOH 86  386 24  HOH HOH A . 
B 2 HOH 87  387 146 HOH HOH A . 
B 2 HOH 88  388 47  HOH HOH A . 
B 2 HOH 89  389 20  HOH HOH A . 
B 2 HOH 90  390 124 HOH HOH A . 
B 2 HOH 91  391 139 HOH HOH A . 
B 2 HOH 92  392 17  HOH HOH A . 
B 2 HOH 93  393 60  HOH HOH A . 
B 2 HOH 94  394 31  HOH HOH A . 
B 2 HOH 95  395 98  HOH HOH A . 
B 2 HOH 96  396 40  HOH HOH A . 
B 2 HOH 97  397 107 HOH HOH A . 
B 2 HOH 98  398 101 HOH HOH A . 
B 2 HOH 99  399 149 HOH HOH A . 
B 2 HOH 100 401 88  HOH HOH A . 
B 2 HOH 101 402 113 HOH HOH A . 
B 2 HOH 102 403 59  HOH HOH A . 
B 2 HOH 103 404 155 HOH HOH A . 
B 2 HOH 104 405 70  HOH HOH A . 
B 2 HOH 105 406 90  HOH HOH A . 
B 2 HOH 106 407 143 HOH HOH A . 
B 2 HOH 107 408 136 HOH HOH A . 
B 2 HOH 108 409 126 HOH HOH A . 
B 2 HOH 109 410 152 HOH HOH A . 
B 2 HOH 110 411 102 HOH HOH A . 
B 2 HOH 111 412 65  HOH HOH A . 
B 2 HOH 112 413 154 HOH HOH A . 
B 2 HOH 113 414 86  HOH HOH A . 
B 2 HOH 114 415 119 HOH HOH A . 
B 2 HOH 115 416 71  HOH HOH A . 
B 2 HOH 116 417 100 HOH HOH A . 
B 2 HOH 117 418 130 HOH HOH A . 
B 2 HOH 118 419 94  HOH HOH A . 
B 2 HOH 119 420 153 HOH HOH A . 
B 2 HOH 120 421 50  HOH HOH A . 
B 2 HOH 121 422 99  HOH HOH A . 
B 2 HOH 122 423 45  HOH HOH A . 
B 2 HOH 123 424 97  HOH HOH A . 
B 2 HOH 124 425 76  HOH HOH A . 
B 2 HOH 125 426 96  HOH HOH A . 
B 2 HOH 126 427 140 HOH HOH A . 
B 2 HOH 127 428 93  HOH HOH A . 
B 2 HOH 128 429 138 HOH HOH A . 
B 2 HOH 129 430 108 HOH HOH A . 
B 2 HOH 130 431 148 HOH HOH A . 
B 2 HOH 131 432 80  HOH HOH A . 
B 2 HOH 132 433 79  HOH HOH A . 
B 2 HOH 133 434 83  HOH HOH A . 
B 2 HOH 134 435 133 HOH HOH A . 
B 2 HOH 135 436 95  HOH HOH A . 
B 2 HOH 136 437 32  HOH HOH A . 
B 2 HOH 137 438 111 HOH HOH A . 
B 2 HOH 138 439 89  HOH HOH A . 
B 2 HOH 139 440 48  HOH HOH A . 
B 2 HOH 140 441 12  HOH HOH A . 
B 2 HOH 141 442 120 HOH HOH A . 
B 2 HOH 142 443 67  HOH HOH A . 
B 2 HOH 143 444 58  HOH HOH A . 
B 2 HOH 144 445 21  HOH HOH A . 
B 2 HOH 145 446 110 HOH HOH A . 
B 2 HOH 146 447 151 HOH HOH A . 
B 2 HOH 147 448 92  HOH HOH A . 
B 2 HOH 148 449 135 HOH HOH A . 
B 2 HOH 149 450 114 HOH HOH A . 
# 
loop_
_software.citation_id 
_software.classification 
_software.compiler_name 
_software.compiler_version 
_software.contact_author 
_software.contact_author_email 
_software.date 
_software.description 
_software.dependencies 
_software.hardware 
_software.language 
_software.location 
_software.mods 
_software.name 
_software.os 
_software.os_version 
_software.type 
_software.version 
_software.pdbx_ordinal 
? refinement        ? ? ? ? ? ? ? ? ? ? ? PHENIX      ? ? ? 1.17.1_3660 1 
? 'data scaling'    ? ? ? ? ? ? ? ? ? ? ? SCALEPACK   ? ? ? .           2 
? 'data extraction' ? ? ? ? ? ? ? ? ? ? ? PDB_EXTRACT ? ? ? 3.27        3 
? 'data reduction'  ? ? ? ? ? ? ? ? ? ? ? HKL-2000    ? ? ? .           4 
? phasing           ? ? ? ? ? ? ? ? ? ? ? PHASER      ? ? ? .           5 
# 
_cell.angle_alpha                  90.000 
_cell.angle_alpha_esd              ? 
_cell.angle_beta                   90.000 
_cell.angle_beta_esd               ? 
_cell.angle_gamma                  120.000 
_cell.angle_gamma_esd              ? 
_cell.entry_id                     7DTR 
_cell.details                      ? 
_cell.formula_units_Z              ? 
_cell.length_a                     77.689 
_cell.length_a_esd                 ? 
_cell.length_b                     77.689 
_cell.length_b_esd                 ? 
_cell.length_c                     145.121 
_cell.length_c_esd                 ? 
_cell.volume                       ? 
_cell.volume_esd                   ? 
_cell.Z_PDB                        12 
_cell.reciprocal_angle_alpha       ? 
_cell.reciprocal_angle_beta        ? 
_cell.reciprocal_angle_gamma       ? 
_cell.reciprocal_angle_alpha_esd   ? 
_cell.reciprocal_angle_beta_esd    ? 
_cell.reciprocal_angle_gamma_esd   ? 
_cell.reciprocal_length_a          ? 
_cell.reciprocal_length_b          ? 
_cell.reciprocal_length_c          ? 
_cell.reciprocal_length_a_esd      ? 
_cell.reciprocal_length_b_esd      ? 
_cell.reciprocal_length_c_esd      ? 
_cell.pdbx_unique_axis             ? 
# 
_symmetry.entry_id                         7DTR 
_symmetry.cell_setting                     ? 
_symmetry.Int_Tables_number                178 
_symmetry.space_group_name_Hall            ? 
_symmetry.space_group_name_H-M             'P 61 2 2' 
_symmetry.pdbx_full_space_group_name_H-M   ? 
# 
_exptl.absorpt_coefficient_mu     ? 
_exptl.absorpt_correction_T_max   ? 
_exptl.absorpt_correction_T_min   ? 
_exptl.absorpt_correction_type    ? 
_exptl.absorpt_process_details    ? 
_exptl.entry_id                   7DTR 
_exptl.crystals_number            1 
_exptl.details                    ? 
_exptl.method                     'X-RAY DIFFRACTION' 
_exptl.method_details             ? 
# 
_exptl_crystal.colour                      ? 
_exptl_crystal.density_diffrn              ? 
_exptl_crystal.density_Matthews            3.51 
_exptl_crystal.density_method              ? 
_exptl_crystal.density_percent_sol         64.94 
_exptl_crystal.description                 ? 
_exptl_crystal.F_000                       ? 
_exptl_crystal.id                          1 
_exptl_crystal.preparation                 ? 
_exptl_crystal.size_max                    ? 
_exptl_crystal.size_mid                    ? 
_exptl_crystal.size_min                    ? 
_exptl_crystal.size_rad                    ? 
_exptl_crystal.colour_lustre               ? 
_exptl_crystal.colour_modifier             ? 
_exptl_crystal.colour_primary              ? 
_exptl_crystal.density_meas                ? 
_exptl_crystal.density_meas_esd            ? 
_exptl_crystal.density_meas_gt             ? 
_exptl_crystal.density_meas_lt             ? 
_exptl_crystal.density_meas_temp           ? 
_exptl_crystal.density_meas_temp_esd       ? 
_exptl_crystal.density_meas_temp_gt        ? 
_exptl_crystal.density_meas_temp_lt        ? 
_exptl_crystal.pdbx_crystal_image_url      ? 
_exptl_crystal.pdbx_crystal_image_format   ? 
_exptl_crystal.pdbx_mosaicity              ? 
_exptl_crystal.pdbx_mosaicity_esd          ? 
# 
_exptl_crystal_grow.apparatus       ? 
_exptl_crystal_grow.atmosphere      ? 
_exptl_crystal_grow.crystal_id      1 
_exptl_crystal_grow.details         ? 
_exptl_crystal_grow.method          'VAPOR DIFFUSION' 
_exptl_crystal_grow.method_ref      ? 
_exptl_crystal_grow.pH              ? 
_exptl_crystal_grow.pressure        ? 
_exptl_crystal_grow.pressure_esd    ? 
_exptl_crystal_grow.seeding         ? 
_exptl_crystal_grow.seeding_ref     ? 
_exptl_crystal_grow.temp            292 
_exptl_crystal_grow.temp_details    ? 
_exptl_crystal_grow.temp_esd        ? 
_exptl_crystal_grow.time            ? 
_exptl_crystal_grow.pdbx_details    '2-propanol, imidazole pH 7.6' 
_exptl_crystal_grow.pdbx_pH_range   ? 
# 
_diffrn.ambient_environment              ? 
_diffrn.ambient_temp                     100 
_diffrn.ambient_temp_details             ? 
_diffrn.ambient_temp_esd                 ? 
_diffrn.crystal_id                       1 
_diffrn.crystal_support                  ? 
_diffrn.crystal_treatment                ? 
_diffrn.details                          ? 
_diffrn.id                               1 
_diffrn.ambient_pressure                 ? 
_diffrn.ambient_pressure_esd             ? 
_diffrn.ambient_pressure_gt              ? 
_diffrn.ambient_pressure_lt              ? 
_diffrn.ambient_temp_gt                  ? 
_diffrn.ambient_temp_lt                  ? 
_diffrn.pdbx_serial_crystal_experiment   N 
# 
_diffrn_detector.details                      ? 
_diffrn_detector.detector                     PIXEL 
_diffrn_detector.diffrn_id                    1 
_diffrn_detector.type                         'DECTRIS PILATUS3 6M' 
_diffrn_detector.area_resol_mean              ? 
_diffrn_detector.dtime                        ? 
_diffrn_detector.pdbx_frames_total            ? 
_diffrn_detector.pdbx_collection_time_total   ? 
_diffrn_detector.pdbx_collection_date         2020-10-26 
_diffrn_detector.pdbx_frequency               ? 
# 
_diffrn_radiation.collimation                      ? 
_diffrn_radiation.diffrn_id                        1 
_diffrn_radiation.filter_edge                      ? 
_diffrn_radiation.inhomogeneity                    ? 
_diffrn_radiation.monochromator                    ? 
_diffrn_radiation.polarisn_norm                    ? 
_diffrn_radiation.polarisn_ratio                   ? 
_diffrn_radiation.probe                            ? 
_diffrn_radiation.type                             ? 
_diffrn_radiation.xray_symbol                      ? 
_diffrn_radiation.wavelength_id                    1 
_diffrn_radiation.pdbx_monochromatic_or_laue_m_l   M 
_diffrn_radiation.pdbx_wavelength_list             ? 
_diffrn_radiation.pdbx_wavelength                  ? 
_diffrn_radiation.pdbx_diffrn_protocol             'SINGLE WAVELENGTH' 
_diffrn_radiation.pdbx_analyzer                    ? 
_diffrn_radiation.pdbx_scattering_type             x-ray 
# 
_diffrn_radiation_wavelength.id           1 
_diffrn_radiation_wavelength.wavelength   0.979 
_diffrn_radiation_wavelength.wt           1.0 
# 
_diffrn_source.current                     ? 
_diffrn_source.details                     ? 
_diffrn_source.diffrn_id                   1 
_diffrn_source.power                       ? 
_diffrn_source.size                        ? 
_diffrn_source.source                      SYNCHROTRON 
_diffrn_source.target                      ? 
_diffrn_source.type                        'SSRF BEAMLINE BL19U1' 
_diffrn_source.voltage                     ? 
_diffrn_source.take-off_angle              ? 
_diffrn_source.pdbx_wavelength_list        0.979 
_diffrn_source.pdbx_wavelength             ? 
_diffrn_source.pdbx_synchrotron_beamline   BL19U1 
_diffrn_source.pdbx_synchrotron_site       SSRF 
# 
_reflns.B_iso_Wilson_estimate            ? 
_reflns.entry_id                         7DTR 
_reflns.data_reduction_details           ? 
_reflns.data_reduction_method            ? 
_reflns.d_resolution_high                2.1 
_reflns.d_resolution_low                 50 
_reflns.details                          ? 
_reflns.limit_h_max                      ? 
_reflns.limit_h_min                      ? 
_reflns.limit_k_max                      ? 
_reflns.limit_k_min                      ? 
_reflns.limit_l_max                      ? 
_reflns.limit_l_min                      ? 
_reflns.number_all                       ? 
_reflns.number_obs                       15917 
_reflns.observed_criterion               ? 
_reflns.observed_criterion_F_max         ? 
_reflns.observed_criterion_F_min         ? 
_reflns.observed_criterion_I_max         ? 
_reflns.observed_criterion_I_min         ? 
_reflns.observed_criterion_sigma_F       ? 
_reflns.observed_criterion_sigma_I       ? 
_reflns.percent_possible_obs             99.35 
_reflns.R_free_details                   ? 
_reflns.Rmerge_F_all                     ? 
_reflns.Rmerge_F_obs                     ? 
_reflns.Friedel_coverage                 ? 
_reflns.number_gt                        ? 
_reflns.threshold_expression             ? 
_reflns.pdbx_redundancy                  29.2 
_reflns.pdbx_Rmerge_I_obs                ? 
_reflns.pdbx_Rmerge_I_all                ? 
_reflns.pdbx_Rsym_value                  ? 
_reflns.pdbx_netI_over_av_sigmaI         ? 
_reflns.pdbx_netI_over_sigmaI            16.8 
_reflns.pdbx_res_netI_over_av_sigmaI_2   ? 
_reflns.pdbx_res_netI_over_sigmaI_2      ? 
_reflns.pdbx_chi_squared                 ? 
_reflns.pdbx_scaling_rejects             ? 
_reflns.pdbx_d_res_high_opt              ? 
_reflns.pdbx_d_res_low_opt               ? 
_reflns.pdbx_d_res_opt_method            ? 
_reflns.phase_calculation_details        ? 
_reflns.pdbx_Rrim_I_all                  ? 
_reflns.pdbx_Rpim_I_all                  ? 
_reflns.pdbx_d_opt                       ? 
_reflns.pdbx_number_measured_all         ? 
_reflns.pdbx_diffrn_id                   1 
_reflns.pdbx_ordinal                     1 
_reflns.pdbx_CC_half                     0.998 
_reflns.pdbx_CC_star                     ? 
_reflns.pdbx_R_split                     ? 
# 
_reflns_shell.d_res_high                  2.1 
_reflns_shell.d_res_low                   2.18 
_reflns_shell.meanI_over_sigI_all         ? 
_reflns_shell.meanI_over_sigI_obs         ? 
_reflns_shell.number_measured_all         ? 
_reflns_shell.number_measured_obs         ? 
_reflns_shell.number_possible             ? 
_reflns_shell.number_unique_all           ? 
_reflns_shell.number_unique_obs           1545 
_reflns_shell.percent_possible_all        ? 
_reflns_shell.percent_possible_obs        ? 
_reflns_shell.Rmerge_F_all                ? 
_reflns_shell.Rmerge_F_obs                ? 
_reflns_shell.Rmerge_I_all                ? 
_reflns_shell.Rmerge_I_obs                ? 
_reflns_shell.meanI_over_sigI_gt          ? 
_reflns_shell.meanI_over_uI_all           ? 
_reflns_shell.meanI_over_uI_gt            ? 
_reflns_shell.number_measured_gt          ? 
_reflns_shell.number_unique_gt            ? 
_reflns_shell.percent_possible_gt         ? 
_reflns_shell.Rmerge_F_gt                 ? 
_reflns_shell.Rmerge_I_gt                 ? 
_reflns_shell.pdbx_redundancy             ? 
_reflns_shell.pdbx_Rsym_value             ? 
_reflns_shell.pdbx_chi_squared            ? 
_reflns_shell.pdbx_netI_over_sigmaI_all   ? 
_reflns_shell.pdbx_netI_over_sigmaI_obs   ? 
_reflns_shell.pdbx_Rrim_I_all             ? 
_reflns_shell.pdbx_Rpim_I_all             ? 
_reflns_shell.pdbx_rejects                ? 
_reflns_shell.pdbx_ordinal                1 
_reflns_shell.pdbx_diffrn_id              1 
_reflns_shell.pdbx_CC_half                0.953 
_reflns_shell.pdbx_CC_star                ? 
_reflns_shell.pdbx_R_split                ? 
# 
_refine.aniso_B[1][1]                            ? 
_refine.aniso_B[1][2]                            ? 
_refine.aniso_B[1][3]                            ? 
_refine.aniso_B[2][2]                            ? 
_refine.aniso_B[2][3]                            ? 
_refine.aniso_B[3][3]                            ? 
_refine.B_iso_max                                93.720 
_refine.B_iso_mean                               33.3362 
_refine.B_iso_min                                11.270 
_refine.correlation_coeff_Fo_to_Fc               ? 
_refine.correlation_coeff_Fo_to_Fc_free          ? 
_refine.details                                  ? 
_refine.diff_density_max                         ? 
_refine.diff_density_max_esd                     ? 
_refine.diff_density_min                         ? 
_refine.diff_density_min_esd                     ? 
_refine.diff_density_rms                         ? 
_refine.diff_density_rms_esd                     ? 
_refine.entry_id                                 7DTR 
_refine.pdbx_refine_id                           'X-RAY DIFFRACTION' 
_refine.ls_abs_structure_details                 ? 
_refine.ls_abs_structure_Flack                   ? 
_refine.ls_abs_structure_Flack_esd               ? 
_refine.ls_abs_structure_Rogers                  ? 
_refine.ls_abs_structure_Rogers_esd              ? 
_refine.ls_d_res_high                            2.1000 
_refine.ls_d_res_low                             38.8400 
_refine.ls_extinction_coef                       ? 
_refine.ls_extinction_coef_esd                   ? 
_refine.ls_extinction_expression                 ? 
_refine.ls_extinction_method                     ? 
_refine.ls_goodness_of_fit_all                   ? 
_refine.ls_goodness_of_fit_all_esd               ? 
_refine.ls_goodness_of_fit_obs                   ? 
_refine.ls_goodness_of_fit_obs_esd               ? 
_refine.ls_hydrogen_treatment                    ? 
_refine.ls_matrix_type                           ? 
_refine.ls_number_constraints                    ? 
_refine.ls_number_parameters                     ? 
_refine.ls_number_reflns_all                     ? 
_refine.ls_number_reflns_obs                     15760 
_refine.ls_number_reflns_R_free                  800 
_refine.ls_number_reflns_R_work                  14960 
_refine.ls_number_restraints                     ? 
_refine.ls_percent_reflns_obs                    99.3600 
_refine.ls_percent_reflns_R_free                 5.0800 
_refine.ls_R_factor_all                          ? 
_refine.ls_R_factor_obs                          0.2158 
_refine.ls_R_factor_R_free                       0.2333 
_refine.ls_R_factor_R_free_error                 ? 
_refine.ls_R_factor_R_free_error_details         ? 
_refine.ls_R_factor_R_work                       0.2149 
_refine.ls_R_Fsqd_factor_obs                     ? 
_refine.ls_R_I_factor_obs                        ? 
_refine.ls_redundancy_reflns_all                 ? 
_refine.ls_redundancy_reflns_obs                 ? 
_refine.ls_restrained_S_all                      ? 
_refine.ls_restrained_S_obs                      ? 
_refine.ls_shift_over_esd_max                    ? 
_refine.ls_shift_over_esd_mean                   ? 
_refine.ls_structure_factor_coef                 ? 
_refine.ls_weighting_details                     ? 
_refine.ls_weighting_scheme                      ? 
_refine.ls_wR_factor_all                         ? 
_refine.ls_wR_factor_obs                         ? 
_refine.ls_wR_factor_R_free                      ? 
_refine.ls_wR_factor_R_work                      ? 
_refine.occupancy_max                            ? 
_refine.occupancy_min                            ? 
_refine.solvent_model_details                    'FLAT BULK SOLVENT MODEL' 
_refine.solvent_model_param_bsol                 ? 
_refine.solvent_model_param_ksol                 ? 
_refine.pdbx_R_complete                          ? 
_refine.ls_R_factor_gt                           ? 
_refine.ls_goodness_of_fit_gt                    ? 
_refine.ls_goodness_of_fit_ref                   ? 
_refine.ls_shift_over_su_max                     ? 
_refine.ls_shift_over_su_max_lt                  ? 
_refine.ls_shift_over_su_mean                    ? 
_refine.ls_shift_over_su_mean_lt                 ? 
_refine.pdbx_ls_sigma_I                          ? 
_refine.pdbx_ls_sigma_F                          1.360 
_refine.pdbx_ls_sigma_Fsqd                       ? 
_refine.pdbx_data_cutoff_high_absF               ? 
_refine.pdbx_data_cutoff_high_rms_absF           ? 
_refine.pdbx_data_cutoff_low_absF                ? 
_refine.pdbx_isotropic_thermal_model             ? 
_refine.pdbx_ls_cross_valid_method               THROUGHOUT 
_refine.pdbx_method_to_determine_struct          SAD 
_refine.pdbx_starting_model                      ? 
_refine.pdbx_stereochemistry_target_values       ML 
_refine.pdbx_R_Free_selection_details            ? 
_refine.pdbx_stereochem_target_val_spec_case     ? 
_refine.pdbx_overall_ESU_R                       ? 
_refine.pdbx_overall_ESU_R_Free                  ? 
_refine.pdbx_solvent_vdw_probe_radii             1.1100 
_refine.pdbx_solvent_ion_probe_radii             ? 
_refine.pdbx_solvent_shrinkage_radii             0.9000 
_refine.pdbx_real_space_R                        ? 
_refine.pdbx_density_correlation                 ? 
_refine.pdbx_pd_number_of_powder_patterns        ? 
_refine.pdbx_pd_number_of_points                 ? 
_refine.pdbx_pd_meas_number_of_points            ? 
_refine.pdbx_pd_proc_ls_prof_R_factor            ? 
_refine.pdbx_pd_proc_ls_prof_wR_factor           ? 
_refine.pdbx_pd_Marquardt_correlation_coeff      ? 
_refine.pdbx_pd_Fsqrd_R_factor                   ? 
_refine.pdbx_pd_ls_matrix_band_width             ? 
_refine.pdbx_overall_phase_error                 21.4500 
_refine.pdbx_overall_SU_R_free_Cruickshank_DPI   ? 
_refine.pdbx_overall_SU_R_free_Blow_DPI          ? 
_refine.pdbx_overall_SU_R_Blow_DPI               ? 
_refine.pdbx_TLS_residual_ADP_flag               ? 
_refine.pdbx_diffrn_id                           1 
_refine.overall_SU_B                             ? 
_refine.overall_SU_ML                            0.1700 
_refine.overall_SU_R_Cruickshank_DPI             ? 
_refine.overall_SU_R_free                        ? 
_refine.overall_FOM_free_R_set                   ? 
_refine.overall_FOM_work_R_set                   ? 
_refine.pdbx_average_fsc_overall                 ? 
_refine.pdbx_average_fsc_work                    ? 
_refine.pdbx_average_fsc_free                    ? 
# 
_refine_hist.pdbx_refine_id                   'X-RAY DIFFRACTION' 
_refine_hist.cycle_id                         final 
_refine_hist.details                          ? 
_refine_hist.d_res_high                       2.1000 
_refine_hist.d_res_low                        38.8400 
_refine_hist.number_atoms_solvent             150 
_refine_hist.number_atoms_total               1421 
_refine_hist.number_reflns_all                ? 
_refine_hist.number_reflns_obs                ? 
_refine_hist.number_reflns_R_free             ? 
_refine_hist.number_reflns_R_work             ? 
_refine_hist.R_factor_all                     ? 
_refine_hist.R_factor_obs                     ? 
_refine_hist.R_factor_R_free                  ? 
_refine_hist.R_factor_R_work                  ? 
_refine_hist.pdbx_number_residues_total       163 
_refine_hist.pdbx_B_iso_mean_ligand           ? 
_refine_hist.pdbx_B_iso_mean_solvent          34.54 
_refine_hist.pdbx_number_atoms_protein        1271 
_refine_hist.pdbx_number_atoms_nucleic_acid   0 
_refine_hist.pdbx_number_atoms_ligand         0 
_refine_hist.pdbx_number_atoms_lipid          ? 
_refine_hist.pdbx_number_atoms_carb           ? 
_refine_hist.pdbx_pseudo_atom_details         ? 
# 
loop_
_refine_ls_shell.pdbx_refine_id 
_refine_ls_shell.d_res_high 
_refine_ls_shell.d_res_low 
_refine_ls_shell.number_reflns_all 
_refine_ls_shell.number_reflns_obs 
_refine_ls_shell.number_reflns_R_free 
_refine_ls_shell.number_reflns_R_work 
_refine_ls_shell.percent_reflns_obs 
_refine_ls_shell.percent_reflns_R_free 
_refine_ls_shell.R_factor_all 
_refine_ls_shell.R_factor_obs 
_refine_ls_shell.R_factor_R_free 
_refine_ls_shell.R_factor_R_free_error 
_refine_ls_shell.R_factor_R_work 
_refine_ls_shell.redundancy_reflns_all 
_refine_ls_shell.redundancy_reflns_obs 
_refine_ls_shell.wR_factor_all 
_refine_ls_shell.wR_factor_obs 
_refine_ls_shell.wR_factor_R_free 
_refine_ls_shell.wR_factor_R_work 
_refine_ls_shell.pdbx_R_complete 
_refine_ls_shell.pdbx_total_number_of_bins_used 
_refine_ls_shell.pdbx_phase_error 
_refine_ls_shell.pdbx_fsc_work 
_refine_ls_shell.pdbx_fsc_free 
'X-RAY DIFFRACTION' 2.1000 2.2300  2504 . 122 2382 98.0000  . . . 0.2387 0.0000 0.2308 . . . . . . . 6 . . . 
'X-RAY DIFFRACTION' 2.2300 2.4000  2569 . 129 2440 100.0000 . . . 0.2375 0.0000 0.2303 . . . . . . . 6 . . . 
'X-RAY DIFFRACTION' 2.4000 2.6400  2598 . 127 2471 100.0000 . . . 0.2275 0.0000 0.2227 . . . . . . . 6 . . . 
'X-RAY DIFFRACTION' 2.6400 3.0200  2612 . 127 2485 100.0000 . . . 0.2711 0.0000 0.2207 . . . . . . . 6 . . . 
'X-RAY DIFFRACTION' 3.0200 3.8100  2658 . 129 2529 100.0000 . . . 0.2654 0.0000 0.2147 . . . . . . . 6 . . . 
'X-RAY DIFFRACTION' 3.8100 38.8400 2819 . 166 2653 99.0000  . . . 0.2002 0.0000 0.2010 . . . . . . . 6 . . . 
# 
_struct.entry_id                     7DTR 
_struct.title                        'Structure of an AcrIF protein' 
_struct.pdbx_model_details           ? 
_struct.pdbx_formula_weight          ? 
_struct.pdbx_formula_weight_method   ? 
_struct.pdbx_model_type_details      ? 
_struct.pdbx_CASP_flag               N 
# 
_struct_keywords.entry_id        7DTR 
_struct_keywords.text            'HTH motif, protein interaction, VIRAL PROTEIN' 
_struct_keywords.pdbx_keywords   'VIRAL PROTEIN' 
# 
loop_
_struct_asym.id 
_struct_asym.pdbx_blank_PDB_chainid_flag 
_struct_asym.pdbx_modified 
_struct_asym.entity_id 
_struct_asym.details 
A N N 1 ? 
B N N 2 ? 
# 
_struct_ref.id                         1 
_struct_ref.db_name                    PDB 
_struct_ref.db_code                    7DTR 
_struct_ref.pdbx_db_accession          7DTR 
_struct_ref.pdbx_db_isoform            ? 
_struct_ref.entity_id                  1 
_struct_ref.pdbx_seq_one_letter_code   ? 
_struct_ref.pdbx_align_begin           1 
# 
_struct_ref_seq.align_id                      1 
_struct_ref_seq.ref_id                        1 
_struct_ref_seq.pdbx_PDB_id_code              7DTR 
_struct_ref_seq.pdbx_strand_id                A 
_struct_ref_seq.seq_align_beg                 1 
_struct_ref_seq.pdbx_seq_align_beg_ins_code   ? 
_struct_ref_seq.seq_align_end                 171 
_struct_ref_seq.pdbx_seq_align_end_ins_code   ? 
_struct_ref_seq.pdbx_db_accession             7DTR 
_struct_ref_seq.db_align_beg                  1 
_struct_ref_seq.pdbx_db_align_beg_ins_code    ? 
_struct_ref_seq.db_align_end                  228 
_struct_ref_seq.pdbx_db_align_end_ins_code    ? 
_struct_ref_seq.pdbx_auth_seq_align_beg       1 
_struct_ref_seq.pdbx_auth_seq_align_end       228 
# 
_pdbx_struct_assembly.id                   1 
_pdbx_struct_assembly.details              author_defined_assembly 
_pdbx_struct_assembly.method_details       ? 
_pdbx_struct_assembly.oligomeric_details   dimeric 
_pdbx_struct_assembly.oligomeric_count     2 
# 
loop_
_pdbx_struct_assembly_gen.assembly_id 
_pdbx_struct_assembly_gen.oper_expression 
_pdbx_struct_assembly_gen.asym_id_list 
1 1 A,B 
1 2 A,B 
# 
_pdbx_struct_assembly_auth_evidence.id                     1 
_pdbx_struct_assembly_auth_evidence.assembly_id            1 
_pdbx_struct_assembly_auth_evidence.experimental_support   'gel filtration' 
_pdbx_struct_assembly_auth_evidence.details                ? 
# 
loop_
_pdbx_struct_oper_list.id 
_pdbx_struct_oper_list.type 
_pdbx_struct_oper_list.name 
_pdbx_struct_oper_list.symmetry_operation 
_pdbx_struct_oper_list.matrix[1][1] 
_pdbx_struct_oper_list.matrix[1][2] 
_pdbx_struct_oper_list.matrix[1][3] 
_pdbx_struct_oper_list.vector[1] 
_pdbx_struct_oper_list.matrix[2][1] 
_pdbx_struct_oper_list.matrix[2][2] 
_pdbx_struct_oper_list.matrix[2][3] 
_pdbx_struct_oper_list.vector[2] 
_pdbx_struct_oper_list.matrix[3][1] 
_pdbx_struct_oper_list.matrix[3][2] 
_pdbx_struct_oper_list.matrix[3][3] 
_pdbx_struct_oper_list.vector[3] 
1 'identity operation'         1_555 x,y,z     1.0000000000  0.0000000000  0.0000000000  0.0000000000   0.0000000000  1.0000000000 0.0000000000 0.0000000000 0.0000000000  0.0000000000 1.0000000000  0.0000000000   
2 'crystal symmetry operation' 8_555 x-y,-y,-z -0.6633934697 -0.7196857534 -0.2048451139 -15.3216720902 -0.7196857534 0.5387330222 0.4379716282 4.2397632133 -0.2048451139 0.4379716282 -0.8753395525 -40.0725792653 
# 
loop_
_struct_conf.conf_type_id 
_struct_conf.id 
_struct_conf.pdbx_PDB_helix_id 
_struct_conf.beg_label_comp_id 
_struct_conf.beg_label_asym_id 
_struct_conf.beg_label_seq_id 
_struct_conf.pdbx_beg_PDB_ins_code 
_struct_conf.end_label_comp_id 
_struct_conf.end_label_asym_id 
_struct_conf.end_label_seq_id 
_struct_conf.pdbx_end_PDB_ins_code 
_struct_conf.beg_auth_comp_id 
_struct_conf.beg_auth_asym_id 
_struct_conf.beg_auth_seq_id 
_struct_conf.end_auth_comp_id 
_struct_conf.end_auth_asym_id 
_struct_conf.end_auth_seq_id 
_struct_conf.pdbx_PDB_helix_class 
_struct_conf.details 
_struct_conf.pdbx_PDB_helix_length 
HELX_P HELX_P1 AA1 THR A 47  ? TYR A 70  ? THR A 47  TYR A 70  1 ? 24 
HELX_P HELX_P2 AA2 LEU A 83  ? LEU A 90  ? LEU A 140 LEU A 147 5 ? 8  
HELX_P HELX_P3 AA3 PRO A 91  ? THR A 96  ? PRO A 148 THR A 153 1 ? 6  
HELX_P HELX_P4 AA4 THR A 106 ? HIS A 112 ? THR A 163 HIS A 169 1 ? 7  
HELX_P HELX_P5 AA5 SER A 123 ? GLY A 132 ? SER A 180 GLY A 189 1 ? 10 
HELX_P HELX_P6 AA6 SER A 134 ? LYS A 140 ? SER A 191 LYS A 197 1 ? 7  
HELX_P HELX_P7 AA7 TYR A 141 ? ALA A 143 ? TYR A 198 ALA A 200 5 ? 3  
HELX_P HELX_P8 AA8 SER A 154 ? LEU A 165 ? SER A 211 LEU A 222 1 ? 12 
# 
_struct_conf_type.id          HELX_P 
_struct_conf_type.criteria    ? 
_struct_conf_type.reference   ? 
# 
loop_
_struct_sheet.id 
_struct_sheet.type 
_struct_sheet.number_strands 
_struct_sheet.details 
AA1 ? 4 ? 
AA2 ? 4 ? 
# 
loop_
_struct_sheet_order.sheet_id 
_struct_sheet_order.range_id_1 
_struct_sheet_order.range_id_2 
_struct_sheet_order.offset 
_struct_sheet_order.sense 
AA1 1 2 ? anti-parallel 
AA1 2 3 ? anti-parallel 
AA1 3 4 ? anti-parallel 
AA2 1 2 ? anti-parallel 
AA2 2 3 ? anti-parallel 
AA2 3 4 ? anti-parallel 
# 
loop_
_struct_sheet_range.sheet_id 
_struct_sheet_range.id 
_struct_sheet_range.beg_label_comp_id 
_struct_sheet_range.beg_label_asym_id 
_struct_sheet_range.beg_label_seq_id 
_struct_sheet_range.pdbx_beg_PDB_ins_code 
_struct_sheet_range.end_label_comp_id 
_struct_sheet_range.end_label_asym_id 
_struct_sheet_range.end_label_seq_id 
_struct_sheet_range.pdbx_end_PDB_ins_code 
_struct_sheet_range.beg_auth_comp_id 
_struct_sheet_range.beg_auth_asym_id 
_struct_sheet_range.beg_auth_seq_id 
_struct_sheet_range.end_auth_comp_id 
_struct_sheet_range.end_auth_asym_id 
_struct_sheet_range.end_auth_seq_id 
AA1 1 ILE A 4  ? ILE A 6  ? ILE A 4  ILE A 6  
AA1 2 PHE A 9  ? PRO A 13 ? PHE A 9  PRO A 13 
AA1 3 LEU A 23 ? TYR A 32 ? LEU A 23 TYR A 32 
AA1 4 LEU A 18 ? TYR A 20 ? LEU A 18 TYR A 20 
AA2 1 ILE A 4  ? ILE A 6  ? ILE A 4  ILE A 6  
AA2 2 PHE A 9  ? PRO A 13 ? PHE A 9  PRO A 13 
AA2 3 LEU A 23 ? TYR A 32 ? LEU A 23 TYR A 32 
AA2 4 ARG A 35 ? PRO A 43 ? ARG A 35 PRO A 43 
# 
loop_
_pdbx_struct_sheet_hbond.sheet_id 
_pdbx_struct_sheet_hbond.range_id_1 
_pdbx_struct_sheet_hbond.range_id_2 
_pdbx_struct_sheet_hbond.range_1_label_atom_id 
_pdbx_struct_sheet_hbond.range_1_label_comp_id 
_pdbx_struct_sheet_hbond.range_1_label_asym_id 
_pdbx_struct_sheet_hbond.range_1_label_seq_id 
_pdbx_struct_sheet_hbond.range_1_PDB_ins_code 
_pdbx_struct_sheet_hbond.range_1_auth_atom_id 
_pdbx_struct_sheet_hbond.range_1_auth_comp_id 
_pdbx_struct_sheet_hbond.range_1_auth_asym_id 
_pdbx_struct_sheet_hbond.range_1_auth_seq_id 
_pdbx_struct_sheet_hbond.range_2_label_atom_id 
_pdbx_struct_sheet_hbond.range_2_label_comp_id 
_pdbx_struct_sheet_hbond.range_2_label_asym_id 
_pdbx_struct_sheet_hbond.range_2_label_seq_id 
_pdbx_struct_sheet_hbond.range_2_PDB_ins_code 
_pdbx_struct_sheet_hbond.range_2_auth_atom_id 
_pdbx_struct_sheet_hbond.range_2_auth_comp_id 
_pdbx_struct_sheet_hbond.range_2_auth_asym_id 
_pdbx_struct_sheet_hbond.range_2_auth_seq_id 
AA1 1 2 N ILE A 4  ? N ILE A 4  O ILE A 11 ? O ILE A 11 
AA1 2 3 N SER A 10 ? N SER A 10 O TYR A 31 ? O TYR A 31 
AA1 3 4 O LEU A 23 ? O LEU A 23 N TYR A 20 ? N TYR A 20 
AA2 1 2 N ILE A 4  ? N ILE A 4  O ILE A 11 ? O ILE A 11 
AA2 2 3 N SER A 10 ? N SER A 10 O TYR A 31 ? O TYR A 31 
AA2 3 4 N LEU A 30 ? N LEU A 30 O MET A 37 ? O MET A 37 
# 
_pdbx_entry_details.entry_id                 7DTR 
_pdbx_entry_details.nonpolymer_details       ? 
_pdbx_entry_details.sequence_details         ? 
_pdbx_entry_details.compound_details         ? 
_pdbx_entry_details.source_details           ? 
_pdbx_entry_details.has_ligand_of_interest   N 
# 
loop_
_pdbx_unobs_or_zero_occ_residues.id 
_pdbx_unobs_or_zero_occ_residues.PDB_model_num 
_pdbx_unobs_or_zero_occ_residues.polymer_flag 
_pdbx_unobs_or_zero_occ_residues.occupancy_flag 
_pdbx_unobs_or_zero_occ_residues.auth_asym_id 
_pdbx_unobs_or_zero_occ_residues.auth_comp_id 
_pdbx_unobs_or_zero_occ_residues.auth_seq_id 
_pdbx_unobs_or_zero_occ_residues.PDB_ins_code 
_pdbx_unobs_or_zero_occ_residues.label_asym_id 
_pdbx_unobs_or_zero_occ_residues.label_comp_id 
_pdbx_unobs_or_zero_occ_residues.label_seq_id 
1 1 Y 1 A PRO 129 ? A PRO 72 
2 1 Y 1 A GLY 130 ? A GLY 73 
3 1 Y 1 A SER 131 ? A SER 74 
4 1 Y 1 A GLY 132 ? A GLY 75 
5 1 Y 1 A SER 133 ? A SER 76 
6 1 Y 1 A SER 134 ? A SER 77 
7 1 Y 1 A GLY 135 ? A GLY 78 
8 1 Y 1 A SER 136 ? A SER 79 
# 
loop_
_chem_comp_atom.comp_id 
_chem_comp_atom.atom_id 
_chem_comp_atom.type_symbol 
_chem_comp_atom.pdbx_aromatic_flag 
_chem_comp_atom.pdbx_stereo_config 
_chem_comp_atom.pdbx_ordinal 
ALA N    N N N 1   
ALA CA   C N S 2   
ALA C    C N N 3   
ALA O    O N N 4   
ALA CB   C N N 5   
ALA OXT  O N N 6   
ALA H    H N N 7   
ALA H2   H N N 8   
ALA HA   H N N 9   
ALA HB1  H N N 10  
ALA HB2  H N N 11  
ALA HB3  H N N 12  
ALA HXT  H N N 13  
ARG N    N N N 14  
ARG CA   C N S 15  
ARG C    C N N 16  
ARG O    O N N 17  
ARG CB   C N N 18  
ARG CG   C N N 19  
ARG CD   C N N 20  
ARG NE   N N N 21  
ARG CZ   C N N 22  
ARG NH1  N N N 23  
ARG NH2  N N N 24  
ARG OXT  O N N 25  
ARG H    H N N 26  
ARG H2   H N N 27  
ARG HA   H N N 28  
ARG HB2  H N N 29  
ARG HB3  H N N 30  
ARG HG2  H N N 31  
ARG HG3  H N N 32  
ARG HD2  H N N 33  
ARG HD3  H N N 34  
ARG HE   H N N 35  
ARG HH11 H N N 36  
ARG HH12 H N N 37  
ARG HH21 H N N 38  
ARG HH22 H N N 39  
ARG HXT  H N N 40  
ASN N    N N N 41  
ASN CA   C N S 42  
ASN C    C N N 43  
ASN O    O N N 44  
ASN CB   C N N 45  
ASN CG   C N N 46  
ASN OD1  O N N 47  
ASN ND2  N N N 48  
ASN OXT  O N N 49  
ASN H    H N N 50  
ASN H2   H N N 51  
ASN HA   H N N 52  
ASN HB2  H N N 53  
ASN HB3  H N N 54  
ASN HD21 H N N 55  
ASN HD22 H N N 56  
ASN HXT  H N N 57  
ASP N    N N N 58  
ASP CA   C N S 59  
ASP C    C N N 60  
ASP O    O N N 61  
ASP CB   C N N 62  
ASP CG   C N N 63  
ASP OD1  O N N 64  
ASP OD2  O N N 65  
ASP OXT  O N N 66  
ASP H    H N N 67  
ASP H2   H N N 68  
ASP HA   H N N 69  
ASP HB2  H N N 70  
ASP HB3  H N N 71  
ASP HD2  H N N 72  
ASP HXT  H N N 73  
GLN N    N N N 74  
GLN CA   C N S 75  
GLN C    C N N 76  
GLN O    O N N 77  
GLN CB   C N N 78  
GLN CG   C N N 79  
GLN CD   C N N 80  
GLN OE1  O N N 81  
GLN NE2  N N N 82  
GLN OXT  O N N 83  
GLN H    H N N 84  
GLN H2   H N N 85  
GLN HA   H N N 86  
GLN HB2  H N N 87  
GLN HB3  H N N 88  
GLN HG2  H N N 89  
GLN HG3  H N N 90  
GLN HE21 H N N 91  
GLN HE22 H N N 92  
GLN HXT  H N N 93  
GLU N    N N N 94  
GLU CA   C N S 95  
GLU C    C N N 96  
GLU O    O N N 97  
GLU CB   C N N 98  
GLU CG   C N N 99  
GLU CD   C N N 100 
GLU OE1  O N N 101 
GLU OE2  O N N 102 
GLU OXT  O N N 103 
GLU H    H N N 104 
GLU H2   H N N 105 
GLU HA   H N N 106 
GLU HB2  H N N 107 
GLU HB3  H N N 108 
GLU HG2  H N N 109 
GLU HG3  H N N 110 
GLU HE2  H N N 111 
GLU HXT  H N N 112 
GLY N    N N N 113 
GLY CA   C N N 114 
GLY C    C N N 115 
GLY O    O N N 116 
GLY OXT  O N N 117 
GLY H    H N N 118 
GLY H2   H N N 119 
GLY HA2  H N N 120 
GLY HA3  H N N 121 
GLY HXT  H N N 122 
HIS N    N N N 123 
HIS CA   C N S 124 
HIS C    C N N 125 
HIS O    O N N 126 
HIS CB   C N N 127 
HIS CG   C Y N 128 
HIS ND1  N Y N 129 
HIS CD2  C Y N 130 
HIS CE1  C Y N 131 
HIS NE2  N Y N 132 
HIS OXT  O N N 133 
HIS H    H N N 134 
HIS H2   H N N 135 
HIS HA   H N N 136 
HIS HB2  H N N 137 
HIS HB3  H N N 138 
HIS HD1  H N N 139 
HIS HD2  H N N 140 
HIS HE1  H N N 141 
HIS HE2  H N N 142 
HIS HXT  H N N 143 
HOH O    O N N 144 
HOH H1   H N N 145 
HOH H2   H N N 146 
ILE N    N N N 147 
ILE CA   C N S 148 
ILE C    C N N 149 
ILE O    O N N 150 
ILE CB   C N S 151 
ILE CG1  C N N 152 
ILE CG2  C N N 153 
ILE CD1  C N N 154 
ILE OXT  O N N 155 
ILE H    H N N 156 
ILE H2   H N N 157 
ILE HA   H N N 158 
ILE HB   H N N 159 
ILE HG12 H N N 160 
ILE HG13 H N N 161 
ILE HG21 H N N 162 
ILE HG22 H N N 163 
ILE HG23 H N N 164 
ILE HD11 H N N 165 
ILE HD12 H N N 166 
ILE HD13 H N N 167 
ILE HXT  H N N 168 
LEU N    N N N 169 
LEU CA   C N S 170 
LEU C    C N N 171 
LEU O    O N N 172 
LEU CB   C N N 173 
LEU CG   C N N 174 
LEU CD1  C N N 175 
LEU CD2  C N N 176 
LEU OXT  O N N 177 
LEU H    H N N 178 
LEU H2   H N N 179 
LEU HA   H N N 180 
LEU HB2  H N N 181 
LEU HB3  H N N 182 
LEU HG   H N N 183 
LEU HD11 H N N 184 
LEU HD12 H N N 185 
LEU HD13 H N N 186 
LEU HD21 H N N 187 
LEU HD22 H N N 188 
LEU HD23 H N N 189 
LEU HXT  H N N 190 
LYS N    N N N 191 
LYS CA   C N S 192 
LYS C    C N N 193 
LYS O    O N N 194 
LYS CB   C N N 195 
LYS CG   C N N 196 
LYS CD   C N N 197 
LYS CE   C N N 198 
LYS NZ   N N N 199 
LYS OXT  O N N 200 
LYS H    H N N 201 
LYS H2   H N N 202 
LYS HA   H N N 203 
LYS HB2  H N N 204 
LYS HB3  H N N 205 
LYS HG2  H N N 206 
LYS HG3  H N N 207 
LYS HD2  H N N 208 
LYS HD3  H N N 209 
LYS HE2  H N N 210 
LYS HE3  H N N 211 
LYS HZ1  H N N 212 
LYS HZ2  H N N 213 
LYS HZ3  H N N 214 
LYS HXT  H N N 215 
MET N    N N N 216 
MET CA   C N S 217 
MET C    C N N 218 
MET O    O N N 219 
MET CB   C N N 220 
MET CG   C N N 221 
MET SD   S N N 222 
MET CE   C N N 223 
MET OXT  O N N 224 
MET H    H N N 225 
MET H2   H N N 226 
MET HA   H N N 227 
MET HB2  H N N 228 
MET HB3  H N N 229 
MET HG2  H N N 230 
MET HG3  H N N 231 
MET HE1  H N N 232 
MET HE2  H N N 233 
MET HE3  H N N 234 
MET HXT  H N N 235 
PHE N    N N N 236 
PHE CA   C N S 237 
PHE C    C N N 238 
PHE O    O N N 239 
PHE CB   C N N 240 
PHE CG   C Y N 241 
PHE CD1  C Y N 242 
PHE CD2  C Y N 243 
PHE CE1  C Y N 244 
PHE CE2  C Y N 245 
PHE CZ   C Y N 246 
PHE OXT  O N N 247 
PHE H    H N N 248 
PHE H2   H N N 249 
PHE HA   H N N 250 
PHE HB2  H N N 251 
PHE HB3  H N N 252 
PHE HD1  H N N 253 
PHE HD2  H N N 254 
PHE HE1  H N N 255 
PHE HE2  H N N 256 
PHE HZ   H N N 257 
PHE HXT  H N N 258 
PRO N    N N N 259 
PRO CA   C N S 260 
PRO C    C N N 261 
PRO O    O N N 262 
PRO CB   C N N 263 
PRO CG   C N N 264 
PRO CD   C N N 265 
PRO OXT  O N N 266 
PRO H    H N N 267 
PRO HA   H N N 268 
PRO HB2  H N N 269 
PRO HB3  H N N 270 
PRO HG2  H N N 271 
PRO HG3  H N N 272 
PRO HD2  H N N 273 
PRO HD3  H N N 274 
PRO HXT  H N N 275 
SER N    N N N 276 
SER CA   C N S 277 
SER C    C N N 278 
SER O    O N N 279 
SER CB   C N N 280 
SER OG   O N N 281 
SER OXT  O N N 282 
SER H    H N N 283 
SER H2   H N N 284 
SER HA   H N N 285 
SER HB2  H N N 286 
SER HB3  H N N 287 
SER HG   H N N 288 
SER HXT  H N N 289 
THR N    N N N 290 
THR CA   C N S 291 
THR C    C N N 292 
THR O    O N N 293 
THR CB   C N R 294 
THR OG1  O N N 295 
THR CG2  C N N 296 
THR OXT  O N N 297 
THR H    H N N 298 
THR H2   H N N 299 
THR HA   H N N 300 
THR HB   H N N 301 
THR HG1  H N N 302 
THR HG21 H N N 303 
THR HG22 H N N 304 
THR HG23 H N N 305 
THR HXT  H N N 306 
TRP N    N N N 307 
TRP CA   C N S 308 
TRP C    C N N 309 
TRP O    O N N 310 
TRP CB   C N N 311 
TRP CG   C Y N 312 
TRP CD1  C Y N 313 
TRP CD2  C Y N 314 
TRP NE1  N Y N 315 
TRP CE2  C Y N 316 
TRP CE3  C Y N 317 
TRP CZ2  C Y N 318 
TRP CZ3  C Y N 319 
TRP CH2  C Y N 320 
TRP OXT  O N N 321 
TRP H    H N N 322 
TRP H2   H N N 323 
TRP HA   H N N 324 
TRP HB2  H N N 325 
TRP HB3  H N N 326 
TRP HD1  H N N 327 
TRP HE1  H N N 328 
TRP HE3  H N N 329 
TRP HZ2  H N N 330 
TRP HZ3  H N N 331 
TRP HH2  H N N 332 
TRP HXT  H N N 333 
TYR N    N N N 334 
TYR CA   C N S 335 
TYR C    C N N 336 
TYR O    O N N 337 
TYR CB   C N N 338 
TYR CG   C Y N 339 
TYR CD1  C Y N 340 
TYR CD2  C Y N 341 
TYR CE1  C Y N 342 
TYR CE2  C Y N 343 
TYR CZ   C Y N 344 
TYR OH   O N N 345 
TYR OXT  O N N 346 
TYR H    H N N 347 
TYR H2   H N N 348 
TYR HA   H N N 349 
TYR HB2  H N N 350 
TYR HB3  H N N 351 
TYR HD1  H N N 352 
TYR HD2  H N N 353 
TYR HE1  H N N 354 
TYR HE2  H N N 355 
TYR HH   H N N 356 
TYR HXT  H N N 357 
VAL N    N N N 358 
VAL CA   C N S 359 
VAL C    C N N 360 
VAL O    O N N 361 
VAL CB   C N N 362 
VAL CG1  C N N 363 
VAL CG2  C N N 364 
VAL OXT  O N N 365 
VAL H    H N N 366 
VAL H2   H N N 367 
VAL HA   H N N 368 
VAL HB   H N N 369 
VAL HG11 H N N 370 
VAL HG12 H N N 371 
VAL HG13 H N N 372 
VAL HG21 H N N 373 
VAL HG22 H N N 374 
VAL HG23 H N N 375 
VAL HXT  H N N 376 
# 
loop_
_chem_comp_bond.comp_id 
_chem_comp_bond.atom_id_1 
_chem_comp_bond.atom_id_2 
_chem_comp_bond.value_order 
_chem_comp_bond.pdbx_aromatic_flag 
_chem_comp_bond.pdbx_stereo_config 
_chem_comp_bond.pdbx_ordinal 
ALA N   CA   sing N N 1   
ALA N   H    sing N N 2   
ALA N   H2   sing N N 3   
ALA CA  C    sing N N 4   
ALA CA  CB   sing N N 5   
ALA CA  HA   sing N N 6   
ALA C   O    doub N N 7   
ALA C   OXT  sing N N 8   
ALA CB  HB1  sing N N 9   
ALA CB  HB2  sing N N 10  
ALA CB  HB3  sing N N 11  
ALA OXT HXT  sing N N 12  
ARG N   CA   sing N N 13  
ARG N   H    sing N N 14  
ARG N   H2   sing N N 15  
ARG CA  C    sing N N 16  
ARG CA  CB   sing N N 17  
ARG CA  HA   sing N N 18  
ARG C   O    doub N N 19  
ARG C   OXT  sing N N 20  
ARG CB  CG   sing N N 21  
ARG CB  HB2  sing N N 22  
ARG CB  HB3  sing N N 23  
ARG CG  CD   sing N N 24  
ARG CG  HG2  sing N N 25  
ARG CG  HG3  sing N N 26  
ARG CD  NE   sing N N 27  
ARG CD  HD2  sing N N 28  
ARG CD  HD3  sing N N 29  
ARG NE  CZ   sing N N 30  
ARG NE  HE   sing N N 31  
ARG CZ  NH1  sing N N 32  
ARG CZ  NH2  doub N N 33  
ARG NH1 HH11 sing N N 34  
ARG NH1 HH12 sing N N 35  
ARG NH2 HH21 sing N N 36  
ARG NH2 HH22 sing N N 37  
ARG OXT HXT  sing N N 38  
ASN N   CA   sing N N 39  
ASN N   H    sing N N 40  
ASN N   H2   sing N N 41  
ASN CA  C    sing N N 42  
ASN CA  CB   sing N N 43  
ASN CA  HA   sing N N 44  
ASN C   O    doub N N 45  
ASN C   OXT  sing N N 46  
ASN CB  CG   sing N N 47  
ASN CB  HB2  sing N N 48  
ASN CB  HB3  sing N N 49  
ASN CG  OD1  doub N N 50  
ASN CG  ND2  sing N N 51  
ASN ND2 HD21 sing N N 52  
ASN ND2 HD22 sing N N 53  
ASN OXT HXT  sing N N 54  
ASP N   CA   sing N N 55  
ASP N   H    sing N N 56  
ASP N   H2   sing N N 57  
ASP CA  C    sing N N 58  
ASP CA  CB   sing N N 59  
ASP CA  HA   sing N N 60  
ASP C   O    doub N N 61  
ASP C   OXT  sing N N 62  
ASP CB  CG   sing N N 63  
ASP CB  HB2  sing N N 64  
ASP CB  HB3  sing N N 65  
ASP CG  OD1  doub N N 66  
ASP CG  OD2  sing N N 67  
ASP OD2 HD2  sing N N 68  
ASP OXT HXT  sing N N 69  
GLN N   CA   sing N N 70  
GLN N   H    sing N N 71  
GLN N   H2   sing N N 72  
GLN CA  C    sing N N 73  
GLN CA  CB   sing N N 74  
GLN CA  HA   sing N N 75  
GLN C   O    doub N N 76  
GLN C   OXT  sing N N 77  
GLN CB  CG   sing N N 78  
GLN CB  HB2  sing N N 79  
GLN CB  HB3  sing N N 80  
GLN CG  CD   sing N N 81  
GLN CG  HG2  sing N N 82  
GLN CG  HG3  sing N N 83  
GLN CD  OE1  doub N N 84  
GLN CD  NE2  sing N N 85  
GLN NE2 HE21 sing N N 86  
GLN NE2 HE22 sing N N 87  
GLN OXT HXT  sing N N 88  
GLU N   CA   sing N N 89  
GLU N   H    sing N N 90  
GLU N   H2   sing N N 91  
GLU CA  C    sing N N 92  
GLU CA  CB   sing N N 93  
GLU CA  HA   sing N N 94  
GLU C   O    doub N N 95  
GLU C   OXT  sing N N 96  
GLU CB  CG   sing N N 97  
GLU CB  HB2  sing N N 98  
GLU CB  HB3  sing N N 99  
GLU CG  CD   sing N N 100 
GLU CG  HG2  sing N N 101 
GLU CG  HG3  sing N N 102 
GLU CD  OE1  doub N N 103 
GLU CD  OE2  sing N N 104 
GLU OE2 HE2  sing N N 105 
GLU OXT HXT  sing N N 106 
GLY N   CA   sing N N 107 
GLY N   H    sing N N 108 
GLY N   H2   sing N N 109 
GLY CA  C    sing N N 110 
GLY CA  HA2  sing N N 111 
GLY CA  HA3  sing N N 112 
GLY C   O    doub N N 113 
GLY C   OXT  sing N N 114 
GLY OXT HXT  sing N N 115 
HIS N   CA   sing N N 116 
HIS N   H    sing N N 117 
HIS N   H2   sing N N 118 
HIS CA  C    sing N N 119 
HIS CA  CB   sing N N 120 
HIS CA  HA   sing N N 121 
HIS C   O    doub N N 122 
HIS C   OXT  sing N N 123 
HIS CB  CG   sing N N 124 
HIS CB  HB2  sing N N 125 
HIS CB  HB3  sing N N 126 
HIS CG  ND1  sing Y N 127 
HIS CG  CD2  doub Y N 128 
HIS ND1 CE1  doub Y N 129 
HIS ND1 HD1  sing N N 130 
HIS CD2 NE2  sing Y N 131 
HIS CD2 HD2  sing N N 132 
HIS CE1 NE2  sing Y N 133 
HIS CE1 HE1  sing N N 134 
HIS NE2 HE2  sing N N 135 
HIS OXT HXT  sing N N 136 
HOH O   H1   sing N N 137 
HOH O   H2   sing N N 138 
ILE N   CA   sing N N 139 
ILE N   H    sing N N 140 
ILE N   H2   sing N N 141 
ILE CA  C    sing N N 142 
ILE CA  CB   sing N N 143 
ILE CA  HA   sing N N 144 
ILE C   O    doub N N 145 
ILE C   OXT  sing N N 146 
ILE CB  CG1  sing N N 147 
ILE CB  CG2  sing N N 148 
ILE CB  HB   sing N N 149 
ILE CG1 CD1  sing N N 150 
ILE CG1 HG12 sing N N 151 
ILE CG1 HG13 sing N N 152 
ILE CG2 HG21 sing N N 153 
ILE CG2 HG22 sing N N 154 
ILE CG2 HG23 sing N N 155 
ILE CD1 HD11 sing N N 156 
ILE CD1 HD12 sing N N 157 
ILE CD1 HD13 sing N N 158 
ILE OXT HXT  sing N N 159 
LEU N   CA   sing N N 160 
LEU N   H    sing N N 161 
LEU N   H2   sing N N 162 
LEU CA  C    sing N N 163 
LEU CA  CB   sing N N 164 
LEU CA  HA   sing N N 165 
LEU C   O    doub N N 166 
LEU C   OXT  sing N N 167 
LEU CB  CG   sing N N 168 
LEU CB  HB2  sing N N 169 
LEU CB  HB3  sing N N 170 
LEU CG  CD1  sing N N 171 
LEU CG  CD2  sing N N 172 
LEU CG  HG   sing N N 173 
LEU CD1 HD11 sing N N 174 
LEU CD1 HD12 sing N N 175 
LEU CD1 HD13 sing N N 176 
LEU CD2 HD21 sing N N 177 
LEU CD2 HD22 sing N N 178 
LEU CD2 HD23 sing N N 179 
LEU OXT HXT  sing N N 180 
LYS N   CA   sing N N 181 
LYS N   H    sing N N 182 
LYS N   H2   sing N N 183 
LYS CA  C    sing N N 184 
LYS CA  CB   sing N N 185 
LYS CA  HA   sing N N 186 
LYS C   O    doub N N 187 
LYS C   OXT  sing N N 188 
LYS CB  CG   sing N N 189 
LYS CB  HB2  sing N N 190 
LYS CB  HB3  sing N N 191 
LYS CG  CD   sing N N 192 
LYS CG  HG2  sing N N 193 
LYS CG  HG3  sing N N 194 
LYS CD  CE   sing N N 195 
LYS CD  HD2  sing N N 196 
LYS CD  HD3  sing N N 197 
LYS CE  NZ   sing N N 198 
LYS CE  HE2  sing N N 199 
LYS CE  HE3  sing N N 200 
LYS NZ  HZ1  sing N N 201 
LYS NZ  HZ2  sing N N 202 
LYS NZ  HZ3  sing N N 203 
LYS OXT HXT  sing N N 204 
MET N   CA   sing N N 205 
MET N   H    sing N N 206 
MET N   H2   sing N N 207 
MET CA  C    sing N N 208 
MET CA  CB   sing N N 209 
MET CA  HA   sing N N 210 
MET C   O    doub N N 211 
MET C   OXT  sing N N 212 
MET CB  CG   sing N N 213 
MET CB  HB2  sing N N 214 
MET CB  HB3  sing N N 215 
MET CG  SD   sing N N 216 
MET CG  HG2  sing N N 217 
MET CG  HG3  sing N N 218 
MET SD  CE   sing N N 219 
MET CE  HE1  sing N N 220 
MET CE  HE2  sing N N 221 
MET CE  HE3  sing N N 222 
MET OXT HXT  sing N N 223 
PHE N   CA   sing N N 224 
PHE N   H    sing N N 225 
PHE N   H2   sing N N 226 
PHE CA  C    sing N N 227 
PHE CA  CB   sing N N 228 
PHE CA  HA   sing N N 229 
PHE C   O    doub N N 230 
PHE C   OXT  sing N N 231 
PHE CB  CG   sing N N 232 
PHE CB  HB2  sing N N 233 
PHE CB  HB3  sing N N 234 
PHE CG  CD1  doub Y N 235 
PHE CG  CD2  sing Y N 236 
PHE CD1 CE1  sing Y N 237 
PHE CD1 HD1  sing N N 238 
PHE CD2 CE2  doub Y N 239 
PHE CD2 HD2  sing N N 240 
PHE CE1 CZ   doub Y N 241 
PHE CE1 HE1  sing N N 242 
PHE CE2 CZ   sing Y N 243 
PHE CE2 HE2  sing N N 244 
PHE CZ  HZ   sing N N 245 
PHE OXT HXT  sing N N 246 
PRO N   CA   sing N N 247 
PRO N   CD   sing N N 248 
PRO N   H    sing N N 249 
PRO CA  C    sing N N 250 
PRO CA  CB   sing N N 251 
PRO CA  HA   sing N N 252 
PRO C   O    doub N N 253 
PRO C   OXT  sing N N 254 
PRO CB  CG   sing N N 255 
PRO CB  HB2  sing N N 256 
PRO CB  HB3  sing N N 257 
PRO CG  CD   sing N N 258 
PRO CG  HG2  sing N N 259 
PRO CG  HG3  sing N N 260 
PRO CD  HD2  sing N N 261 
PRO CD  HD3  sing N N 262 
PRO OXT HXT  sing N N 263 
SER N   CA   sing N N 264 
SER N   H    sing N N 265 
SER N   H2   sing N N 266 
SER CA  C    sing N N 267 
SER CA  CB   sing N N 268 
SER CA  HA   sing N N 269 
SER C   O    doub N N 270 
SER C   OXT  sing N N 271 
SER CB  OG   sing N N 272 
SER CB  HB2  sing N N 273 
SER CB  HB3  sing N N 274 
SER OG  HG   sing N N 275 
SER OXT HXT  sing N N 276 
THR N   CA   sing N N 277 
THR N   H    sing N N 278 
THR N   H2   sing N N 279 
THR CA  C    sing N N 280 
THR CA  CB   sing N N 281 
THR CA  HA   sing N N 282 
THR C   O    doub N N 283 
THR C   OXT  sing N N 284 
THR CB  OG1  sing N N 285 
THR CB  CG2  sing N N 286 
THR CB  HB   sing N N 287 
THR OG1 HG1  sing N N 288 
THR CG2 HG21 sing N N 289 
THR CG2 HG22 sing N N 290 
THR CG2 HG23 sing N N 291 
THR OXT HXT  sing N N 292 
TRP N   CA   sing N N 293 
TRP N   H    sing N N 294 
TRP N   H2   sing N N 295 
TRP CA  C    sing N N 296 
TRP CA  CB   sing N N 297 
TRP CA  HA   sing N N 298 
TRP C   O    doub N N 299 
TRP C   OXT  sing N N 300 
TRP CB  CG   sing N N 301 
TRP CB  HB2  sing N N 302 
TRP CB  HB3  sing N N 303 
TRP CG  CD1  doub Y N 304 
TRP CG  CD2  sing Y N 305 
TRP CD1 NE1  sing Y N 306 
TRP CD1 HD1  sing N N 307 
TRP CD2 CE2  doub Y N 308 
TRP CD2 CE3  sing Y N 309 
TRP NE1 CE2  sing Y N 310 
TRP NE1 HE1  sing N N 311 
TRP CE2 CZ2  sing Y N 312 
TRP CE3 CZ3  doub Y N 313 
TRP CE3 HE3  sing N N 314 
TRP CZ2 CH2  doub Y N 315 
TRP CZ2 HZ2  sing N N 316 
TRP CZ3 CH2  sing Y N 317 
TRP CZ3 HZ3  sing N N 318 
TRP CH2 HH2  sing N N 319 
TRP OXT HXT  sing N N 320 
TYR N   CA   sing N N 321 
TYR N   H    sing N N 322 
TYR N   H2   sing N N 323 
TYR CA  C    sing N N 324 
TYR CA  CB   sing N N 325 
TYR CA  HA   sing N N 326 
TYR C   O    doub N N 327 
TYR C   OXT  sing N N 328 
TYR CB  CG   sing N N 329 
TYR CB  HB2  sing N N 330 
TYR CB  HB3  sing N N 331 
TYR CG  CD1  doub Y N 332 
TYR CG  CD2  sing Y N 333 
TYR CD1 CE1  sing Y N 334 
TYR CD1 HD1  sing N N 335 
TYR CD2 CE2  doub Y N 336 
TYR CD2 HD2  sing N N 337 
TYR CE1 CZ   doub Y N 338 
TYR CE1 HE1  sing N N 339 
TYR CE2 CZ   sing Y N 340 
TYR CE2 HE2  sing N N 341 
TYR CZ  OH   sing N N 342 
TYR OH  HH   sing N N 343 
TYR OXT HXT  sing N N 344 
VAL N   CA   sing N N 345 
VAL N   H    sing N N 346 
VAL N   H2   sing N N 347 
VAL CA  C    sing N N 348 
VAL CA  CB   sing N N 349 
VAL CA  HA   sing N N 350 
VAL C   O    doub N N 351 
VAL C   OXT  sing N N 352 
VAL CB  CG1  sing N N 353 
VAL CB  CG2  sing N N 354 
VAL CB  HB   sing N N 355 
VAL CG1 HG11 sing N N 356 
VAL CG1 HG12 sing N N 357 
VAL CG1 HG13 sing N N 358 
VAL CG2 HG21 sing N N 359 
VAL CG2 HG22 sing N N 360 
VAL CG2 HG23 sing N N 361 
VAL OXT HXT  sing N N 362 
# 
_pdbx_audit_support.funding_organization   'National Science Foundation (NSF, China)' 
_pdbx_audit_support.country                China 
_pdbx_audit_support.grant_number           31822012 
_pdbx_audit_support.ordinal                1 
# 
_atom_sites.entry_id                    7DTR 
_atom_sites.Cartn_transf_matrix[1][1]   ? 
_atom_sites.Cartn_transf_matrix[1][2]   ? 
_atom_sites.Cartn_transf_matrix[1][3]   ? 
_atom_sites.Cartn_transf_matrix[2][1]   ? 
_atom_sites.Cartn_transf_matrix[2][2]   ? 
_atom_sites.Cartn_transf_matrix[2][3]   ? 
_atom_sites.Cartn_transf_matrix[3][1]   ? 
_atom_sites.Cartn_transf_matrix[3][2]   ? 
_atom_sites.Cartn_transf_matrix[3][3]   ? 
_atom_sites.Cartn_transf_vector[1]      ? 
_atom_sites.Cartn_transf_vector[2]      ? 
_atom_sites.Cartn_transf_vector[3]      ? 
_atom_sites.fract_transf_matrix[1][1]   -0.00828941 
_atom_sites.fract_transf_matrix[1][2]   0.01181186 
_atom_sites.fract_transf_matrix[1][3]   -0.00356210 
_atom_sites.fract_transf_matrix[2][1]   -0.00601701 
_atom_sites.fract_transf_matrix[2][2]   0.00104268 
_atom_sites.fract_transf_matrix[2][3]   -0.01355054 
_atom_sites.fract_transf_matrix[3][1]   -0.00563129 
_atom_sites.fract_transf_matrix[3][2]   -0.00327386 
_atom_sites.fract_transf_matrix[3][3]   0.00224861 
_atom_sites.fract_transf_vector[1]      0.239205 
_atom_sites.fract_transf_vector[2]      -0.319808 
_atom_sites.fract_transf_vector[3]      0.008854 
_atom_sites.solution_primary            ? 
_atom_sites.solution_secondary          ? 
_atom_sites.solution_hydrogens          ? 
_atom_sites.special_details             ? 
# 
loop_
_atom_type.symbol 
C  
N  
O  
S  
SE 
# 
loop_
_atom_site.group_PDB 
_atom_site.id 
_atom_site.type_symbol 
_atom_site.label_atom_id 
_atom_site.label_alt_id 
_atom_site.label_comp_id 
_atom_site.label_asym_id 
_atom_site.label_entity_id 
_atom_site.label_seq_id 
_atom_site.pdbx_PDB_ins_code 
_atom_site.Cartn_x 
_atom_site.Cartn_y 
_atom_site.Cartn_z 
_atom_site.occupancy 
_atom_site.B_iso_or_equiv 
_atom_site.pdbx_formal_charge 
_atom_site.auth_seq_id 
_atom_site.auth_comp_id 
_atom_site.auth_asym_id 
_atom_site.auth_atom_id 
_atom_site.pdbx_PDB_model_num 
ATOM   1    N N   . MET A 1 1   ? 8.735   -14.190 11.741  1.00 79.96 ? 1   MET A N   1 
ATOM   2    C CA  . MET A 1 1   ? 8.341   -12.795 11.574  1.00 77.33 ? 1   MET A CA  1 
ATOM   3    C C   . MET A 1 1   ? 6.833   -12.649 11.425  1.00 75.32 ? 1   MET A C   1 
ATOM   4    O O   . MET A 1 1   ? 6.139   -12.306 12.382  1.00 69.44 ? 1   MET A O   1 
ATOM   5    C CB  . MET A 1 1   ? 9.033   -12.174 10.356  1.00 76.55 ? 1   MET A CB  1 
ATOM   6    C CG  . MET A 1 1   ? 10.068  -11.114 10.697  1.00 77.46 ? 1   MET A CG  1 
ATOM   7    S SD  . MET A 1 1   ? 10.457  -10.072 9.278   1.00 91.57 ? 1   MET A SD  1 
ATOM   8    C CE  . MET A 1 1   ? 11.617  -11.122 8.406   1.00 93.72 ? 1   MET A CE  1 
ATOM   9    N N   . ASN A 1 2   ? 6.344   -12.919 10.214  1.00 75.69 ? 2   ASN A N   1 
ATOM   10   C CA  . ASN A 1 2   ? 4.958   -12.667 9.820   1.00 68.61 ? 2   ASN A CA  1 
ATOM   11   C C   . ASN A 1 2   ? 4.628   -11.176 9.953   1.00 66.83 ? 2   ASN A C   1 
ATOM   12   O O   . ASN A 1 2   ? 3.840   -10.740 10.794  1.00 59.24 ? 2   ASN A O   1 
ATOM   13   C CB  . ASN A 1 2   ? 3.979   -13.534 10.622  1.00 68.29 ? 2   ASN A CB  1 
ATOM   14   C CG  . ASN A 1 2   ? 3.614   -14.813 9.899   1.00 70.72 ? 2   ASN A CG  1 
ATOM   15   O OD1 . ASN A 1 2   ? 4.312   -15.235 8.974   1.00 69.07 ? 2   ASN A OD1 1 
ATOM   16   N ND2 . ASN A 1 2   ? 2.513   -15.434 10.307  1.00 71.33 ? 2   ASN A ND2 1 
ATOM   17   N N   . ALA A 1 3   ? 5.279   -10.406 9.085   1.00 64.58 ? 3   ALA A N   1 
ATOM   18   C CA  . ALA A 1 3   ? 5.002   -8.981  8.997   1.00 57.45 ? 3   ALA A CA  1 
ATOM   19   C C   . ALA A 1 3   ? 3.562   -8.754  8.551   1.00 53.11 ? 3   ALA A C   1 
ATOM   20   O O   . ALA A 1 3   ? 2.944   -9.601  7.900   1.00 52.05 ? 3   ALA A O   1 
ATOM   21   C CB  . ALA A 1 3   ? 5.973   -8.308  8.028   1.00 46.93 ? 3   ALA A CB  1 
ATOM   22   N N   . ILE A 1 4   ? 3.023   -7.599  8.920   1.00 46.10 ? 4   ILE A N   1 
ATOM   23   C CA  . ILE A 1 4   ? 1.659   -7.215  8.582   1.00 38.05 ? 4   ILE A CA  1 
ATOM   24   C C   . ILE A 1 4   ? 1.731   -6.138  7.514   1.00 32.32 ? 4   ILE A C   1 
ATOM   25   O O   . ILE A 1 4   ? 2.414   -5.128  7.695   1.00 32.47 ? 4   ILE A O   1 
ATOM   26   C CB  . ILE A 1 4   ? 0.894   -6.718  9.819   1.00 39.33 ? 4   ILE A CB  1 
ATOM   27   C CG1 . ILE A 1 4   ? 0.984   -7.750  10.944  1.00 42.54 ? 4   ILE A CG1 1 
ATOM   28   C CG2 . ILE A 1 4   ? -0.557  -6.420  9.478   1.00 32.75 ? 4   ILE A CG2 1 
ATOM   29   C CD1 . ILE A 1 4   ? 0.812   -7.160  12.331  1.00 36.71 ? 4   ILE A CD1 1 
ATOM   30   N N   . HIS A 1 5   ? 1.031   -6.342  6.405   1.00 36.17 ? 5   HIS A N   1 
ATOM   31   C CA  . HIS A 1 5   ? 1.061   -5.397  5.296   1.00 34.85 ? 5   HIS A CA  1 
ATOM   32   C C   . HIS A 1 5   ? -0.307  -4.746  5.153   1.00 31.66 ? 5   HIS A C   1 
ATOM   33   O O   . HIS A 1 5   ? -1.317  -5.439  4.993   1.00 36.60 ? 5   HIS A O   1 
ATOM   34   C CB  . HIS A 1 5   ? 1.489   -6.087  4.001   1.00 35.29 ? 5   HIS A CB  1 
ATOM   35   C CG  . HIS A 1 5   ? 2.929   -6.499  3.998   1.00 39.04 ? 5   HIS A CG  1 
ATOM   36   N ND1 . HIS A 1 5   ? 3.956   -5.614  3.747   1.00 40.56 ? 5   HIS A ND1 1 
ATOM   37   C CD2 . HIS A 1 5   ? 3.514   -7.696  4.239   1.00 37.22 ? 5   HIS A CD2 1 
ATOM   38   C CE1 . HIS A 1 5   ? 5.112   -6.251  3.823   1.00 34.98 ? 5   HIS A CE1 1 
ATOM   39   N NE2 . HIS A 1 5   ? 4.870   -7.516  4.120   1.00 37.90 ? 5   HIS A NE2 1 
ATOM   40   N N   . ILE A 1 6   ? -0.333  -3.418  5.220   1.00 29.32 ? 6   ILE A N   1 
ATOM   41   C CA  . ILE A 1 6   ? -1.568  -2.639  5.131   1.00 25.24 ? 6   ILE A CA  1 
ATOM   42   C C   . ILE A 1 6   ? -1.345  -1.626  4.012   1.00 22.44 ? 6   ILE A C   1 
ATOM   43   O O   . ILE A 1 6   ? -0.828  -0.527  4.240   1.00 18.44 ? 6   ILE A O   1 
ATOM   44   C CB  . ILE A 1 6   ? -1.922  -1.942  6.447   1.00 24.22 ? 6   ILE A CB  1 
ATOM   45   C CG1 . ILE A 1 6   ? -1.901  -2.943  7.602   1.00 28.71 ? 6   ILE A CG1 1 
ATOM   46   C CG2 . ILE A 1 6   ? -3.279  -1.262  6.340   1.00 26.79 ? 6   ILE A CG2 1 
ATOM   47   C CD1 . ILE A 1 6   ? -1.759  -2.291  8.958   1.00 29.13 ? 6   ILE A CD1 1 
ATOM   48   N N   . GLY A 1 7   ? -1.747  -1.986  2.796   1.00 22.63 ? 7   GLY A N   1 
ATOM   49   C CA  . GLY A 1 7   ? -1.451  -1.179  1.641   1.00 18.87 ? 7   GLY A CA  1 
ATOM   50   C C   . GLY A 1 7   ? 0.044   -0.973  1.521   1.00 17.24 ? 7   GLY A C   1 
ATOM   51   O O   . GLY A 1 7   ? 0.828   -1.925  1.563   1.00 18.38 ? 7   GLY A O   1 
ATOM   52   N N   . PRO A 1 8   ? 0.473   0.285   1.407   1.00 19.55 ? 8   PRO A N   1 
ATOM   53   C CA  . PRO A 1 8   ? 1.907   0.577   1.318   1.00 19.08 ? 8   PRO A CA  1 
ATOM   54   C C   . PRO A 1 8   ? 2.626   0.578   2.658   1.00 25.63 ? 8   PRO A C   1 
ATOM   55   O O   . PRO A 1 8   ? 3.840   0.806   2.687   1.00 22.49 ? 8   PRO A O   1 
ATOM   56   C CB  . PRO A 1 8   ? 1.926   1.972   0.684   1.00 19.35 ? 8   PRO A CB  1 
ATOM   57   C CG  . PRO A 1 8   ? 0.673   2.611   1.182   1.00 18.69 ? 8   PRO A CG  1 
ATOM   58   C CD  . PRO A 1 8   ? -0.350  1.505   1.336   1.00 17.12 ? 8   PRO A CD  1 
ATOM   59   N N   . PHE A 1 9   ? 1.920   0.331   3.759   1.00 19.27 ? 9   PHE A N   1 
ATOM   60   C CA  . PHE A 1 9   ? 2.537   0.291   5.074   1.00 22.69 ? 9   PHE A CA  1 
ATOM   61   C C   . PHE A 1 9   ? 2.887   -1.140  5.451   1.00 24.10 ? 9   PHE A C   1 
ATOM   62   O O   . PHE A 1 9   ? 2.235   -2.094  5.017   1.00 21.78 ? 9   PHE A O   1 
ATOM   63   C CB  . PHE A 1 9   ? 1.607   0.878   6.139   1.00 20.32 ? 9   PHE A CB  1 
ATOM   64   C CG  . PHE A 1 9   ? 1.194   2.294   5.876   1.00 21.19 ? 9   PHE A CG  1 
ATOM   65   C CD1 . PHE A 1 9   ? 1.992   3.347   6.287   1.00 21.87 ? 9   PHE A CD1 1 
ATOM   66   C CD2 . PHE A 1 9   ? 0.001   2.573   5.233   1.00 20.91 ? 9   PHE A CD2 1 
ATOM   67   C CE1 . PHE A 1 9   ? 1.614   4.650   6.051   1.00 19.80 ? 9   PHE A CE1 1 
ATOM   68   C CE2 . PHE A 1 9   ? -0.382  3.875   4.995   1.00 20.50 ? 9   PHE A CE2 1 
ATOM   69   C CZ  . PHE A 1 9   ? 0.428   4.915   5.403   1.00 22.53 ? 9   PHE A CZ  1 
ATOM   70   N N   . SER A 1 10  ? 3.908   -1.282  6.289   1.00 26.08 ? 10  SER A N   1 
ATOM   71   C CA  . SER A 1 10  ? 4.265   -2.591  6.817   1.00 28.26 ? 10  SER A CA  1 
ATOM   72   C C   . SER A 1 10  ? 4.625   -2.471  8.289   1.00 28.00 ? 10  SER A C   1 
ATOM   73   O O   . SER A 1 10  ? 5.207   -1.476  8.719   1.00 33.82 ? 10  SER A O   1 
ATOM   74   C CB  . SER A 1 10  ? 5.428   -3.218  6.035   1.00 30.35 ? 10  SER A CB  1 
ATOM   75   O OG  . SER A 1 10  ? 6.580   -2.398  6.083   1.00 38.36 ? 10  SER A OG  1 
ATOM   76   N N   . ILE A 1 11  ? 4.264   -3.488  9.061   1.00 28.89 ? 11  ILE A N   1 
ATOM   77   C CA  . ILE A 1 11  ? 4.617   -3.585  10.472  1.00 38.23 ? 11  ILE A CA  1 
ATOM   78   C C   . ILE A 1 11  ? 5.445   -4.849  10.644  1.00 36.69 ? 11  ILE A C   1 
ATOM   79   O O   . ILE A 1 11  ? 4.975   -5.955  10.345  1.00 37.77 ? 11  ILE A O   1 
ATOM   80   C CB  . ILE A 1 11  ? 3.379   -3.608  11.381  1.00 34.10 ? 11  ILE A CB  1 
ATOM   81   C CG1 . ILE A 1 11  ? 2.320   -2.633  10.864  1.00 28.21 ? 11  ILE A CG1 1 
ATOM   82   C CG2 . ILE A 1 11  ? 3.769   -3.253  12.805  1.00 31.65 ? 11  ILE A CG2 1 
ATOM   83   C CD1 . ILE A 1 11  ? 1.005   -2.710  11.614  1.00 30.97 ? 11  ILE A CD1 1 
ATOM   84   N N   . THR A 1 12  ? 6.675   -4.683  11.121  1.00 41.08 ? 12  THR A N   1 
ATOM   85   C CA  . THR A 1 12  ? 7.633   -5.768  11.203  1.00 46.34 ? 12  THR A CA  1 
ATOM   86   C C   . THR A 1 12  ? 8.022   -6.031  12.650  1.00 45.16 ? 12  THR A C   1 
ATOM   87   O O   . THR A 1 12  ? 8.302   -5.081  13.399  1.00 39.78 ? 12  THR A O   1 
ATOM   88   C CB  . THR A 1 12  ? 8.890   -5.449  10.387  1.00 42.33 ? 12  THR A CB  1 
ATOM   89   O OG1 . THR A 1 12  ? 9.274   -4.089  10.619  1.00 49.46 ? 12  THR A OG1 1 
ATOM   90   C CG2 . THR A 1 12  ? 8.623   -5.650  8.905   1.00 46.72 ? 12  THR A CG2 1 
ATOM   91   N N   . PRO A 1 13  ? 8.057   -7.288  13.078  1.00 43.92 ? 13  PRO A N   1 
ATOM   92   C CA  . PRO A 1 13  ? 8.536   -7.603  14.424  1.00 48.40 ? 13  PRO A CA  1 
ATOM   93   C C   . PRO A 1 13  ? 10.051  -7.729  14.460  1.00 51.76 ? 13  PRO A C   1 
ATOM   94   O O   . PRO A 1 13  ? 10.696  -8.100  13.477  1.00 52.19 ? 13  PRO A O   1 
ATOM   95   C CB  . PRO A 1 13  ? 7.865   -8.948  14.719  1.00 48.88 ? 13  PRO A CB  1 
ATOM   96   C CG  . PRO A 1 13  ? 7.774   -9.600  13.375  1.00 48.60 ? 13  PRO A CG  1 
ATOM   97   C CD  . PRO A 1 13  ? 7.614   -8.492  12.352  1.00 49.13 ? 13  PRO A CD  1 
ATOM   98   N N   . ALA A 1 14  ? 10.613  -7.408  15.622  1.00 55.89 ? 14  ALA A N   1 
ATOM   99   C CA  . ALA A 1 14  ? 12.048  -7.533  15.823  1.00 58.30 ? 14  ALA A CA  1 
ATOM   100  C C   . ALA A 1 14  ? 12.466  -8.997  15.768  1.00 57.00 ? 14  ALA A C   1 
ATOM   101  O O   . ALA A 1 14  ? 11.684  -9.902  16.066  1.00 61.76 ? 14  ALA A O   1 
ATOM   102  C CB  . ALA A 1 14  ? 12.450  -6.917  17.162  1.00 56.30 ? 14  ALA A CB  1 
ATOM   103  N N   . ALA A 1 15  ? 13.718  -9.226  15.370  1.00 67.84 ? 15  ALA A N   1 
ATOM   104  C CA  . ALA A 1 15  ? 14.216  -10.595 15.273  1.00 65.79 ? 15  ALA A CA  1 
ATOM   105  C C   . ALA A 1 15  ? 14.266  -11.258 16.646  1.00 66.02 ? 15  ALA A C   1 
ATOM   106  O O   . ALA A 1 15  ? 13.801  -12.393 16.819  1.00 69.81 ? 15  ALA A O   1 
ATOM   107  C CB  . ALA A 1 15  ? 15.597  -10.605 14.617  1.00 60.10 ? 15  ALA A CB  1 
ATOM   108  N N   . ARG A 1 16  ? 14.826  -10.558 17.633  1.00 68.97 ? 16  ARG A N   1 
ATOM   109  C CA  . ARG A 1 16  ? 14.938  -11.042 19.005  1.00 78.16 ? 16  ARG A CA  1 
ATOM   110  C C   . ARG A 1 16  ? 13.844  -10.414 19.859  1.00 74.13 ? 16  ARG A C   1 
ATOM   111  O O   . ARG A 1 16  ? 13.702  -9.183  19.891  1.00 74.07 ? 16  ARG A O   1 
ATOM   112  C CB  . ARG A 1 16  ? 16.318  -10.724 19.590  1.00 76.82 ? 16  ARG A CB  1 
ATOM   113  C CG  . ARG A 1 16  ? 17.361  -11.794 19.309  1.00 73.02 ? 16  ARG A CG  1 
ATOM   114  C CD  . ARG A 1 16  ? 17.720  -12.560 20.574  1.00 78.73 ? 16  ARG A CD  1 
ATOM   115  N NE  . ARG A 1 16  ? 18.352  -13.842 20.273  1.00 88.08 ? 16  ARG A NE  1 
ATOM   116  C CZ  . ARG A 1 16  ? 19.484  -14.268 20.826  1.00 85.47 ? 16  ARG A CZ  1 
ATOM   117  N NH1 . ARG A 1 16  ? 19.980  -15.450 20.489  1.00 78.28 ? 16  ARG A NH1 1 
ATOM   118  N NH2 . ARG A 1 16  ? 20.121  -13.517 21.716  1.00 81.36 ? 16  ARG A NH2 1 
ATOM   119  N N   . GLY A 1 17  ? 13.065  -11.257 20.528  1.00 75.69 ? 17  GLY A N   1 
ATOM   120  C CA  . GLY A 1 17  ? 12.036  -10.772 21.418  1.00 76.05 ? 17  GLY A CA  1 
ATOM   121  C C   . GLY A 1 17  ? 12.601  -10.218 22.705  1.00 79.34 ? 17  GLY A C   1 
ATOM   122  O O   . GLY A 1 17  ? 13.808  -10.137 22.923  1.00 84.09 ? 17  GLY A O   1 
ATOM   123  N N   . LEU A 1 18  ? 11.685  -9.819  23.578  1.00 79.06 ? 18  LEU A N   1 
ATOM   124  C CA  . LEU A 1 18  ? 12.028  -9.318  24.897  1.00 79.53 ? 18  LEU A CA  1 
ATOM   125  C C   . LEU A 1 18  ? 11.095  -9.956  25.917  1.00 83.80 ? 18  LEU A C   1 
ATOM   126  O O   . LEU A 1 18  ? 10.198  -10.728 25.569  1.00 80.50 ? 18  LEU A O   1 
ATOM   127  C CB  . LEU A 1 18  ? 11.936  -7.788  24.952  1.00 81.48 ? 18  LEU A CB  1 
ATOM   128  C CG  . LEU A 1 18  ? 12.966  -6.943  24.198  1.00 82.06 ? 18  LEU A CG  1 
ATOM   129  C CD1 . LEU A 1 18  ? 12.306  -5.687  23.660  1.00 77.18 ? 18  LEU A CD1 1 
ATOM   130  C CD2 . LEU A 1 18  ? 14.145  -6.582  25.093  1.00 83.18 ? 18  LEU A CD2 1 
ATOM   131  N N   . HIS A 1 19  ? 11.309  -9.631  27.190  1.00 85.74 ? 19  HIS A N   1 
ATOM   132  C CA  . HIS A 1 19  ? 10.452  -10.110 28.265  1.00 85.57 ? 19  HIS A CA  1 
ATOM   133  C C   . HIS A 1 19  ? 10.060  -8.944  29.161  1.00 85.84 ? 19  HIS A C   1 
ATOM   134  O O   . HIS A 1 19  ? 10.927  -8.194  29.626  1.00 86.34 ? 19  HIS A O   1 
ATOM   135  C CB  . HIS A 1 19  ? 11.142  -11.213 29.085  1.00 87.00 ? 19  HIS A CB  1 
ATOM   136  C CG  . HIS A 1 19  ? 10.727  -12.602 28.704  1.00 87.80 ? 19  HIS A CG  1 
ATOM   137  N ND1 . HIS A 1 19  ? 11.381  -13.342 27.740  1.00 90.56 ? 19  HIS A ND1 1 
ATOM   138  C CD2 . HIS A 1 19  ? 9.726   -13.388 29.166  1.00 86.85 ? 19  HIS A CD2 1 
ATOM   139  C CE1 . HIS A 1 19  ? 10.798  -14.522 27.625  1.00 88.90 ? 19  HIS A CE1 1 
ATOM   140  N NE2 . HIS A 1 19  ? 9.791   -14.576 28.478  1.00 87.55 ? 19  HIS A NE2 1 
ATOM   141  N N   . TYR A 1 20  ? 8.758   -8.786  29.393  1.00 85.35 ? 20  TYR A N   1 
ATOM   142  C CA  . TYR A 1 20  ? 8.262   -7.725  30.258  1.00 85.87 ? 20  TYR A CA  1 
ATOM   143  C C   . TYR A 1 20  ? 7.138   -8.285  31.114  1.00 88.14 ? 20  TYR A C   1 
ATOM   144  O O   . TYR A 1 20  ? 6.248   -8.973  30.607  1.00 87.35 ? 20  TYR A O   1 
ATOM   145  C CB  . TYR A 1 20  ? 7.769   -6.504  29.465  1.00 82.21 ? 20  TYR A CB  1 
ATOM   146  C CG  . TYR A 1 20  ? 8.870   -5.724  28.762  1.00 88.30 ? 20  TYR A CG  1 
ATOM   147  C CD1 . TYR A 1 20  ? 9.436   -6.189  27.585  1.00 89.29 ? 20  TYR A CD1 1 
ATOM   148  C CD2 . TYR A 1 20  ? 9.359   -4.531  29.294  1.00 86.97 ? 20  TYR A CD2 1 
ATOM   149  C CE1 . TYR A 1 20  ? 10.447  -5.493  26.944  1.00 91.65 ? 20  TYR A CE1 1 
ATOM   150  C CE2 . TYR A 1 20  ? 10.382  -3.817  28.653  1.00 90.08 ? 20  TYR A CE2 1 
ATOM   151  C CZ  . TYR A 1 20  ? 10.921  -4.315  27.473  1.00 91.86 ? 20  TYR A CZ  1 
ATOM   152  O OH  . TYR A 1 20  ? 11.928  -3.665  26.792  1.00 91.26 ? 20  TYR A OH  1 
ATOM   153  N N   . GLY A 1 21  ? 7.197   -8.010  32.414  1.00 90.47 ? 21  GLY A N   1 
ATOM   154  C CA  . GLY A 1 21  ? 6.152   -8.471  33.326  1.00 86.82 ? 21  GLY A CA  1 
ATOM   155  C C   . GLY A 1 21  ? 5.936   -9.965  33.290  1.00 87.48 ? 21  GLY A C   1 
ATOM   156  O O   . GLY A 1 21  ? 4.795   -10.435 33.379  1.00 85.44 ? 21  GLY A O   1 
ATOM   157  N N   . GLY A 1 22  ? 7.015   -10.728 33.140  1.00 85.70 ? 22  GLY A N   1 
ATOM   158  C CA  . GLY A 1 22  ? 6.898   -12.171 33.096  1.00 84.27 ? 22  GLY A CA  1 
ATOM   159  C C   . GLY A 1 22  ? 6.168   -12.696 31.886  1.00 86.32 ? 22  GLY A C   1 
ATOM   160  O O   . GLY A 1 22  ? 5.670   -13.823 31.916  1.00 81.39 ? 22  GLY A O   1 
ATOM   161  N N   . LEU A 1 23  ? 6.076   -11.904 30.820  1.00 89.58 ? 23  LEU A N   1 
ATOM   162  C CA  . LEU A 1 23  ? 5.444   -12.343 29.588  1.00 86.54 ? 23  LEU A CA  1 
ATOM   163  C C   . LEU A 1 23  ? 6.315   -11.981 28.395  1.00 83.80 ? 23  LEU A C   1 
ATOM   164  O O   . LEU A 1 23  ? 7.011   -10.956 28.410  1.00 83.56 ? 23  LEU A O   1 
ATOM   165  C CB  . LEU A 1 23  ? 4.050   -11.720 29.410  1.00 83.53 ? 23  LEU A CB  1 
ATOM   166  C CG  . LEU A 1 23  ? 3.021   -11.943 30.520  1.00 78.06 ? 23  LEU A CG  1 
ATOM   167  C CD1 . LEU A 1 23  ? 2.001   -10.817 30.529  1.00 76.77 ? 23  LEU A CD1 1 
ATOM   168  C CD2 . LEU A 1 23  ? 2.341   -13.294 30.357  1.00 73.90 ? 23  LEU A CD2 1 
ATOM   169  N N   . PRO A 1 24  ? 6.305   -12.814 27.355  1.00 85.63 ? 24  PRO A N   1 
ATOM   170  C CA  . PRO A 1 24  ? 7.090   -12.500 26.157  1.00 81.58 ? 24  PRO A CA  1 
ATOM   171  C C   . PRO A 1 24  ? 6.514   -11.308 25.411  1.00 77.39 ? 24  PRO A C   1 
ATOM   172  O O   . PRO A 1 24  ? 5.300   -11.091 25.374  1.00 73.19 ? 24  PRO A O   1 
ATOM   173  C CB  . PRO A 1 24  ? 6.993   -13.782 25.320  1.00 77.66 ? 24  PRO A CB  1 
ATOM   174  C CG  . PRO A 1 24  ? 5.758   -14.457 25.798  1.00 77.77 ? 24  PRO A CG  1 
ATOM   175  C CD  . PRO A 1 24  ? 5.653   -14.131 27.259  1.00 83.10 ? 24  PRO A CD  1 
ATOM   176  N N   . HIS A 1 25  ? 7.413   -10.535 24.805  1.00 74.39 ? 25  HIS A N   1 
ATOM   177  C CA  . HIS A 1 25  ? 7.069   -9.300  24.119  1.00 70.98 ? 25  HIS A CA  1 
ATOM   178  C C   . HIS A 1 25  ? 7.906   -9.193  22.854  1.00 72.48 ? 25  HIS A C   1 
ATOM   179  O O   . HIS A 1 25  ? 8.905   -9.897  22.679  1.00 75.20 ? 25  HIS A O   1 
ATOM   180  C CB  . HIS A 1 25  ? 7.316   -8.077  25.007  1.00 72.31 ? 25  HIS A CB  1 
ATOM   181  C CG  . HIS A 1 25  ? 6.193   -7.768  25.946  1.00 72.69 ? 25  HIS A CG  1 
ATOM   182  N ND1 . HIS A 1 25  ? 5.544   -6.553  25.953  1.00 70.60 ? 25  HIS A ND1 1 
ATOM   183  C CD2 . HIS A 1 25  ? 5.613   -8.510  26.919  1.00 73.68 ? 25  HIS A CD2 1 
ATOM   184  C CE1 . HIS A 1 25  ? 4.608   -6.560  26.884  1.00 73.41 ? 25  HIS A CE1 1 
ATOM   185  N NE2 . HIS A 1 25  ? 4.628   -7.737  27.485  1.00 77.56 ? 25  HIS A NE2 1 
ATOM   186  N N   . HIS A 1 26  ? 7.503   -8.278  21.974  1.00 66.82 ? 26  HIS A N   1 
ATOM   187  C CA  . HIS A 1 26  ? 8.214   -8.047  20.727  1.00 63.45 ? 26  HIS A CA  1 
ATOM   188  C C   . HIS A 1 26  ? 8.127   -6.571  20.370  1.00 58.50 ? 26  HIS A C   1 
ATOM   189  O O   . HIS A 1 26  ? 7.114   -5.914  20.624  1.00 58.83 ? 26  HIS A O   1 
ATOM   190  C CB  . HIS A 1 26  ? 7.646   -8.900  19.587  1.00 65.46 ? 26  HIS A CB  1 
ATOM   191  C CG  . HIS A 1 26  ? 8.285   -10.250 19.459  1.00 67.38 ? 26  HIS A CG  1 
ATOM   192  N ND1 . HIS A 1 26  ? 7.990   -11.295 20.307  1.00 71.14 ? 26  HIS A ND1 1 
ATOM   193  C CD2 . HIS A 1 26  ? 9.196   -10.724 18.577  1.00 65.42 ? 26  HIS A CD2 1 
ATOM   194  C CE1 . HIS A 1 26  ? 8.694   -12.357 19.953  1.00 69.39 ? 26  HIS A CE1 1 
ATOM   195  N NE2 . HIS A 1 26  ? 9.434   -12.037 18.907  1.00 68.12 ? 26  HIS A NE2 1 
ATOM   196  N N   . GLN A 1 27  ? 9.197   -6.059  19.769  1.00 54.81 ? 27  GLN A N   1 
ATOM   197  C CA  . GLN A 1 27  ? 9.275   -4.664  19.346  1.00 53.51 ? 27  GLN A CA  1 
ATOM   198  C C   . GLN A 1 27  ? 8.887   -4.582  17.873  1.00 52.50 ? 27  GLN A C   1 
ATOM   199  O O   . GLN A 1 27  ? 9.614   -5.078  17.004  1.00 53.28 ? 27  GLN A O   1 
ATOM   200  C CB  . GLN A 1 27  ? 10.676  -4.103  19.582  1.00 52.05 ? 27  GLN A CB  1 
ATOM   201  C CG  . GLN A 1 27  ? 10.911  -2.742  18.957  1.00 52.37 ? 27  GLN A CG  1 
ATOM   202  C CD  . GLN A 1 27  ? 11.833  -1.867  19.788  1.00 57.76 ? 27  GLN A CD  1 
ATOM   203  O OE1 . GLN A 1 27  ? 11.762  -1.860  21.018  1.00 61.05 ? 27  GLN A OE1 1 
ATOM   204  N NE2 . GLN A 1 27  ? 12.704  -1.121  19.116  1.00 51.96 ? 27  GLN A NE2 1 
ATOM   205  N N   . TRP A 1 28  ? 7.740   -3.965  17.596  1.00 47.12 ? 28  TRP A N   1 
ATOM   206  C CA  . TRP A 1 28  ? 7.214   -3.820  16.250  1.00 42.15 ? 28  TRP A CA  1 
ATOM   207  C C   . TRP A 1 28  ? 7.531   -2.434  15.707  1.00 40.92 ? 28  TRP A C   1 
ATOM   208  O O   . TRP A 1 28  ? 7.440   -1.432  16.427  1.00 38.40 ? 28  TRP A O   1 
ATOM   209  C CB  . TRP A 1 28  ? 5.700   -4.038  16.232  1.00 44.37 ? 28  TRP A CB  1 
ATOM   210  C CG  . TRP A 1 28  ? 5.289   -5.429  16.578  1.00 40.44 ? 28  TRP A CG  1 
ATOM   211  C CD1 . TRP A 1 28  ? 5.189   -5.970  17.827  1.00 47.28 ? 28  TRP A CD1 1 
ATOM   212  C CD2 . TRP A 1 28  ? 4.917   -6.464  15.662  1.00 44.02 ? 28  TRP A CD2 1 
ATOM   213  N NE1 . TRP A 1 28  ? 4.780   -7.279  17.744  1.00 43.05 ? 28  TRP A NE1 1 
ATOM   214  C CE2 . TRP A 1 28  ? 4.606   -7.605  16.425  1.00 42.83 ? 28  TRP A CE2 1 
ATOM   215  C CE3 . TRP A 1 28  ? 4.818   -6.536  14.269  1.00 42.57 ? 28  TRP A CE3 1 
ATOM   216  C CZ2 . TRP A 1 28  ? 4.200   -8.805  15.843  1.00 44.72 ? 28  TRP A CZ2 1 
ATOM   217  C CZ3 . TRP A 1 28  ? 4.416   -7.725  13.694  1.00 42.89 ? 28  TRP A CZ3 1 
ATOM   218  C CH2 . TRP A 1 28  ? 4.112   -8.844  14.478  1.00 44.50 ? 28  TRP A CH2 1 
ATOM   219  N N   . THR A 1 29  ? 7.898   -2.384  14.430  1.00 37.77 ? 29  THR A N   1 
ATOM   220  C CA  . THR A 1 29  ? 8.185   -1.134  13.742  1.00 36.64 ? 29  THR A CA  1 
ATOM   221  C C   . THR A 1 29  ? 7.218   -0.966  12.580  1.00 35.01 ? 29  THR A C   1 
ATOM   222  O O   . THR A 1 29  ? 7.021   -1.894  11.790  1.00 35.68 ? 29  THR A O   1 
ATOM   223  C CB  . THR A 1 29  ? 9.630   -1.090  13.238  1.00 40.45 ? 29  THR A CB  1 
ATOM   224  O OG1 . THR A 1 29  ? 10.521  -1.438  14.304  1.00 45.10 ? 29  THR A OG1 1 
ATOM   225  C CG2 . THR A 1 29  ? 9.973   0.306   12.740  1.00 34.78 ? 29  THR A CG2 1 
ATOM   226  N N   . LEU A 1 30  ? 6.615   0.213   12.490  1.00 29.73 ? 30  LEU A N   1 
ATOM   227  C CA  . LEU A 1 30  ? 5.730   0.579   11.394  1.00 32.55 ? 30  LEU A CA  1 
ATOM   228  C C   . LEU A 1 30  ? 6.507   1.442   10.410  1.00 32.73 ? 30  LEU A C   1 
ATOM   229  O O   . LEU A 1 30  ? 7.068   2.478   10.799  1.00 31.38 ? 30  LEU A O   1 
ATOM   230  C CB  . LEU A 1 30  ? 4.500   1.328   11.903  1.00 27.62 ? 30  LEU A CB  1 
ATOM   231  C CG  . LEU A 1 30  ? 3.689   2.038   10.819  1.00 31.23 ? 30  LEU A CG  1 
ATOM   232  C CD1 . LEU A 1 30  ? 2.825   1.032   10.072  1.00 23.24 ? 30  LEU A CD1 1 
ATOM   233  C CD2 . LEU A 1 30  ? 2.845   3.153   11.413  1.00 20.32 ? 30  LEU A CD2 1 
ATOM   234  N N   . TYR A 1 31  ? 6.517   1.006   9.146   1.00 27.14 ? 31  TYR A N   1 
ATOM   235  C CA  . TYR A 1 31  ? 7.202   1.628   8.025   1.00 31.83 ? 31  TYR A CA  1 
ATOM   236  C C   . TYR A 1 31  ? 6.201   2.022   6.948   1.00 29.51 ? 31  TYR A C   1 
ATOM   237  O O   . TYR A 1 31  ? 5.200   1.330   6.720   1.00 29.93 ? 31  TYR A O   1 
ATOM   238  C CB  . TYR A 1 31  ? 8.215   0.674   7.371   1.00 32.40 ? 31  TYR A CB  1 
ATOM   239  C CG  . TYR A 1 31  ? 9.418   0.292   8.198   1.00 35.68 ? 31  TYR A CG  1 
ATOM   240  C CD1 . TYR A 1 31  ? 10.562  1.079   8.197   1.00 37.30 ? 31  TYR A CD1 1 
ATOM   241  C CD2 . TYR A 1 31  ? 9.427   -0.879  8.944   1.00 38.35 ? 31  TYR A CD2 1 
ATOM   242  C CE1 . TYR A 1 31  ? 11.672  0.727   8.940   1.00 42.66 ? 31  TYR A CE1 1 
ATOM   243  C CE2 . TYR A 1 31  ? 10.532  -1.242  9.687   1.00 43.51 ? 31  TYR A CE2 1 
ATOM   244  C CZ  . TYR A 1 31  ? 11.652  -0.434  9.682   1.00 42.29 ? 31  TYR A CZ  1 
ATOM   245  O OH  . TYR A 1 31  ? 12.756  -0.787  10.421  1.00 51.52 ? 31  TYR A OH  1 
ATOM   246  N N   . TYR A 1 32  ? 6.501   3.125   6.270   1.00 26.71 ? 32  TYR A N   1 
ATOM   247  C CA  . TYR A 1 32  ? 5.899   3.475   4.986   1.00 27.25 ? 32  TYR A CA  1 
ATOM   248  C C   . TYR A 1 32  ? 7.002   3.295   3.949   1.00 32.33 ? 32  TYR A C   1 
ATOM   249  O O   . TYR A 1 32  ? 7.836   4.185   3.758   1.00 27.91 ? 32  TYR A O   1 
ATOM   250  C CB  . TYR A 1 32  ? 5.356   4.898   4.988   1.00 25.74 ? 32  TYR A CB  1 
ATOM   251  C CG  . TYR A 1 32  ? 4.958   5.404   3.620   1.00 26.75 ? 32  TYR A CG  1 
ATOM   252  C CD1 . TYR A 1 32  ? 3.832   4.907   2.976   1.00 24.17 ? 32  TYR A CD1 1 
ATOM   253  C CD2 . TYR A 1 32  ? 5.703   6.384   2.975   1.00 27.26 ? 32  TYR A CD2 1 
ATOM   254  C CE1 . TYR A 1 32  ? 3.460   5.368   1.725   1.00 22.15 ? 32  TYR A CE1 1 
ATOM   255  C CE2 . TYR A 1 32  ? 5.339   6.851   1.723   1.00 24.72 ? 32  TYR A CE2 1 
ATOM   256  C CZ  . TYR A 1 32  ? 4.216   6.337   1.103   1.00 23.97 ? 32  TYR A CZ  1 
ATOM   257  O OH  . TYR A 1 32  ? 3.845   6.795   -0.142  1.00 21.39 ? 32  TYR A OH  1 
ATOM   258  N N   . GLY A 1 33  ? 7.018   2.138   3.294   1.00 31.24 ? 33  GLY A N   1 
ATOM   259  C CA  . GLY A 1 33  ? 8.115   1.787   2.426   1.00 29.44 ? 33  GLY A CA  1 
ATOM   260  C C   . GLY A 1 33  ? 9.398   1.651   3.218   1.00 31.90 ? 33  GLY A C   1 
ATOM   261  O O   . GLY A 1 33  ? 9.521   0.800   4.105   1.00 35.36 ? 33  GLY A O   1 
ATOM   262  N N   . PRO A 1 34  ? 10.384  2.496   2.916   1.00 32.53 ? 34  PRO A N   1 
ATOM   263  C CA  . PRO A 1 34  ? 11.635  2.470   3.683   1.00 37.27 ? 34  PRO A CA  1 
ATOM   264  C C   . PRO A 1 34  ? 11.598  3.387   4.897   1.00 40.66 ? 34  PRO A C   1 
ATOM   265  O O   . PRO A 1 34  ? 12.442  3.273   5.790   1.00 39.76 ? 34  PRO A O   1 
ATOM   266  C CB  . PRO A 1 34  ? 12.672  2.941   2.657   1.00 34.76 ? 34  PRO A CB  1 
ATOM   267  C CG  . PRO A 1 34  ? 11.902  3.894   1.782   1.00 34.51 ? 34  PRO A CG  1 
ATOM   268  C CD  . PRO A 1 34  ? 10.457  3.418   1.767   1.00 34.82 ? 34  PRO A CD  1 
ATOM   269  N N   . ARG A 1 35  ? 10.621  4.293   4.941   1.00 35.97 ? 35  ARG A N   1 
ATOM   270  C CA  . ARG A 1 35  ? 10.562  5.307   5.987   1.00 37.84 ? 35  ARG A CA  1 
ATOM   271  C C   . ARG A 1 35  ? 10.050  4.697   7.285   1.00 39.27 ? 35  ARG A C   1 
ATOM   272  O O   . ARG A 1 35  ? 8.910   4.222   7.347   1.00 35.80 ? 35  ARG A O   1 
ATOM   273  C CB  . ARG A 1 35  ? 9.671   6.469   5.554   1.00 38.16 ? 35  ARG A CB  1 
ATOM   274  C CG  . ARG A 1 35  ? 9.583   7.578   6.581   1.00 43.26 ? 35  ARG A CG  1 
ATOM   275  C CD  . ARG A 1 35  ? 9.033   8.847   5.970   1.00 50.71 ? 35  ARG A CD  1 
ATOM   276  N NE  . ARG A 1 35  ? 7.950   9.423   6.764   1.00 52.17 ? 35  ARG A NE  1 
ATOM   277  C CZ  . ARG A 1 35  ? 6.777   9.803   6.263   1.00 56.00 ? 35  ARG A CZ  1 
ATOM   278  N NH1 . ARG A 1 35  ? 6.527   9.665   4.966   1.00 53.35 ? 35  ARG A NH1 1 
ATOM   279  N NH2 . ARG A 1 35  ? 5.852   10.326  7.060   1.00 51.32 ? 35  ARG A NH2 1 
ATOM   280  N N   . GLU A 1 36  ? 10.892  4.712   8.318   1.00 40.82 ? 36  GLU A N   1 
ATOM   281  C CA  . GLU A 1 36  ? 10.469  4.284   9.646   1.00 43.40 ? 36  GLU A CA  1 
ATOM   282  C C   . GLU A 1 36  ? 9.493   5.304   10.219  1.00 38.09 ? 36  GLU A C   1 
ATOM   283  O O   . GLU A 1 36  ? 9.821   6.489   10.344  1.00 40.18 ? 36  GLU A O   1 
ATOM   284  C CB  . GLU A 1 36  ? 11.677  4.118   10.567  1.00 45.10 ? 36  GLU A CB  1 
ATOM   285  C CG  . GLU A 1 36  ? 11.322  3.645   11.971  1.00 45.77 ? 36  GLU A CG  1 
ATOM   286  C CD  . GLU A 1 36  ? 12.545  3.383   12.835  1.00 53.12 ? 36  GLU A CD  1 
ATOM   287  O OE1 . GLU A 1 36  ? 13.682  3.579   12.353  1.00 54.18 ? 36  GLU A OE1 1 
ATOM   288  O OE2 . GLU A 1 36  ? 12.367  2.976   14.003  1.00 54.83 ? 36  GLU A OE2 1 
ATOM   289  N N   . MET A 1 37  ? 8.290   4.847   10.559  1.00 37.90 ? 37  MET A N   1 
ATOM   290  C CA  . MET A 1 37  ? 7.254   5.734   11.071  1.00 35.33 ? 37  MET A CA  1 
ATOM   291  C C   . MET A 1 37  ? 7.114   5.652   12.583  1.00 37.28 ? 37  MET A C   1 
ATOM   292  O O   . MET A 1 37  ? 7.033   6.685   13.253  1.00 37.02 ? 37  MET A O   1 
ATOM   293  C CB  . MET A 1 37  ? 5.903   5.420   10.416  1.00 32.11 ? 37  MET A CB  1 
ATOM   294  C CG  . MET A 1 37  ? 5.787   5.815   8.956   1.00 30.98 ? 37  MET A CG  1 
ATOM   295  S SD  . MET A 1 37  ? 4.203   5.269   8.298   1.00 34.52 ? 37  MET A SD  1 
ATOM   296  C CE  . MET A 1 37  ? 3.094   6.476   9.023   1.00 30.53 ? 37  MET A CE  1 
ATOM   297  N N   . ALA A 1 38  ? 7.083   4.444   13.140  1.00 31.43 ? 38  ALA A N   1 
ATOM   298  C CA  . ALA A 1 38  ? 6.838   4.353   14.577  1.00 33.47 ? 38  ALA A CA  1 
ATOM   299  C C   . ALA A 1 38  ? 7.345   3.030   15.123  1.00 35.08 ? 38  ALA A C   1 
ATOM   300  O O   . ALA A 1 38  ? 7.596   2.083   14.378  1.00 35.37 ? 38  ALA A O   1 
ATOM   301  C CB  . ALA A 1 38  ? 5.350   4.522   14.903  1.00 29.38 ? 38  ALA A CB  1 
ATOM   302  N N   . ILE A 1 39  ? 7.491   2.980   16.447  1.00 39.97 ? 39  ILE A N   1 
ATOM   303  C CA  . ILE A 1 39  ? 7.931   1.787   17.160  1.00 40.45 ? 39  ILE A CA  1 
ATOM   304  C C   . ILE A 1 39  ? 7.039   1.593   18.377  1.00 40.94 ? 39  ILE A C   1 
ATOM   305  O O   . ILE A 1 39  ? 6.701   2.559   19.070  1.00 39.50 ? 39  ILE A O   1 
ATOM   306  C CB  . ILE A 1 39  ? 9.411   1.876   17.597  1.00 44.31 ? 39  ILE A CB  1 
ATOM   307  C CG1 . ILE A 1 39  ? 10.278  2.500   16.501  1.00 48.22 ? 39  ILE A CG1 1 
ATOM   308  C CG2 . ILE A 1 39  ? 9.934   0.509   17.962  1.00 42.52 ? 39  ILE A CG2 1 
ATOM   309  C CD1 . ILE A 1 39  ? 10.606  3.959   16.745  1.00 55.31 ? 39  ILE A CD1 1 
ATOM   310  N N   . LYS A 1 40  ? 6.658   0.342   18.635  1.00 37.65 ? 40  LYS A N   1 
ATOM   311  C CA  . LYS A 1 40  ? 5.872   0.004   19.817  1.00 39.92 ? 40  LYS A CA  1 
ATOM   312  C C   . LYS A 1 40  ? 6.257   -1.393  20.274  1.00 44.99 ? 40  LYS A C   1 
ATOM   313  O O   . LYS A 1 40  ? 6.362   -2.303  19.453  1.00 46.52 ? 40  LYS A O   1 
ATOM   314  C CB  . LYS A 1 40  ? 4.363   0.063   19.535  1.00 37.51 ? 40  LYS A CB  1 
ATOM   315  C CG  . LYS A 1 40  ? 3.814   1.452   19.240  1.00 37.03 ? 40  LYS A CG  1 
ATOM   316  C CD  . LYS A 1 40  ? 2.376   1.382   18.747  1.00 34.08 ? 40  LYS A CD  1 
ATOM   317  C CE  . LYS A 1 40  ? 1.483   2.376   19.474  1.00 37.53 ? 40  LYS A CE  1 
ATOM   318  N NZ  . LYS A 1 40  ? 1.679   3.769   18.988  1.00 39.67 ? 40  LYS A NZ  1 
ATOM   319  N N   . THR A 1 41  ? 6.463   -1.566  21.576  1.00 52.74 ? 41  THR A N   1 
ATOM   320  C CA  . THR A 1 41  ? 6.747   -2.879  22.142  1.00 49.24 ? 41  THR A CA  1 
ATOM   321  C C   . THR A 1 41  ? 5.453   -3.455  22.705  1.00 53.50 ? 41  THR A C   1 
ATOM   322  O O   . THR A 1 41  ? 4.819   -2.840  23.570  1.00 55.52 ? 41  THR A O   1 
ATOM   323  C CB  . THR A 1 41  ? 7.827   -2.801  23.218  1.00 56.68 ? 41  THR A CB  1 
ATOM   324  O OG1 . THR A 1 41  ? 8.931   -2.026  22.732  1.00 53.71 ? 41  THR A OG1 1 
ATOM   325  C CG2 . THR A 1 41  ? 8.320   -4.198  23.569  1.00 58.77 ? 41  THR A CG2 1 
ATOM   326  N N   . LEU A 1 42  ? 5.070   -4.630  22.216  1.00 51.57 ? 42  LEU A N   1 
ATOM   327  C CA  . LEU A 1 42  ? 3.750   -5.192  22.457  1.00 54.31 ? 42  LEU A CA  1 
ATOM   328  C C   . LEU A 1 42  ? 3.857   -6.664  22.826  1.00 57.10 ? 42  LEU A C   1 
ATOM   329  O O   . LEU A 1 42  ? 4.804   -7.345  22.414  1.00 58.41 ? 42  LEU A O   1 
ATOM   330  C CB  . LEU A 1 42  ? 2.852   -5.035  21.219  1.00 54.04 ? 42  LEU A CB  1 
ATOM   331  C CG  . LEU A 1 42  ? 2.683   -3.605  20.698  1.00 52.25 ? 42  LEU A CG  1 
ATOM   332  C CD1 . LEU A 1 42  ? 2.635   -3.584  19.180  1.00 45.92 ? 42  LEU A CD1 1 
ATOM   333  C CD2 . LEU A 1 42  ? 1.445   -2.944  21.287  1.00 48.67 ? 42  LEU A CD2 1 
ATOM   334  N N   . PRO A 1 43  ? 2.895   -7.182  23.589  1.00 60.26 ? 43  PRO A N   1 
ATOM   335  C CA  . PRO A 1 43  ? 2.976   -8.574  24.049  1.00 62.54 ? 43  PRO A CA  1 
ATOM   336  C C   . PRO A 1 43  ? 2.860   -9.578  22.910  1.00 63.57 ? 43  PRO A C   1 
ATOM   337  O O   . PRO A 1 43  ? 2.314   -9.300  21.841  1.00 66.40 ? 43  PRO A O   1 
ATOM   338  C CB  . PRO A 1 43  ? 1.788   -8.703  25.012  1.00 63.17 ? 43  PRO A CB  1 
ATOM   339  C CG  . PRO A 1 43  ? 1.431   -7.305  25.388  1.00 64.35 ? 43  PRO A CG  1 
ATOM   340  C CD  . PRO A 1 43  ? 1.791   -6.443  24.223  1.00 59.32 ? 43  PRO A CD  1 
ATOM   341  N N   . ASP A 1 44  ? 3.380   -10.781 23.175  1.00 64.36 ? 44  ASP A N   1 
ATOM   342  C CA  . ASP A 1 44  ? 3.377   -11.839 22.169  1.00 64.54 ? 44  ASP A CA  1 
ATOM   343  C C   . ASP A 1 44  ? 1.986   -12.422 21.956  1.00 64.49 ? 44  ASP A C   1 
ATOM   344  O O   . ASP A 1 44  ? 1.694   -12.940 20.873  1.00 69.48 ? 44  ASP A O   1 
ATOM   345  C CB  . ASP A 1 44  ? 4.351   -12.945 22.569  1.00 68.83 ? 44  ASP A CB  1 
ATOM   346  C CG  . ASP A 1 44  ? 5.742   -12.717 22.024  1.00 72.24 ? 44  ASP A CG  1 
ATOM   347  O OD1 . ASP A 1 44  ? 6.204   -11.559 22.044  1.00 70.12 ? 44  ASP A OD1 1 
ATOM   348  O OD2 . ASP A 1 44  ? 6.374   -13.697 21.576  1.00 70.50 ? 44  ASP A OD2 1 
ATOM   349  N N   . SER A 1 45  ? 1.122   -12.357 22.970  1.00 65.38 ? 45  SER A N   1 
ATOM   350  C CA  . SER A 1 45  ? -0.238  -12.868 22.845  1.00 64.73 ? 45  SER A CA  1 
ATOM   351  C C   . SER A 1 45  ? -1.107  -12.016 21.932  1.00 67.79 ? 45  SER A C   1 
ATOM   352  O O   . SER A 1 45  ? -2.281  -12.350 21.733  1.00 64.36 ? 45  SER A O   1 
ATOM   353  C CB  . SER A 1 45  ? -0.886  -12.971 24.226  1.00 64.17 ? 45  SER A CB  1 
ATOM   354  O OG  . SER A 1 45  ? -1.521  -11.755 24.580  1.00 65.33 ? 45  SER A OG  1 
ATOM   355  N N   . TYR A 1 46  ? -0.565  -10.934 21.378  1.00 65.78 ? 46  TYR A N   1 
ATOM   356  C CA  . TYR A 1 46  ? -1.324  -10.071 20.486  1.00 55.38 ? 46  TYR A CA  1 
ATOM   357  C C   . TYR A 1 46  ? -1.554  -10.755 19.148  1.00 55.36 ? 46  TYR A C   1 
ATOM   358  O O   . TYR A 1 46  ? -0.618  -11.286 18.541  1.00 51.91 ? 46  TYR A O   1 
ATOM   359  C CB  . TYR A 1 46  ? -0.578  -8.761  20.264  1.00 54.44 ? 46  TYR A CB  1 
ATOM   360  C CG  . TYR A 1 46  ? -0.950  -7.666  21.223  1.00 58.26 ? 46  TYR A CG  1 
ATOM   361  C CD1 . TYR A 1 46  ? -1.259  -7.951  22.546  1.00 64.19 ? 46  TYR A CD1 1 
ATOM   362  C CD2 . TYR A 1 46  ? -0.983  -6.343  20.810  1.00 54.19 ? 46  TYR A CD2 1 
ATOM   363  C CE1 . TYR A 1 46  ? -1.595  -6.947  23.428  1.00 65.52 ? 46  TYR A CE1 1 
ATOM   364  C CE2 . TYR A 1 46  ? -1.317  -5.333  21.684  1.00 59.16 ? 46  TYR A CE2 1 
ATOM   365  C CZ  . TYR A 1 46  ? -1.621  -5.640  22.991  1.00 62.81 ? 46  TYR A CZ  1 
ATOM   366  O OH  . TYR A 1 46  ? -1.952  -4.635  23.863  1.00 61.50 ? 46  TYR A OH  1 
ATOM   367  N N   . THR A 1 47  ? -2.800  -10.736 18.686  1.00 47.42 ? 47  THR A N   1 
ATOM   368  C CA  . THR A 1 47  ? -3.076  -11.139 17.319  1.00 50.51 ? 47  THR A CA  1 
ATOM   369  C C   . THR A 1 47  ? -2.572  -10.067 16.356  1.00 41.76 ? 47  THR A C   1 
ATOM   370  O O   . THR A 1 47  ? -2.352  -8.912  16.732  1.00 43.63 ? 47  THR A O   1 
ATOM   371  C CB  . THR A 1 47  ? -4.573  -11.380 17.114  1.00 47.89 ? 47  THR A CB  1 
ATOM   372  O OG1 . THR A 1 47  ? -5.279  -10.135 17.188  1.00 47.93 ? 47  THR A OG1 1 
ATOM   373  C CG2 . THR A 1 47  ? -5.110  -12.322 18.183  1.00 46.03 ? 47  THR A CG2 1 
ATOM   374  N N   . SER A 1 48  ? -2.373  -10.467 15.100  1.00 45.91 ? 48  SER A N   1 
ATOM   375  C CA  . SER A 1 48  ? -1.918  -9.510  14.096  1.00 45.21 ? 48  SER A CA  1 
ATOM   376  C C   . SER A 1 48  ? -2.930  -8.383  13.913  1.00 39.94 ? 48  SER A C   1 
ATOM   377  O O   . SER A 1 48  ? -2.551  -7.228  13.678  1.00 38.84 ? 48  SER A O   1 
ATOM   378  C CB  . SER A 1 48  ? -1.654  -10.223 12.771  1.00 36.19 ? 48  SER A CB  1 
ATOM   379  O OG  . SER A 1 48  ? -2.722  -11.089 12.435  1.00 53.04 ? 48  SER A OG  1 
ATOM   380  N N   . SER A 1 49  ? -4.225  -8.698  14.028  1.00 37.48 ? 49  SER A N   1 
ATOM   381  C CA  . SER A 1 49  ? -5.244  -7.657  13.952  1.00 38.28 ? 49  SER A CA  1 
ATOM   382  C C   . SER A 1 49  ? -5.136  -6.685  15.120  1.00 34.92 ? 49  SER A C   1 
ATOM   383  O O   . SER A 1 49  ? -5.390  -5.486  14.955  1.00 34.01 ? 49  SER A O   1 
ATOM   384  C CB  . SER A 1 49  ? -6.634  -8.290  13.904  1.00 41.24 ? 49  SER A CB  1 
ATOM   385  O OG  . SER A 1 49  ? -6.719  -9.234  12.852  1.00 45.91 ? 49  SER A OG  1 
ATOM   386  N N   . GLU A 1 50  ? -4.737  -7.173  16.298  1.00 38.62 ? 50  GLU A N   1 
ATOM   387  C CA  . GLU A 1 50  ? -4.523  -6.283  17.434  1.00 38.44 ? 50  GLU A CA  1 
ATOM   388  C C   . GLU A 1 50  ? -3.353  -5.337  17.182  1.00 31.63 ? 50  GLU A C   1 
ATOM   389  O O   . GLU A 1 50  ? -3.425  -4.152  17.523  1.00 35.00 ? 50  GLU A O   1 
ATOM   390  C CB  . GLU A 1 50  ? -4.295  -7.103  18.704  1.00 41.33 ? 50  GLU A CB  1 
ATOM   391  C CG  . GLU A 1 50  ? -5.575  -7.499  19.430  1.00 46.75 ? 50  GLU A CG  1 
ATOM   392  C CD  . GLU A 1 50  ? -5.307  -8.224  20.738  1.00 56.81 ? 50  GLU A CD  1 
ATOM   393  O OE1 . GLU A 1 50  ? -4.721  -9.326  20.699  1.00 56.94 ? 50  GLU A OE1 1 
ATOM   394  O OE2 . GLU A 1 50  ? -5.678  -7.689  21.805  1.00 64.96 ? 50  GLU A OE2 1 
ATOM   395  N N   . VAL A 1 51  ? -2.273  -5.835  16.574  1.00 37.01 ? 51  VAL A N   1 
ATOM   396  C CA  . VAL A 1 51  ? -1.137  -4.975  16.237  1.00 35.71 ? 51  VAL A CA  1 
ATOM   397  C C   . VAL A 1 51  ? -1.549  -3.931  15.205  1.00 29.39 ? 51  VAL A C   1 
ATOM   398  O O   . VAL A 1 51  ? -1.180  -2.745  15.300  1.00 28.52 ? 51  VAL A O   1 
ATOM   399  C CB  . VAL A 1 51  ? 0.043   -5.832  15.736  1.00 37.03 ? 51  VAL A CB  1 
ATOM   400  C CG1 . VAL A 1 51  ? 1.201   -4.954  15.289  1.00 34.36 ? 51  VAL A CG1 1 
ATOM   401  C CG2 . VAL A 1 51  ? 0.492   -6.808  16.813  1.00 40.80 ? 51  VAL A CG2 1 
ATOM   402  N N   . ARG A 1 52  ? -2.319  -4.359  14.199  1.00 31.91 ? 52  ARG A N   1 
ATOM   403  C CA  . ARG A 1 52  ? -2.832  -3.422  13.205  1.00 31.43 ? 52  ARG A CA  1 
ATOM   404  C C   . ARG A 1 52  ? -3.672  -2.333  13.863  1.00 26.85 ? 52  ARG A C   1 
ATOM   405  O O   . ARG A 1 52  ? -3.546  -1.150  13.521  1.00 24.09 ? 52  ARG A O   1 
ATOM   406  C CB  . ARG A 1 52  ? -3.646  -4.172  12.150  1.00 29.03 ? 52  ARG A CB  1 
ATOM   407  C CG  . ARG A 1 52  ? -4.473  -3.262  11.251  1.00 26.44 ? 52  ARG A CG  1 
ATOM   408  C CD  . ARG A 1 52  ? -4.859  -3.942  9.939   1.00 24.14 ? 52  ARG A CD  1 
ATOM   409  N NE  . ARG A 1 52  ? -5.598  -3.034  9.064   1.00 22.92 ? 52  ARG A NE  1 
ATOM   410  C CZ  . ARG A 1 52  ? -5.988  -3.334  7.827   1.00 27.71 ? 52  ARG A CZ  1 
ATOM   411  N NH1 . ARG A 1 52  ? -6.660  -2.445  7.105   1.00 25.59 ? 52  ARG A NH1 1 
ATOM   412  N NH2 . ARG A 1 52  ? -5.709  -4.522  7.311   1.00 24.11 ? 52  ARG A NH2 1 
ATOM   413  N N   . ASP A 1 53  ? -4.532  -2.711  14.812  1.00 30.21 ? 53  ASP A N   1 
ATOM   414  C CA  . ASP A 1 53  ? -5.300  -1.709  15.543  1.00 26.46 ? 53  ASP A CA  1 
ATOM   415  C C   . ASP A 1 53  ? -4.384  -0.783  16.335  1.00 22.42 ? 53  ASP A C   1 
ATOM   416  O O   . ASP A 1 53  ? -4.648  0.420   16.442  1.00 23.69 ? 53  ASP A O   1 
ATOM   417  C CB  . ASP A 1 53  ? -6.309  -2.384  16.471  1.00 29.77 ? 53  ASP A CB  1 
ATOM   418  C CG  . ASP A 1 53  ? -7.320  -1.405  17.036  1.00 27.20 ? 53  ASP A CG  1 
ATOM   419  O OD1 . ASP A 1 53  ? -8.265  -1.042  16.307  1.00 28.67 ? 53  ASP A OD1 1 
ATOM   420  O OD2 . ASP A 1 53  ? -7.161  -0.985  18.203  1.00 25.45 ? 53  ASP A OD2 1 
ATOM   421  N N   . GLU A 1 54  ? -3.302  -1.327  16.898  1.00 27.13 ? 54  GLU A N   1 
ATOM   422  C CA  . GLU A 1 54  ? -2.370  -0.501  17.662  1.00 28.96 ? 54  GLU A CA  1 
ATOM   423  C C   . GLU A 1 54  ? -1.746  0.590   16.793  1.00 29.39 ? 54  GLU A C   1 
ATOM   424  O O   . GLU A 1 54  ? -1.525  1.712   17.264  1.00 27.69 ? 54  GLU A O   1 
ATOM   425  C CB  . GLU A 1 54  ? -1.279  -1.372  18.284  1.00 32.79 ? 54  GLU A CB  1 
ATOM   426  C CG  . GLU A 1 54  ? -1.757  -2.300  19.394  1.00 44.29 ? 54  GLU A CG  1 
ATOM   427  C CD  . GLU A 1 54  ? -1.968  -1.586  20.717  1.00 49.28 ? 54  GLU A CD  1 
ATOM   428  O OE1 . GLU A 1 54  ? -1.572  -0.406  20.833  1.00 49.60 ? 54  GLU A OE1 1 
ATOM   429  O OE2 . GLU A 1 54  ? -2.529  -2.211  21.643  1.00 52.88 ? 54  GLU A OE2 1 
ATOM   430  N N   . PHE A 1 55  ? -1.450  0.281   15.524  1.00 23.56 ? 55  PHE A N   1 
ATOM   431  C CA  . PHE A 1 55  ? -0.780  1.240   14.639  1.00 27.49 ? 55  PHE A CA  1 
ATOM   432  C C   . PHE A 1 55  ? -1.732  2.027   13.729  1.00 24.01 ? 55  PHE A C   1 
ATOM   433  O O   . PHE A 1 55  ? -1.285  2.938   12.996  1.00 23.01 ? 55  PHE A O   1 
ATOM   434  C CB  . PHE A 1 55  ? 0.270   0.514   13.794  1.00 29.51 ? 55  PHE A CB  1 
ATOM   435  C CG  . PHE A 1 55  ? 1.502   0.125   14.565  1.00 21.99 ? 55  PHE A CG  1 
ATOM   436  C CD1 . PHE A 1 55  ? 2.508   1.048   14.797  1.00 30.07 ? 55  PHE A CD1 1 
ATOM   437  C CD2 . PHE A 1 55  ? 1.656   -1.163  15.051  1.00 26.33 ? 55  PHE A CD2 1 
ATOM   438  C CE1 . PHE A 1 55  ? 3.639   0.698   15.497  1.00 26.29 ? 55  PHE A CE1 1 
ATOM   439  C CE2 . PHE A 1 55  ? 2.787   -1.519  15.751  1.00 30.24 ? 55  PHE A CE2 1 
ATOM   440  C CZ  . PHE A 1 55  ? 3.780   -0.587  15.974  1.00 29.23 ? 55  PHE A CZ  1 
ATOM   441  N N   . SER A 1 56  ? -3.031  1.708   13.771  1.00 26.51 ? 56  SER A N   1 
ATOM   442  C CA  . SER A 1 56  ? -4.003  2.325   12.867  1.00 22.27 ? 56  SER A CA  1 
ATOM   443  C C   . SER A 1 56  ? -4.106  3.835   13.036  1.00 23.52 ? 56  SER A C   1 
ATOM   444  O O   . SER A 1 56  ? -4.385  4.549   12.062  1.00 20.42 ? 56  SER A O   1 
ATOM   445  C CB  . SER A 1 56  ? -5.378  1.677   13.064  1.00 25.84 ? 56  SER A CB  1 
ATOM   446  O OG  . SER A 1 56  ? -5.331  0.301   12.753  1.00 30.54 ? 56  SER A OG  1 
ATOM   447  N N   . ASP A 1 57  ? -3.910  4.349   14.250  1.00 18.84 ? 57  ASP A N   1 
ATOM   448  C CA  . ASP A 1 57  ? -4.039  5.791   14.435  1.00 23.57 ? 57  ASP A CA  1 
ATOM   449  C C   . ASP A 1 57  ? -2.880  6.543   13.786  1.00 17.98 ? 57  ASP A C   1 
ATOM   450  O O   . ASP A 1 57  ? -3.078  7.608   13.185  1.00 22.31 ? 57  ASP A O   1 
ATOM   451  C CB  . ASP A 1 57  ? -4.131  6.121   15.924  1.00 27.82 ? 57  ASP A CB  1 
ATOM   452  C CG  . ASP A 1 57  ? -5.470  5.735   16.524  1.00 27.27 ? 57  ASP A CG  1 
ATOM   453  O OD1 . ASP A 1 57  ? -6.487  6.359   16.157  1.00 23.89 ? 57  ASP A OD1 1 
ATOM   454  O OD2 . ASP A 1 57  ? -5.505  4.808   17.357  1.00 29.13 ? 57  ASP A OD2 1 
ATOM   455  N N   . ILE A 1 58  ? -1.661  6.012   13.904  1.00 22.13 ? 58  ILE A N   1 
ATOM   456  C CA  . ILE A 1 58  ? -0.523  6.620   13.218  1.00 21.69 ? 58  ILE A CA  1 
ATOM   457  C C   . ILE A 1 58  ? -0.727  6.565   11.709  1.00 25.61 ? 58  ILE A C   1 
ATOM   458  O O   . ILE A 1 58  ? -0.421  7.527   10.988  1.00 25.08 ? 58  ILE A O   1 
ATOM   459  C CB  . ILE A 1 58  ? 0.789   5.936   13.645  1.00 27.84 ? 58  ILE A CB  1 
ATOM   460  C CG1 . ILE A 1 58  ? 1.041   6.153   15.139  1.00 30.75 ? 58  ILE A CG1 1 
ATOM   461  C CG2 . ILE A 1 58  ? 1.964   6.470   12.832  1.00 23.68 ? 58  ILE A CG2 1 
ATOM   462  C CD1 . ILE A 1 58  ? 1.798   5.022   15.801  1.00 28.44 ? 58  ILE A CD1 1 
ATOM   463  N N   . ILE A 1 59  ? -1.277  5.454   11.207  1.00 21.34 ? 59  ILE A N   1 
ATOM   464  C CA  . ILE A 1 59  ? -1.565  5.389   9.771   1.00 21.57 ? 59  ILE A CA  1 
ATOM   465  C C   . ILE A 1 59  ? -2.581  6.460   9.373   1.00 20.09 ? 59  ILE A C   1 
ATOM   466  O O   . ILE A 1 59  ? -2.412  7.155   8.357   1.00 21.03 ? 59  ILE A O   1 
ATOM   467  C CB  . ILE A 1 59  ? -2.039  3.978   9.378   1.00 22.10 ? 59  ILE A CB  1 
ATOM   468  C CG1 . ILE A 1 59  ? -0.853  3.014   9.375   1.00 22.10 ? 59  ILE A CG1 1 
ATOM   469  C CG2 . ILE A 1 59  ? -2.704  3.999   8.007   1.00 22.18 ? 59  ILE A CG2 1 
ATOM   470  C CD1 . ILE A 1 59  ? -1.247  1.564   9.505   1.00 23.89 ? 59  ILE A CD1 1 
ATOM   471  N N   . ALA A 1 60  ? -3.647  6.617   10.165  1.00 19.57 ? 60  ALA A N   1 
ATOM   472  C CA  . ALA A 1 60  ? -4.668  7.614   9.845   1.00 18.57 ? 60  ALA A CA  1 
ATOM   473  C C   . ALA A 1 60  ? -4.097  9.028   9.878   1.00 19.78 ? 60  ALA A C   1 
ATOM   474  O O   . ALA A 1 60  ? -4.497  9.891   9.083   1.00 24.59 ? 60  ALA A O   1 
ATOM   475  C CB  . ALA A 1 60  ? -5.846  7.486   10.813  1.00 25.65 ? 60  ALA A CB  1 
ATOM   476  N N   . GLU A 1 61  ? -3.165  9.289   10.799  1.00 22.40 ? 61  GLU A N   1 
ATOM   477  C CA  . GLU A 1 61  ? -2.501  10.589  10.828  1.00 26.72 ? 61  GLU A CA  1 
ATOM   478  C C   . GLU A 1 61  ? -1.640  10.799  9.586   1.00 24.70 ? 61  GLU A C   1 
ATOM   479  O O   . GLU A 1 61  ? -1.585  11.911  9.043   1.00 25.07 ? 61  GLU A O   1 
ATOM   480  C CB  . GLU A 1 61  ? -1.666  10.724  12.104  1.00 25.55 ? 61  GLU A CB  1 
ATOM   481  C CG  . GLU A 1 61  ? -2.516  10.813  13.366  1.00 37.73 ? 61  GLU A CG  1 
ATOM   482  C CD  . GLU A 1 61  ? -1.764  10.429  14.627  1.00 46.23 ? 61  GLU A CD  1 
ATOM   483  O OE1 . GLU A 1 61  ? -0.652  9.868   14.523  1.00 44.53 ? 61  GLU A OE1 1 
ATOM   484  O OE2 . GLU A 1 61  ? -2.299  10.682  15.728  1.00 54.84 ? 61  GLU A OE2 1 
ATOM   485  N N   . PHE A 1 62  ? -0.963  9.745   9.124   1.00 23.70 ? 62  PHE A N   1 
ATOM   486  C CA  . PHE A 1 62  ? -0.268  9.824   7.841   1.00 24.13 ? 62  PHE A CA  1 
ATOM   487  C C   . PHE A 1 62  ? -1.229  10.247  6.738   1.00 23.53 ? 62  PHE A C   1 
ATOM   488  O O   . PHE A 1 62  ? -0.907  11.102  5.907   1.00 24.27 ? 62  PHE A O   1 
ATOM   489  C CB  . PHE A 1 62  ? 0.379   8.478   7.498   1.00 27.44 ? 62  PHE A CB  1 
ATOM   490  C CG  . PHE A 1 62  ? 1.173   8.485   6.209   1.00 26.74 ? 62  PHE A CG  1 
ATOM   491  C CD1 . PHE A 1 62  ? 0.540   8.373   4.975   1.00 23.52 ? 62  PHE A CD1 1 
ATOM   492  C CD2 . PHE A 1 62  ? 2.555   8.587   6.232   1.00 25.55 ? 62  PHE A CD2 1 
ATOM   493  C CE1 . PHE A 1 62  ? 1.271   8.375   3.795   1.00 24.61 ? 62  PHE A CE1 1 
ATOM   494  C CE2 . PHE A 1 62  ? 3.291   8.587   5.057   1.00 27.74 ? 62  PHE A CE2 1 
ATOM   495  C CZ  . PHE A 1 62  ? 2.645   8.479   3.837   1.00 23.01 ? 62  PHE A CZ  1 
ATOM   496  N N   . VAL A 1 63  ? -2.418  9.641   6.717   1.00 22.99 ? 63  VAL A N   1 
ATOM   497  C CA  . VAL A 1 63  ? -3.380  9.937   5.657   1.00 21.23 ? 63  VAL A CA  1 
ATOM   498  C C   . VAL A 1 63  ? -3.845  11.387  5.738   1.00 29.50 ? 63  VAL A C   1 
ATOM   499  O O   . VAL A 1 63  ? -3.968  12.074  4.715   1.00 24.16 ? 63  VAL A O   1 
ATOM   500  C CB  . VAL A 1 63  ? -4.565  8.958   5.717   1.00 23.81 ? 63  VAL A CB  1 
ATOM   501  C CG1 . VAL A 1 63  ? -5.680  9.421   4.790   1.00 26.39 ? 63  VAL A CG1 1 
ATOM   502  C CG2 . VAL A 1 63  ? -4.101  7.558   5.349   1.00 22.89 ? 63  VAL A CG2 1 
ATOM   503  N N   . ILE A 1 64  ? -4.113  11.877  6.950   1.00 28.35 ? 64  ILE A N   1 
ATOM   504  C CA  . ILE A 1 64  ? -4.530  13.271  7.113   1.00 28.42 ? 64  ILE A CA  1 
ATOM   505  C C   . ILE A 1 64  ? -3.442  14.215  6.611   1.00 26.89 ? 64  ILE A C   1 
ATOM   506  O O   . ILE A 1 64  ? -3.706  15.170  5.862   1.00 28.12 ? 64  ILE A O   1 
ATOM   507  C CB  . ILE A 1 64  ? -4.886  13.556  8.584   1.00 28.56 ? 64  ILE A CB  1 
ATOM   508  C CG1 . ILE A 1 64  ? -6.097  12.727  9.016   1.00 28.37 ? 64  ILE A CG1 1 
ATOM   509  C CG2 . ILE A 1 64  ? -5.133  15.045  8.791   1.00 33.96 ? 64  ILE A CG2 1 
ATOM   510  C CD1 . ILE A 1 64  ? -6.594  13.048  10.410  1.00 40.66 ? 64  ILE A CD1 1 
ATOM   511  N N   . ASP A 1 65  ? -2.194  13.958  7.018   1.00 24.30 ? 65  ASP A N   1 
ATOM   512  C CA  . ASP A 1 65  ? -1.089  14.822  6.619   1.00 29.58 ? 65  ASP A CA  1 
ATOM   513  C C   . ASP A 1 65  ? -0.880  14.800  5.113   1.00 37.85 ? 65  ASP A C   1 
ATOM   514  O O   . ASP A 1 65  ? -0.601  15.839  4.504   1.00 36.56 ? 65  ASP A O   1 
ATOM   515  C CB  . ASP A 1 65  ? 0.192   14.405  7.339   1.00 33.28 ? 65  ASP A CB  1 
ATOM   516  C CG  . ASP A 1 65  ? 0.142   14.691  8.823   1.00 45.91 ? 65  ASP A CG  1 
ATOM   517  O OD1 . ASP A 1 65  ? -0.689  15.530  9.236   1.00 52.49 ? 65  ASP A OD1 1 
ATOM   518  O OD2 . ASP A 1 65  ? 0.926   14.075  9.579   1.00 45.40 ? 65  ASP A OD2 1 
ATOM   519  N N   . ALA A 1 66  ? -1.004  13.623  4.493   1.00 30.49 ? 66  ALA A N   1 
ATOM   520  C CA  . ALA A 1 66  ? -0.833  13.534  3.048   1.00 28.72 ? 66  ALA A CA  1 
ATOM   521  C C   . ALA A 1 66  ? -1.963  14.245  2.319   1.00 29.25 ? 66  ALA A C   1 
ATOM   522  O O   . ALA A 1 66  ? -1.735  14.906  1.298   1.00 29.89 ? 66  ALA A O   1 
ATOM   523  C CB  . ALA A 1 66  ? -0.750  12.071  2.618   1.00 23.80 ? 66  ALA A CB  1 
ATOM   524  N N   . ARG A 1 67  ? -3.191  14.122  2.830   1.00 29.68 ? 67  ARG A N   1 
ATOM   525  C CA  . ARG A 1 67  ? -4.324  14.812  2.228   1.00 28.24 ? 67  ARG A CA  1 
ATOM   526  C C   . ARG A 1 67  ? -4.118  16.319  2.252   1.00 36.01 ? 67  ARG A C   1 
ATOM   527  O O   . ARG A 1 67  ? -4.414  17.010  1.269   1.00 37.12 ? 67  ARG A O   1 
ATOM   528  C CB  . ARG A 1 67  ? -5.611  14.433  2.961   1.00 33.01 ? 67  ARG A CB  1 
ATOM   529  C CG  . ARG A 1 67  ? -6.871  14.509  2.118   1.00 44.24 ? 67  ARG A CG  1 
ATOM   530  C CD  . ARG A 1 67  ? -7.813  13.356  2.445   1.00 43.46 ? 67  ARG A CD  1 
ATOM   531  N NE  . ARG A 1 67  ? -7.959  13.161  3.884   1.00 49.66 ? 67  ARG A NE  1 
ATOM   532  C CZ  . ARG A 1 67  ? -8.483  12.074  4.445   1.00 53.11 ? 67  ARG A CZ  1 
ATOM   533  N NH1 . ARG A 1 67  ? -8.916  11.076  3.685   1.00 45.07 ? 67  ARG A NH1 1 
ATOM   534  N NH2 . ARG A 1 67  ? -8.575  11.982  5.766   1.00 45.44 ? 67  ARG A NH2 1 
ATOM   535  N N   . HIS A 1 68  ? -3.604  16.847  3.364   1.00 35.31 ? 68  HIS A N   1 
ATOM   536  C CA  . HIS A 1 68  ? -3.376  18.287  3.427   1.00 45.19 ? 68  HIS A CA  1 
ATOM   537  C C   . HIS A 1 68  ? -2.188  18.704  2.566   1.00 42.90 ? 68  HIS A C   1 
ATOM   538  O O   . HIS A 1 68  ? -2.231  19.742  1.897   1.00 43.64 ? 68  HIS A O   1 
ATOM   539  C CB  . HIS A 1 68  ? -3.166  18.731  4.874   1.00 45.03 ? 68  HIS A CB  1 
ATOM   540  C CG  . HIS A 1 68  ? -2.818  20.181  5.011   1.00 55.47 ? 68  HIS A CG  1 
ATOM   541  N ND1 . HIS A 1 68  ? -1.610  20.612  5.516   1.00 55.93 ? 68  HIS A ND1 1 
ATOM   542  C CD2 . HIS A 1 68  ? -3.516  21.297  4.696   1.00 57.49 ? 68  HIS A CD2 1 
ATOM   543  C CE1 . HIS A 1 68  ? -1.582  21.933  5.513   1.00 61.17 ? 68  HIS A CE1 1 
ATOM   544  N NE2 . HIS A 1 68  ? -2.725  22.374  5.020   1.00 61.16 ? 68  HIS A NE2 1 
ATOM   545  N N   . ARG A 1 69  ? -1.123  17.901  2.562   1.00 33.37 ? 69  ARG A N   1 
ATOM   546  C CA  . ARG A 1 69  ? 0.110   18.294  1.888   1.00 36.33 ? 69  ARG A CA  1 
ATOM   547  C C   . ARG A 1 69  ? -0.036  18.282  0.371   1.00 36.98 ? 69  ARG A C   1 
ATOM   548  O O   . ARG A 1 69  ? 0.580   19.106  -0.314  1.00 37.18 ? 69  ARG A O   1 
ATOM   549  C CB  . ARG A 1 69  ? 1.243   17.367  2.331   1.00 38.64 ? 69  ARG A CB  1 
ATOM   550  C CG  . ARG A 1 69  ? 2.563   17.547  1.606   1.00 42.10 ? 69  ARG A CG  1 
ATOM   551  C CD  . ARG A 1 69  ? 3.595   16.526  2.083   1.00 45.61 ? 69  ARG A CD  1 
ATOM   552  N NE  . ARG A 1 69  ? 3.478   16.228  3.512   1.00 55.38 ? 69  ARG A NE  1 
ATOM   553  C CZ  . ARG A 1 69  ? 3.025   15.078  4.008   1.00 56.45 ? 69  ARG A CZ  1 
ATOM   554  N NH1 . ARG A 1 69  ? 2.640   14.102  3.196   1.00 50.61 ? 69  ARG A NH1 1 
ATOM   555  N NH2 . ARG A 1 69  ? 2.953   14.903  5.322   1.00 58.11 ? 69  ARG A NH2 1 
ATOM   556  N N   . TYR A 1 70  ? -0.844  17.373  -0.172  1.00 37.11 ? 70  TYR A N   1 
ATOM   557  C CA  . TYR A 1 70  ? -0.922  17.163  -1.612  1.00 35.82 ? 70  TYR A CA  1 
ATOM   558  C C   . TYR A 1 70  ? -2.263  17.600  -2.193  1.00 40.11 ? 70  TYR A C   1 
ATOM   559  O O   . TYR A 1 70  ? -2.714  17.063  -3.208  1.00 36.05 ? 70  TYR A O   1 
ATOM   560  C CB  . TYR A 1 70  ? -0.635  15.701  -1.943  1.00 32.33 ? 70  TYR A CB  1 
ATOM   561  C CG  . TYR A 1 70  ? 0.759   15.278  -1.542  1.00 33.66 ? 70  TYR A CG  1 
ATOM   562  C CD1 . TYR A 1 70  ? 1.877   15.840  -2.147  1.00 35.31 ? 70  TYR A CD1 1 
ATOM   563  C CD2 . TYR A 1 70  ? 0.961   14.333  -0.543  1.00 33.92 ? 70  TYR A CD2 1 
ATOM   564  C CE1 . TYR A 1 70  ? 3.158   15.465  -1.781  1.00 33.87 ? 70  TYR A CE1 1 
ATOM   565  C CE2 . TYR A 1 70  ? 2.240   13.951  -0.168  1.00 35.57 ? 70  TYR A CE2 1 
ATOM   566  C CZ  . TYR A 1 70  ? 3.334   14.522  -0.791  1.00 39.56 ? 70  TYR A CZ  1 
ATOM   567  O OH  . TYR A 1 70  ? 4.609   14.147  -0.425  1.00 39.63 ? 70  TYR A OH  1 
ATOM   568  N N   . ALA A 1 71  ? -2.905  18.577  -1.562  1.00 47.50 ? 71  ALA A N   1 
ATOM   569  C CA  . ALA A 1 71  ? -4.121  19.167  -2.100  1.00 48.12 ? 71  ALA A CA  1 
ATOM   570  C C   . ALA A 1 71  ? -3.770  20.117  -3.238  1.00 53.70 ? 71  ALA A C   1 
ATOM   571  O O   . ALA A 1 71  ? -4.470  20.180  -4.249  1.00 57.65 ? 71  ALA A O   1 
ATOM   572  C CB  . ALA A 1 71  ? -4.884  19.895  -1.012  1.00 45.59 ? 71  ALA A CB  1 
ATOM   573  N N   . ALA A 1 80  ? -10.133 18.626  -9.854  1.00 45.49 ? 137 ALA A N   1 
ATOM   574  C CA  . ALA A 1 80  ? -9.365  17.510  -9.315  1.00 40.93 ? 137 ALA A CA  1 
ATOM   575  C C   . ALA A 1 80  ? -10.282 16.439  -8.731  1.00 37.72 ? 137 ALA A C   1 
ATOM   576  O O   . ALA A 1 80  ? -11.270 16.752  -8.069  1.00 38.68 ? 137 ALA A O   1 
ATOM   577  C CB  . ALA A 1 80  ? -8.384  18.002  -8.263  1.00 39.92 ? 137 ALA A CB  1 
ATOM   578  N N   . PRO A 1 81  ? -9.955  15.175  -8.987  1.00 37.39 ? 138 PRO A N   1 
ATOM   579  C CA  . PRO A 1 81  ? -10.772 14.069  -8.468  1.00 32.85 ? 138 PRO A CA  1 
ATOM   580  C C   . PRO A 1 81  ? -10.594 13.915  -6.967  1.00 26.80 ? 138 PRO A C   1 
ATOM   581  O O   . PRO A 1 81  ? -9.631  14.441  -6.390  1.00 29.92 ? 138 PRO A O   1 
ATOM   582  C CB  . PRO A 1 81  ? -10.237 12.848  -9.235  1.00 34.06 ? 138 PRO A CB  1 
ATOM   583  C CG  . PRO A 1 81  ? -8.874  13.232  -9.681  1.00 27.01 ? 138 PRO A CG  1 
ATOM   584  C CD  . PRO A 1 81  ? -8.897  14.714  -9.901  1.00 33.95 ? 138 PRO A CD  1 
ATOM   585  N N   . PRO A 1 82  ? -11.505 13.197  -6.297  1.00 28.96 ? 139 PRO A N   1 
ATOM   586  C CA  . PRO A 1 82  ? -11.507 13.202  -4.821  1.00 25.55 ? 139 PRO A CA  1 
ATOM   587  C C   . PRO A 1 82  ? -10.256 12.629  -4.183  1.00 32.22 ? 139 PRO A C   1 
ATOM   588  O O   . PRO A 1 82  ? -9.912  13.022  -3.060  1.00 28.20 ? 139 PRO A O   1 
ATOM   589  C CB  . PRO A 1 82  ? -12.740 12.357  -4.468  1.00 25.55 ? 139 PRO A CB  1 
ATOM   590  C CG  . PRO A 1 82  ? -13.585 12.369  -5.691  1.00 28.51 ? 139 PRO A CG  1 
ATOM   591  C CD  . PRO A 1 82  ? -12.643 12.441  -6.846  1.00 29.04 ? 139 PRO A CD  1 
ATOM   592  N N   . LEU A 1 83  ? -9.569  11.699  -4.842  1.00 27.21 ? 140 LEU A N   1 
ATOM   593  C CA  . LEU A 1 83  ? -8.384  11.074  -4.269  1.00 23.13 ? 140 LEU A CA  1 
ATOM   594  C C   . LEU A 1 83  ? -7.110  11.530  -4.971  1.00 24.09 ? 140 LEU A C   1 
ATOM   595  O O   . LEU A 1 83  ? -6.111  10.808  -4.993  1.00 25.18 ? 140 LEU A O   1 
ATOM   596  C CB  . LEU A 1 83  ? -8.516  9.552   -4.305  1.00 24.96 ? 140 LEU A CB  1 
ATOM   597  C CG  . LEU A 1 83  ? -9.682  8.998   -3.481  1.00 23.71 ? 140 LEU A CG  1 
ATOM   598  C CD1 . LEU A 1 83  ? -9.729  7.480   -3.544  1.00 22.31 ? 140 LEU A CD1 1 
ATOM   599  C CD2 . LEU A 1 83  ? -9.594  9.471   -2.034  1.00 29.56 ? 140 LEU A CD2 1 
ATOM   600  N N   . ALA A 1 84  ? -7.129  12.744  -5.527  1.00 22.49 ? 141 ALA A N   1 
ATOM   601  C CA  . ALA A 1 84  ? -5.987  13.239  -6.286  1.00 24.45 ? 141 ALA A CA  1 
ATOM   602  C C   . ALA A 1 84  ? -4.733  13.349  -5.431  1.00 23.81 ? 141 ALA A C   1 
ATOM   603  O O   . ALA A 1 84  ? -3.618  13.273  -5.960  1.00 21.62 ? 141 ALA A O   1 
ATOM   604  C CB  . ALA A 1 84  ? -6.318  14.596  -6.907  1.00 30.74 ? 141 ALA A CB  1 
ATOM   605  N N   . TRP A 1 85  ? -4.889  13.521  -4.116  1.00 22.61 ? 142 TRP A N   1 
ATOM   606  C CA  . TRP A 1 85  ? -3.722  13.684  -3.254  1.00 25.67 ? 142 TRP A CA  1 
ATOM   607  C C   . TRP A 1 85  ? -2.809  12.464  -3.293  1.00 25.35 ? 142 TRP A C   1 
ATOM   608  O O   . TRP A 1 85  ? -1.604  12.586  -3.041  1.00 19.59 ? 142 TRP A O   1 
ATOM   609  C CB  . TRP A 1 85  ? -4.165  13.974  -1.818  1.00 22.49 ? 142 TRP A CB  1 
ATOM   610  C CG  . TRP A 1 85  ? -4.985  12.890  -1.191  1.00 20.41 ? 142 TRP A CG  1 
ATOM   611  C CD1 . TRP A 1 85  ? -6.344  12.796  -1.183  1.00 21.85 ? 142 TRP A CD1 1 
ATOM   612  C CD2 . TRP A 1 85  ? -4.499  11.755  -0.465  1.00 20.40 ? 142 TRP A CD2 1 
ATOM   613  N NE1 . TRP A 1 85  ? -6.736  11.668  -0.504  1.00 22.80 ? 142 TRP A NE1 1 
ATOM   614  C CE2 . TRP A 1 85  ? -5.622  11.012  -0.052  1.00 20.25 ? 142 TRP A CE2 1 
ATOM   615  C CE3 . TRP A 1 85  ? -3.223  11.291  -0.129  1.00 21.84 ? 142 TRP A CE3 1 
ATOM   616  C CZ2 . TRP A 1 85  ? -5.510  9.833   0.681   1.00 20.93 ? 142 TRP A CZ2 1 
ATOM   617  C CZ3 . TRP A 1 85  ? -3.114  10.117  0.599   1.00 19.35 ? 142 TRP A CZ3 1 
ATOM   618  C CH2 . TRP A 1 85  ? -4.250  9.402   0.995   1.00 21.90 ? 142 TRP A CH2 1 
ATOM   619  N N   . ILE A 1 86  ? -3.353  11.287  -3.616  1.00 22.45 ? 143 ILE A N   1 
ATOM   620  C CA  . ILE A 1 86  ? -2.516  10.095  -3.712  1.00 22.07 ? 143 ILE A CA  1 
ATOM   621  C C   . ILE A 1 86  ? -1.431  10.277  -4.767  1.00 18.54 ? 143 ILE A C   1 
ATOM   622  O O   . ILE A 1 86  ? -0.321  9.750   -4.621  1.00 19.86 ? 143 ILE A O   1 
ATOM   623  C CB  . ILE A 1 86  ? -3.381  8.848   -3.991  1.00 21.71 ? 143 ILE A CB  1 
ATOM   624  C CG1 . ILE A 1 86  ? -4.418  8.661   -2.886  1.00 21.42 ? 143 ILE A CG1 1 
ATOM   625  C CG2 . ILE A 1 86  ? -2.515  7.600   -4.086  1.00 21.23 ? 143 ILE A CG2 1 
ATOM   626  C CD1 . ILE A 1 86  ? -5.430  7.573   -3.180  1.00 20.85 ? 143 ILE A CD1 1 
ATOM   627  N N   . THR A 1 87  ? -1.708  11.045  -5.827  1.00 19.35 ? 144 THR A N   1 
ATOM   628  C CA  . THR A 1 87  ? -0.686  11.251  -6.850  1.00 19.67 ? 144 THR A CA  1 
ATOM   629  C C   . THR A 1 87  ? 0.543   11.957  -6.297  1.00 26.57 ? 144 THR A C   1 
ATOM   630  O O   . THR A 1 87  ? 1.624   11.854  -6.890  1.00 26.15 ? 144 THR A O   1 
ATOM   631  C CB  . THR A 1 87  ? -1.248  12.043  -8.031  1.00 25.36 ? 144 THR A CB  1 
ATOM   632  O OG1 . THR A 1 87  ? -1.594  13.366  -7.607  1.00 24.23 ? 144 THR A OG1 1 
ATOM   633  C CG2 . THR A 1 87  ? -2.474  11.352  -8.601  1.00 24.80 ? 144 THR A CG2 1 
ATOM   634  N N   . GLY A 1 88  ? 0.411   12.661  -5.169  1.00 30.42 ? 145 GLY A N   1 
ATOM   635  C CA  . GLY A 1 88  ? 1.574   13.264  -4.544  1.00 23.93 ? 145 GLY A CA  1 
ATOM   636  C C   . GLY A 1 88  ? 2.582   12.262  -4.025  1.00 27.73 ? 145 GLY A C   1 
ATOM   637  O O   . GLY A 1 88  ? 3.744   12.619  -3.815  1.00 28.15 ? 145 GLY A O   1 
ATOM   638  N N   . LEU A 1 89  ? 2.168   11.013  -3.818  1.00 20.76 ? 146 LEU A N   1 
ATOM   639  C CA  . LEU A 1 89  ? 3.053   9.974   -3.312  1.00 21.35 ? 146 LEU A CA  1 
ATOM   640  C C   . LEU A 1 89  ? 3.604   9.072   -4.408  1.00 22.05 ? 146 LEU A C   1 
ATOM   641  O O   . LEU A 1 89  ? 4.407   8.183   -4.111  1.00 24.17 ? 146 LEU A O   1 
ATOM   642  C CB  . LEU A 1 89  ? 2.321   9.122   -2.269  1.00 22.69 ? 146 LEU A CB  1 
ATOM   643  C CG  . LEU A 1 89  ? 1.757   9.856   -1.050  1.00 25.69 ? 146 LEU A CG  1 
ATOM   644  C CD1 . LEU A 1 89  ? 0.860   8.933   -0.236  1.00 19.08 ? 146 LEU A CD1 1 
ATOM   645  C CD2 . LEU A 1 89  ? 2.881   10.408  -0.188  1.00 28.63 ? 146 LEU A CD2 1 
ATOM   646  N N   . LEU A 1 90  ? 3.197   9.274   -5.663  1.00 21.97 ? 147 LEU A N   1 
ATOM   647  C CA  . LEU A 1 90  ? 3.623   8.399   -6.744  1.00 21.44 ? 147 LEU A CA  1 
ATOM   648  C C   . LEU A 1 90  ? 4.616   9.112   -7.654  1.00 20.09 ? 147 LEU A C   1 
ATOM   649  O O   . LEU A 1 90  ? 4.432   10.294  -7.960  1.00 21.92 ? 147 LEU A O   1 
ATOM   650  C CB  . LEU A 1 90  ? 2.423   7.926   -7.576  1.00 19.10 ? 147 LEU A CB  1 
ATOM   651  C CG  . LEU A 1 90  ? 1.404   7.050   -6.843  1.00 23.14 ? 147 LEU A CG  1 
ATOM   652  C CD1 . LEU A 1 90  ? 0.210   6.735   -7.736  1.00 19.12 ? 147 LEU A CD1 1 
ATOM   653  C CD2 . LEU A 1 90  ? 2.063   5.772   -6.355  1.00 19.33 ? 147 LEU A CD2 1 
ATOM   654  N N   . PRO A 1 91  ? 5.671   8.426   -8.095  1.00 21.79 ? 148 PRO A N   1 
ATOM   655  C CA  . PRO A 1 91  ? 6.653   9.067   -8.979  1.00 19.01 ? 148 PRO A CA  1 
ATOM   656  C C   . PRO A 1 91  ? 6.030   9.530   -10.289 1.00 20.90 ? 148 PRO A C   1 
ATOM   657  O O   . PRO A 1 91  ? 5.073   8.940   -10.796 1.00 14.52 ? 148 PRO A O   1 
ATOM   658  C CB  . PRO A 1 91  ? 7.693   7.965   -9.215  1.00 18.19 ? 148 PRO A CB  1 
ATOM   659  C CG  . PRO A 1 91  ? 7.566   7.070   -8.027  1.00 21.62 ? 148 PRO A CG  1 
ATOM   660  C CD  . PRO A 1 91  ? 6.101   7.083   -7.669  1.00 19.12 ? 148 PRO A CD  1 
ATOM   661  N N   . GLY A 1 92  ? 6.600   10.601  -10.842 1.00 17.75 ? 149 GLY A N   1 
ATOM   662  C CA  . GLY A 1 92  ? 6.071   11.160  -12.074 1.00 18.30 ? 149 GLY A CA  1 
ATOM   663  C C   . GLY A 1 92  ? 6.073   10.185  -13.235 1.00 15.12 ? 149 GLY A C   1 
ATOM   664  O O   . GLY A 1 92  ? 5.194   10.243  -14.098 1.00 16.34 ? 149 GLY A O   1 
ATOM   665  N N   . GLU A 1 93  ? 7.042   9.265   -13.268 1.00 15.35 ? 150 GLU A N   1 
ATOM   666  C CA  . GLU A 1 93  ? 7.157   8.357   -14.405 1.00 15.37 ? 150 GLU A CA  1 
ATOM   667  C C   . GLU A 1 93  ? 6.021   7.341   -14.480 1.00 16.00 ? 150 GLU A C   1 
ATOM   668  O O   . GLU A 1 93  ? 5.787   6.782   -15.556 1.00 16.22 ? 150 GLU A O   1 
ATOM   669  C CB  . GLU A 1 93  ? 8.497   7.626   -14.367 1.00 17.72 ? 150 GLU A CB  1 
ATOM   670  C CG  . GLU A 1 93  ? 9.691   8.531   -14.608 1.00 20.16 ? 150 GLU A CG  1 
ATOM   671  C CD  . GLU A 1 93  ? 10.385  8.926   -13.324 1.00 24.49 ? 150 GLU A CD  1 
ATOM   672  O OE1 . GLU A 1 93  ? 9.721   8.951   -12.263 1.00 22.53 ? 150 GLU A OE1 1 
ATOM   673  O OE2 . GLU A 1 93  ? 11.599  9.210   -13.378 1.00 20.02 ? 150 GLU A OE2 1 
ATOM   674  N N   . VAL A 1 94  ? 5.318   7.070   -13.374 1.00 15.98 ? 151 VAL A N   1 
ATOM   675  C CA  . VAL A 1 94  ? 4.138   6.208   -13.453 1.00 12.35 ? 151 VAL A CA  1 
ATOM   676  C C   . VAL A 1 94  ? 2.872   7.005   -13.722 1.00 15.47 ? 151 VAL A C   1 
ATOM   677  O O   . VAL A 1 94  ? 1.844   6.415   -14.089 1.00 17.08 ? 151 VAL A O   1 
ATOM   678  C CB  . VAL A 1 94  ? 3.941   5.356   -12.180 1.00 17.94 ? 151 VAL A CB  1 
ATOM   679  C CG1 . VAL A 1 94  ? 5.246   4.698   -11.773 1.00 14.67 ? 151 VAL A CG1 1 
ATOM   680  C CG2 . VAL A 1 94  ? 3.373   6.191   -11.039 1.00 14.35 ? 151 VAL A CG2 1 
ATOM   681  N N   . LEU A 1 95  ? 2.919   8.328   -13.576 1.00 14.40 ? 152 LEU A N   1 
ATOM   682  C CA  . LEU A 1 95  ? 1.771   9.184   -13.837 1.00 17.82 ? 152 LEU A CA  1 
ATOM   683  C C   . LEU A 1 95  ? 1.769   9.796   -15.231 1.00 19.45 ? 152 LEU A C   1 
ATOM   684  O O   . LEU A 1 95  ? 0.715   10.253  -15.684 1.00 15.42 ? 152 LEU A O   1 
ATOM   685  C CB  . LEU A 1 95  ? 1.721   10.315  -12.804 1.00 19.27 ? 152 LEU A CB  1 
ATOM   686  C CG  . LEU A 1 95  ? 1.655   9.872   -11.344 1.00 18.62 ? 152 LEU A CG  1 
ATOM   687  C CD1 . LEU A 1 95  ? 1.910   11.052  -10.414 1.00 20.13 ? 152 LEU A CD1 1 
ATOM   688  C CD2 . LEU A 1 95  ? 0.305   9.232   -11.059 1.00 18.42 ? 152 LEU A CD2 1 
ATOM   689  N N   . THR A 1 96  ? 2.908   9.817   -15.919 1.00 16.04 ? 153 THR A N   1 
ATOM   690  C CA  . THR A 1 96  ? 3.004   10.556  -17.170 1.00 18.75 ? 153 THR A CA  1 
ATOM   691  C C   . THR A 1 96  ? 2.135   9.929   -18.253 1.00 20.46 ? 153 THR A C   1 
ATOM   692  O O   . THR A 1 96  ? 1.952   8.710   -18.311 1.00 19.17 ? 153 THR A O   1 
ATOM   693  C CB  . THR A 1 96  ? 4.454   10.623  -17.649 1.00 22.19 ? 153 THR A CB  1 
ATOM   694  O OG1 . THR A 1 96  ? 4.509   11.319  -18.899 1.00 20.90 ? 153 THR A OG1 1 
ATOM   695  C CG2 . THR A 1 96  ? 5.031   9.218   -17.830 1.00 18.96 ? 153 THR A CG2 1 
ATOM   696  N N   . HIS A 1 97  ? 1.589   10.785  -19.116 1.00 18.01 ? 154 HIS A N   1 
ATOM   697  C CA  . HIS A 1 97  ? 0.826   10.347  -20.276 1.00 23.40 ? 154 HIS A CA  1 
ATOM   698  C C   . HIS A 1 97  ? 1.702   10.130  -21.502 1.00 22.27 ? 154 HIS A C   1 
ATOM   699  O O   . HIS A 1 97  ? 1.183   9.787   -22.568 1.00 24.58 ? 154 HIS A O   1 
ATOM   700  C CB  . HIS A 1 97  ? -0.275  11.363  -20.597 1.00 22.64 ? 154 HIS A CB  1 
ATOM   701  C CG  . HIS A 1 97  ? -1.266  11.546  -19.491 1.00 26.48 ? 154 HIS A CG  1 
ATOM   702  N ND1 . HIS A 1 97  ? -2.208  12.552  -19.494 1.00 25.26 ? 154 HIS A ND1 1 
ATOM   703  C CD2 . HIS A 1 97  ? -1.462  10.852  -18.344 1.00 27.95 ? 154 HIS A CD2 1 
ATOM   704  C CE1 . HIS A 1 97  ? -2.943  12.468  -18.399 1.00 25.16 ? 154 HIS A CE1 1 
ATOM   705  N NE2 . HIS A 1 97  ? -2.508  11.446  -17.682 1.00 26.24 ? 154 HIS A NE2 1 
ATOM   706  N N   . ASP A 1 98  ? 3.009   10.333  -21.378 1.00 21.91 ? 155 ASP A N   1 
ATOM   707  C CA  . ASP A 1 98  ? 3.956   10.039  -22.450 1.00 20.20 ? 155 ASP A CA  1 
ATOM   708  C C   . ASP A 1 98  ? 4.346   8.574   -22.316 1.00 18.62 ? 155 ASP A C   1 
ATOM   709  O O   . ASP A 1 98  ? 5.197   8.218   -21.498 1.00 20.57 ? 155 ASP A O   1 
ATOM   710  C CB  . ASP A 1 98  ? 5.168   10.960  -22.359 1.00 21.98 ? 155 ASP A CB  1 
ATOM   711  C CG  . ASP A 1 98  ? 6.227   10.638  -23.395 1.00 25.12 ? 155 ASP A CG  1 
ATOM   712  O OD1 . ASP A 1 98  ? 5.930   9.885   -24.348 1.00 32.17 ? 155 ASP A OD1 1 
ATOM   713  O OD2 . ASP A 1 98  ? 7.362   11.142  -23.254 1.00 29.05 ? 155 ASP A OD2 1 
ATOM   714  N N   . ALA A 1 99  ? 3.719   7.720   -23.130 1.00 19.30 ? 156 ALA A N   1 
ATOM   715  C CA  . ALA A 1 99  ? 3.947   6.282   -23.022 1.00 20.32 ? 156 ALA A CA  1 
ATOM   716  C C   . ALA A 1 99  ? 5.402   5.913   -23.272 1.00 23.96 ? 156 ALA A C   1 
ATOM   717  O O   . ALA A 1 99  ? 5.865   4.870   -22.797 1.00 20.80 ? 156 ALA A O   1 
ATOM   718  C CB  . ALA A 1 99  ? 3.040   5.535   -24.000 1.00 18.75 ? 156 ALA A CB  1 
ATOM   719  N N   . GLU A 1 100 ? 6.137   6.749   -24.011 1.00 21.72 ? 157 GLU A N   1 
ATOM   720  C CA  . GLU A 1 100 ? 7.527   6.432   -24.320 1.00 24.99 ? 157 GLU A CA  1 
ATOM   721  C C   . GLU A 1 100 ? 8.422   6.556   -23.094 1.00 26.60 ? 157 GLU A C   1 
ATOM   722  O O   . GLU A 1 100 ? 9.446   5.872   -23.007 1.00 26.06 ? 157 GLU A O   1 
ATOM   723  C CB  . GLU A 1 100 ? 8.041   7.339   -25.439 1.00 30.54 ? 157 GLU A CB  1 
ATOM   724  C CG  . GLU A 1 100 ? 7.499   6.993   -26.815 1.00 30.87 ? 157 GLU A CG  1 
ATOM   725  C CD  . GLU A 1 100 ? 7.972   5.638   -27.303 1.00 39.45 ? 157 GLU A CD  1 
ATOM   726  O OE1 . GLU A 1 100 ? 7.121   4.739   -27.479 1.00 45.36 ? 157 GLU A OE1 1 
ATOM   727  O OE2 . GLU A 1 100 ? 9.192   5.470   -27.514 1.00 46.83 ? 157 GLU A OE2 1 
ATOM   728  N N   . GLU A 1 101 ? 8.060   7.418   -22.144 1.00 21.05 ? 158 GLU A N   1 
ATOM   729  C CA  . GLU A 1 101 ? 8.843   7.602   -20.930 1.00 22.87 ? 158 GLU A CA  1 
ATOM   730  C C   . GLU A 1 101 ? 8.131   7.072   -19.690 1.00 20.31 ? 158 GLU A C   1 
ATOM   731  O O   . GLU A 1 101 ? 8.637   7.237   -18.576 1.00 22.37 ? 158 GLU A O   1 
ATOM   732  C CB  . GLU A 1 101 ? 9.198   9.079   -20.752 1.00 25.32 ? 158 GLU A CB  1 
ATOM   733  C CG  . GLU A 1 101 ? 10.134  9.627   -21.834 1.00 25.17 ? 158 GLU A CG  1 
ATOM   734  C CD  . GLU A 1 101 ? 11.526  9.010   -21.786 1.00 30.34 ? 158 GLU A CD  1 
ATOM   735  O OE1 . GLU A 1 101 ? 12.307  9.228   -22.737 1.00 34.67 ? 158 GLU A OE1 1 
ATOM   736  O OE2 . GLU A 1 101 ? 11.844  8.311   -20.800 1.00 28.37 ? 158 GLU A OE2 1 
ATOM   737  N N   . TRP A 1 102 ? 6.980   6.431   -19.863 1.00 15.86 ? 159 TRP A N   1 
ATOM   738  C CA  . TRP A 1 102 ? 6.233   5.852   -18.758 1.00 18.14 ? 159 TRP A CA  1 
ATOM   739  C C   . TRP A 1 102 ? 6.884   4.552   -18.295 1.00 18.40 ? 159 TRP A C   1 
ATOM   740  O O   . TRP A 1 102 ? 7.509   3.834   -19.078 1.00 15.66 ? 159 TRP A O   1 
ATOM   741  C CB  . TRP A 1 102 ? 4.790   5.597   -19.198 1.00 17.99 ? 159 TRP A CB  1 
ATOM   742  C CG  . TRP A 1 102 ? 3.885   4.968   -18.181 1.00 15.80 ? 159 TRP A CG  1 
ATOM   743  C CD1 . TRP A 1 102 ? 3.225   5.603   -17.165 1.00 15.08 ? 159 TRP A CD1 1 
ATOM   744  C CD2 . TRP A 1 102 ? 3.501   3.587   -18.107 1.00 17.41 ? 159 TRP A CD2 1 
ATOM   745  N NE1 . TRP A 1 102 ? 2.468   4.698   -16.457 1.00 13.93 ? 159 TRP A NE1 1 
ATOM   746  C CE2 . TRP A 1 102 ? 2.621   3.456   -17.014 1.00 15.14 ? 159 TRP A CE2 1 
ATOM   747  C CE3 . TRP A 1 102 ? 3.823   2.449   -18.854 1.00 14.15 ? 159 TRP A CE3 1 
ATOM   748  C CZ2 . TRP A 1 102 ? 2.060   2.234   -16.650 1.00 15.41 ? 159 TRP A CZ2 1 
ATOM   749  C CZ3 . TRP A 1 102 ? 3.270   1.234   -18.488 1.00 16.62 ? 159 TRP A CZ3 1 
ATOM   750  C CH2 . TRP A 1 102 ? 2.396   1.136   -17.398 1.00 16.25 ? 159 TRP A CH2 1 
ATOM   751  N N   . ARG A 1 103 ? 6.748   4.261   -17.004 1.00 14.28 ? 160 ARG A N   1 
ATOM   752  C CA  . ARG A 1 103 ? 7.117   2.943   -16.517 1.00 18.67 ? 160 ARG A CA  1 
ATOM   753  C C   . ARG A 1 103 ? 5.992   2.392   -15.653 1.00 16.02 ? 160 ARG A C   1 
ATOM   754  O O   . ARG A 1 103 ? 5.303   3.156   -14.961 1.00 16.21 ? 160 ARG A O   1 
ATOM   755  C CB  . ARG A 1 103 ? 8.430   2.971   -15.719 1.00 19.99 ? 160 ARG A CB  1 
ATOM   756  C CG  . ARG A 1 103 ? 8.334   3.655   -14.387 1.00 17.93 ? 160 ARG A CG  1 
ATOM   757  C CD  . ARG A 1 103 ? 9.427   3.195   -13.425 1.00 18.66 ? 160 ARG A CD  1 
ATOM   758  N NE  . ARG A 1 103 ? 9.322   3.962   -12.192 1.00 14.71 ? 160 ARG A NE  1 
ATOM   759  C CZ  . ARG A 1 103 ? 8.508   3.652   -11.189 1.00 16.38 ? 160 ARG A CZ  1 
ATOM   760  N NH1 . ARG A 1 103 ? 8.459   4.426   -10.116 1.00 15.68 ? 160 ARG A NH1 1 
ATOM   761  N NH2 . ARG A 1 103 ? 7.751   2.561   -11.255 1.00 13.39 ? 160 ARG A NH2 1 
ATOM   762  N N   . PRO A 1 104 ? 5.762   1.079   -15.689 1.00 15.22 ? 161 PRO A N   1 
ATOM   763  C CA  . PRO A 1 104 ? 4.668   0.516   -14.907 1.00 14.51 ? 161 PRO A CA  1 
ATOM   764  C C   . PRO A 1 104 ? 4.944   0.650   -13.420 1.00 16.34 ? 161 PRO A C   1 
ATOM   765  O O   . PRO A 1 104 ? 6.109   0.696   -12.991 1.00 12.31 ? 161 PRO A O   1 
ATOM   766  C CB  . PRO A 1 104 ? 4.637   -0.959  -15.347 1.00 17.83 ? 161 PRO A CB  1 
ATOM   767  C CG  . PRO A 1 104 ? 5.999   -1.230  -15.883 1.00 17.93 ? 161 PRO A CG  1 
ATOM   768  C CD  . PRO A 1 104 ? 6.453   0.060   -16.500 1.00 18.02 ? 161 PRO A CD  1 
ATOM   769  N N   . PRO A 1 105 ? 3.903   0.735   -12.598 1.00 16.73 ? 162 PRO A N   1 
ATOM   770  C CA  . PRO A 1 105 ? 4.121   0.849   -11.154 1.00 11.27 ? 162 PRO A CA  1 
ATOM   771  C C   . PRO A 1 105 ? 4.706   -0.428  -10.577 1.00 15.22 ? 162 PRO A C   1 
ATOM   772  O O   . PRO A 1 105 ? 4.458   -1.535  -11.063 1.00 15.20 ? 162 PRO A O   1 
ATOM   773  C CB  . PRO A 1 105 ? 2.714   1.108   -10.601 1.00 13.05 ? 162 PRO A CB  1 
ATOM   774  C CG  . PRO A 1 105 ? 1.802   0.485   -11.615 1.00 16.39 ? 162 PRO A CG  1 
ATOM   775  C CD  . PRO A 1 105 ? 2.472   0.735   -12.943 1.00 14.95 ? 162 PRO A CD  1 
ATOM   776  N N   . THR A 1 106 ? 5.494   -0.260  -9.523  1.00 14.13 ? 163 THR A N   1 
ATOM   777  C CA  . THR A 1 106 ? 5.912   -1.398  -8.728  1.00 16.00 ? 163 THR A CA  1 
ATOM   778  C C   . THR A 1 106 ? 4.721   -1.952  -7.947  1.00 15.37 ? 163 THR A C   1 
ATOM   779  O O   . THR A 1 106 ? 3.626   -1.381  -7.938  1.00 12.84 ? 163 THR A O   1 
ATOM   780  C CB  . THR A 1 106 ? 7.023   -1.000  -7.762  1.00 13.70 ? 163 THR A CB  1 
ATOM   781  O OG1 . THR A 1 106 ? 6.501   -0.054  -6.825  1.00 13.67 ? 163 THR A OG1 1 
ATOM   782  C CG2 . THR A 1 106 ? 8.196   -0.370  -8.514  1.00 13.02 ? 163 THR A CG2 1 
ATOM   783  N N   . SER A 1 107 ? 4.952   -3.079  -7.272  1.00 18.55 ? 164 SER A N   1 
ATOM   784  C CA  . SER A 1 107 ? 3.927   -3.641  -6.397  1.00 17.77 ? 164 SER A CA  1 
ATOM   785  C C   . SER A 1 107 ? 3.540   -2.654  -5.298  1.00 16.15 ? 164 SER A C   1 
ATOM   786  O O   . SER A 1 107 ? 2.353   -2.444  -5.029  1.00 15.27 ? 164 SER A O   1 
ATOM   787  C CB  . SER A 1 107 ? 4.426   -4.954  -5.792  1.00 20.84 ? 164 SER A CB  1 
ATOM   788  O OG  . SER A 1 107 ? 3.480   -5.475  -4.876  1.00 27.99 ? 164 SER A OG  1 
ATOM   789  N N   . TRP A 1 108 ? 4.534   -2.042  -4.650  1.00 13.86 ? 165 TRP A N   1 
ATOM   790  C CA  . TRP A 1 108 ? 4.272   -1.075  -3.584  1.00 19.13 ? 165 TRP A CA  1 
ATOM   791  C C   . TRP A 1 108 ? 3.456   0.114   -4.097  1.00 12.15 ? 165 TRP A C   1 
ATOM   792  O O   . TRP A 1 108 ? 2.470   0.538   -3.464  1.00 16.81 ? 165 TRP A O   1 
ATOM   793  C CB  . TRP A 1 108 ? 5.614   -0.624  -2.995  1.00 15.09 ? 165 TRP A CB  1 
ATOM   794  C CG  . TRP A 1 108 ? 5.533   0.230   -1.774  1.00 18.12 ? 165 TRP A CG  1 
ATOM   795  C CD1 . TRP A 1 108 ? 5.193   -0.164  -0.509  1.00 21.30 ? 165 TRP A CD1 1 
ATOM   796  C CD2 . TRP A 1 108 ? 5.839   1.626   -1.691  1.00 20.79 ? 165 TRP A CD2 1 
ATOM   797  N NE1 . TRP A 1 108 ? 5.252   0.908   0.351   1.00 22.70 ? 165 TRP A NE1 1 
ATOM   798  C CE2 . TRP A 1 108 ? 5.647   2.017   -0.351  1.00 19.86 ? 165 TRP A CE2 1 
ATOM   799  C CE3 . TRP A 1 108 ? 6.251   2.584   -2.624  1.00 21.21 ? 165 TRP A CE3 1 
ATOM   800  C CZ2 . TRP A 1 108 ? 5.851   3.326   0.078   1.00 23.24 ? 165 TRP A CZ2 1 
ATOM   801  C CZ3 . TRP A 1 108 ? 6.452   3.883   -2.195  1.00 22.73 ? 165 TRP A CZ3 1 
ATOM   802  C CH2 . TRP A 1 108 ? 6.252   4.242   -0.856  1.00 19.77 ? 165 TRP A CH2 1 
ATOM   803  N N   . GLU A 1 109 ? 3.842   0.652   -5.256  1.00 13.74 ? 166 GLU A N   1 
ATOM   804  C CA  . GLU A 1 109 ? 3.098   1.758   -5.848  1.00 13.14 ? 166 GLU A CA  1 
ATOM   805  C C   . GLU A 1 109 ? 1.665   1.350   -6.167  1.00 15.76 ? 166 GLU A C   1 
ATOM   806  O O   . GLU A 1 109 ? 0.731   2.137   -5.974  1.00 17.98 ? 166 GLU A O   1 
ATOM   807  C CB  . GLU A 1 109 ? 3.822   2.258   -7.103  1.00 12.33 ? 166 GLU A CB  1 
ATOM   808  C CG  . GLU A 1 109 ? 5.130   2.984   -6.792  1.00 13.05 ? 166 GLU A CG  1 
ATOM   809  C CD  . GLU A 1 109 ? 6.066   3.104   -7.985  1.00 17.55 ? 166 GLU A CD  1 
ATOM   810  O OE1 . GLU A 1 109 ? 5.816   2.460   -9.027  1.00 15.26 ? 166 GLU A OE1 1 
ATOM   811  O OE2 . GLU A 1 109 ? 7.070   3.841   -7.875  1.00 16.91 ? 166 GLU A OE2 1 
ATOM   812  N N   . LEU A 1 110 ? 1.469   0.119   -6.649  1.00 15.65 ? 167 LEU A N   1 
ATOM   813  C CA  . LEU A 1 110 ? 0.115   -0.367  -6.896  1.00 17.93 ? 167 LEU A CA  1 
ATOM   814  C C   . LEU A 1 110 ? -0.678  -0.480  -5.600  1.00 14.41 ? 167 LEU A C   1 
ATOM   815  O O   . LEU A 1 110 ? -1.872  -0.158  -5.557  1.00 14.68 ? 167 LEU A O   1 
ATOM   816  C CB  . LEU A 1 110 ? 0.166   -1.720  -7.605  1.00 17.63 ? 167 LEU A CB  1 
ATOM   817  C CG  . LEU A 1 110 ? 0.030   -1.702  -9.129  1.00 25.18 ? 167 LEU A CG  1 
ATOM   818  C CD1 . LEU A 1 110 ? 0.651   -2.954  -9.725  1.00 31.39 ? 167 LEU A CD1 1 
ATOM   819  C CD2 . LEU A 1 110 ? -1.434  -1.579  -9.529  1.00 26.36 ? 167 LEU A CD2 1 
ATOM   820  N N   . ARG A 1 111 ? -0.033  -0.943  -4.531  1.00 15.39 ? 168 ARG A N   1 
ATOM   821  C CA  . ARG A 1 111 ? -0.707  -1.078  -3.248  1.00 16.45 ? 168 ARG A CA  1 
ATOM   822  C C   . ARG A 1 111 ? -1.006  0.267   -2.608  1.00 17.72 ? 168 ARG A C   1 
ATOM   823  O O   . ARG A 1 111 ? -1.698  0.307   -1.583  1.00 19.90 ? 168 ARG A O   1 
ATOM   824  C CB  . ARG A 1 111 ? 0.128   -1.950  -2.311  1.00 19.13 ? 168 ARG A CB  1 
ATOM   825  C CG  . ARG A 1 111 ? 0.179   -3.406  -2.751  1.00 21.50 ? 168 ARG A CG  1 
ATOM   826  C CD  . ARG A 1 111 ? 0.904   -4.271  -1.749  1.00 26.66 ? 168 ARG A CD  1 
ATOM   827  N NE  . ARG A 1 111 ? 2.339   -4.305  -2.009  1.00 34.64 ? 168 ARG A NE  1 
ATOM   828  C CZ  . ARG A 1 111 ? 3.255   -3.915  -1.132  1.00 34.79 ? 168 ARG A CZ  1 
ATOM   829  N NH1 . ARG A 1 111 ? 2.878   -3.460  0.055   1.00 33.50 ? 168 ARG A NH1 1 
ATOM   830  N NH2 . ARG A 1 111 ? 4.542   -3.977  -1.442  1.00 31.36 ? 168 ARG A NH2 1 
ATOM   831  N N   . HIS A 1 112 ? -0.497  1.363   -3.177  1.00 13.03 ? 169 HIS A N   1 
ATOM   832  C CA  . HIS A 1 112 ? -1.030  2.675   -2.813  1.00 13.27 ? 169 HIS A CA  1 
ATOM   833  C C   . HIS A 1 112 ? -2.508  2.826   -3.175  1.00 20.13 ? 169 HIS A C   1 
ATOM   834  O O   . HIS A 1 112 ? -3.239  3.556   -2.491  1.00 14.04 ? 169 HIS A O   1 
ATOM   835  C CB  . HIS A 1 112 ? -0.234  3.789   -3.493  1.00 17.58 ? 169 HIS A CB  1 
ATOM   836  C CG  . HIS A 1 112 ? 1.025   4.156   -2.775  1.00 15.12 ? 169 HIS A CG  1 
ATOM   837  N ND1 . HIS A 1 112 ? 2.073   3.278   -2.621  1.00 17.43 ? 169 HIS A ND1 1 
ATOM   838  C CD2 . HIS A 1 112 ? 1.405   5.308   -2.173  1.00 18.33 ? 169 HIS A CD2 1 
ATOM   839  C CE1 . HIS A 1 112 ? 3.047   3.871   -1.954  1.00 18.13 ? 169 HIS A CE1 1 
ATOM   840  N NE2 . HIS A 1 112 ? 2.667   5.104   -1.669  1.00 19.06 ? 169 HIS A NE2 1 
ATOM   841  N N   . VAL A 1 113 ? -2.969  2.179   -4.246  1.00 14.62 ? 170 VAL A N   1 
ATOM   842  C CA  . VAL A 1 113 ? -4.302  2.448   -4.781  1.00 11.43 ? 170 VAL A CA  1 
ATOM   843  C C   . VAL A 1 113 ? -5.197  1.220   -4.850  1.00 15.64 ? 170 VAL A C   1 
ATOM   844  O O   . VAL A 1 113 ? -6.403  1.373   -5.106  1.00 16.31 ? 170 VAL A O   1 
ATOM   845  C CB  . VAL A 1 113 ? -4.229  3.119   -6.171  1.00 14.83 ? 170 VAL A CB  1 
ATOM   846  C CG1 . VAL A 1 113 ? -3.594  4.501   -6.062  1.00 14.31 ? 170 VAL A CG1 1 
ATOM   847  C CG2 . VAL A 1 113 ? -3.457  2.241   -7.157  1.00 14.36 ? 170 VAL A CG2 1 
ATOM   848  N N   . VAL A 1 114 ? -4.678  0.014   -4.640  1.00 13.66 ? 171 VAL A N   1 
ATOM   849  C CA  . VAL A 1 114 ? -5.482  -1.203  -4.697  1.00 15.29 ? 171 VAL A CA  1 
ATOM   850  C C   . VAL A 1 114 ? -5.185  -2.052  -3.468  1.00 18.19 ? 171 VAL A C   1 
ATOM   851  O O   . VAL A 1 114 ? -4.023  -2.210  -3.076  1.00 15.88 ? 171 VAL A O   1 
ATOM   852  C CB  . VAL A 1 114 ? -5.225  -2.006  -5.991  1.00 19.80 ? 171 VAL A CB  1 
ATOM   853  C CG1 . VAL A 1 114 ? -5.942  -3.339  -5.933  1.00 23.95 ? 171 VAL A CG1 1 
ATOM   854  C CG2 . VAL A 1 114 ? -5.689  -1.221  -7.207  1.00 17.64 ? 171 VAL A CG2 1 
ATOM   855  N N   . GLY A 1 115 ? -6.238  -2.604  -2.868  1.00 18.69 ? 172 GLY A N   1 
ATOM   856  C CA  . GLY A 1 115 ? -6.122  -3.350  -1.629  1.00 18.19 ? 172 GLY A CA  1 
ATOM   857  C C   . GLY A 1 115 ? -7.001  -2.737  -0.558  1.00 21.14 ? 172 GLY A C   1 
ATOM   858  O O   . GLY A 1 115 ? -7.235  -1.523  -0.572  1.00 21.67 ? 172 GLY A O   1 
ATOM   859  N N   . GLU A 1 116 ? -7.515  -3.556  0.364   1.00 25.55 ? 173 GLU A N   1 
ATOM   860  C CA  . GLU A 1 116 ? -8.405  -3.019  1.389   1.00 24.92 ? 173 GLU A CA  1 
ATOM   861  C C   . GLU A 1 116 ? -7.686  -2.005  2.273   1.00 21.16 ? 173 GLU A C   1 
ATOM   862  O O   . GLU A 1 116 ? -8.302  -1.040  2.736   1.00 22.47 ? 173 GLU A O   1 
ATOM   863  C CB  . GLU A 1 116 ? -8.997  -4.154  2.231   1.00 24.31 ? 173 GLU A CB  1 
ATOM   864  C CG  . GLU A 1 116 ? -7.976  -5.089  2.863   1.00 25.00 ? 173 GLU A CG  1 
ATOM   865  C CD  . GLU A 1 116 ? -7.427  -4.547  4.168   1.00 22.59 ? 173 GLU A CD  1 
ATOM   866  O OE1 . GLU A 1 116 ? -6.345  -4.998  4.596   1.00 26.07 ? 173 GLU A OE1 1 
ATOM   867  O OE2 . GLU A 1 116 ? -8.073  -3.654  4.753   1.00 26.68 ? 173 GLU A OE2 1 
ATOM   868  N N   . GLY A 1 117 ? -6.392  -2.201  2.505   1.00 20.87 ? 174 GLY A N   1 
ATOM   869  C CA  . GLY A 1 117 ? -5.563  -1.261  3.227   1.00 20.49 ? 174 GLY A CA  1 
ATOM   870  C C   . GLY A 1 117 ? -4.945  -0.164  2.391   1.00 21.90 ? 174 GLY A C   1 
ATOM   871  O O   . GLY A 1 117 ? -4.189  0.651   2.922   1.00 20.74 ? 174 GLY A O   1 
ATOM   872  N N   . SER A 1 118 ? -5.238  -0.119  1.096   1.00 17.91 ? 175 SER A N   1 
ATOM   873  C CA  . SER A 1 118 ? -4.754  0.960   0.254   1.00 14.65 ? 175 SER A CA  1 
ATOM   874  C C   . SER A 1 118 ? -5.472  2.269   0.594   1.00 20.50 ? 175 SER A C   1 
ATOM   875  O O   . SER A 1 118 ? -6.466  2.306   1.323   1.00 19.24 ? 175 SER A O   1 
ATOM   876  C CB  . SER A 1 118 ? -4.946  0.597   -1.215  1.00 18.81 ? 175 SER A CB  1 
ATOM   877  O OG  . SER A 1 118 ? -6.265  0.926   -1.612  1.00 17.97 ? 175 SER A OG  1 
ATOM   878  N N   . PHE A 1 119 ? -4.941  3.362   0.050   1.00 17.21 ? 176 PHE A N   1 
ATOM   879  C CA  . PHE A 1 119 ? -5.540  4.668   0.279   1.00 20.90 ? 176 PHE A CA  1 
ATOM   880  C C   . PHE A 1 119 ? -6.894  4.831   -0.404  1.00 24.81 ? 176 PHE A C   1 
ATOM   881  O O   . PHE A 1 119 ? -7.609  5.790   -0.095  1.00 20.49 ? 176 PHE A O   1 
ATOM   882  C CB  . PHE A 1 119 ? -4.574  5.756   -0.185  1.00 17.28 ? 176 PHE A CB  1 
ATOM   883  C CG  . PHE A 1 119 ? -3.291  5.794   0.595   1.00 19.86 ? 176 PHE A CG  1 
ATOM   884  C CD1 . PHE A 1 119 ? -3.310  5.828   1.981   1.00 23.53 ? 176 PHE A CD1 1 
ATOM   885  C CD2 . PHE A 1 119 ? -2.071  5.795   -0.054  1.00 19.93 ? 176 PHE A CD2 1 
ATOM   886  C CE1 . PHE A 1 119 ? -2.133  5.869   2.705   1.00 24.00 ? 176 PHE A CE1 1 
ATOM   887  C CE2 . PHE A 1 119 ? -0.889  5.834   0.663   1.00 20.71 ? 176 PHE A CE2 1 
ATOM   888  C CZ  . PHE A 1 119 ? -0.919  5.871   2.043   1.00 26.69 ? 176 PHE A CZ  1 
ATOM   889  N N   . THR A 1 120 ? -7.269  3.926   -1.313  1.00 18.84 ? 177 THR A N   1 
ATOM   890  C CA  . THR A 1 120 ? -8.610  3.941   -1.886  1.00 17.61 ? 177 THR A CA  1 
ATOM   891  C C   . THR A 1 120 ? -9.567  2.989   -1.185  1.00 19.31 ? 177 THR A C   1 
ATOM   892  O O   . THR A 1 120 ? -10.785 3.163   -1.303  1.00 20.70 ? 177 THR A O   1 
ATOM   893  C CB  . THR A 1 120 ? -8.570  3.570   -3.374  1.00 18.15 ? 177 THR A CB  1 
ATOM   894  O OG1 . THR A 1 120 ? -8.187  2.198   -3.505  1.00 17.35 ? 177 THR A OG1 1 
ATOM   895  C CG2 . THR A 1 120 ? -7.579  4.448   -4.133  1.00 14.33 ? 177 THR A CG2 1 
ATOM   896  N N   . GLY A 1 121 ? -9.051  1.991   -0.472  1.00 17.79 ? 178 GLY A N   1 
ATOM   897  C CA  . GLY A 1 121 ? -9.880  0.964   0.121   1.00 19.57 ? 178 GLY A CA  1 
ATOM   898  C C   . GLY A 1 121 ? -10.480 -0.021  -0.856  1.00 22.57 ? 178 GLY A C   1 
ATOM   899  O O   . GLY A 1 121 ? -11.218 -0.918  -0.429  1.00 25.44 ? 178 GLY A O   1 
ATOM   900  N N   . VAL A 1 122 ? -10.189 0.107   -2.149  1.00 22.52 ? 179 VAL A N   1 
ATOM   901  C CA  . VAL A 1 122 ? -10.769 -0.769  -3.161  1.00 21.38 ? 179 VAL A CA  1 
ATOM   902  C C   . VAL A 1 122 ? -9.965  -2.062  -3.226  1.00 18.37 ? 179 VAL A C   1 
ATOM   903  O O   . VAL A 1 122 ? -8.743  -2.040  -3.416  1.00 19.79 ? 179 VAL A O   1 
ATOM   904  C CB  . VAL A 1 122 ? -10.804 -0.067  -4.525  1.00 18.73 ? 179 VAL A CB  1 
ATOM   905  C CG1 . VAL A 1 122 ? -11.262 -1.033  -5.611  1.00 17.03 ? 179 VAL A CG1 1 
ATOM   906  C CG2 . VAL A 1 122 ? -11.705 1.162   -4.465  1.00 20.72 ? 179 VAL A CG2 1 
ATOM   907  N N   . SER A 1 123 ? -10.653 -3.190  -3.077  1.00 16.12 ? 180 SER A N   1 
ATOM   908  C CA  . SER A 1 123 ? -9.999  -4.487  -3.035  1.00 19.88 ? 180 SER A CA  1 
ATOM   909  C C   . SER A 1 123 ? -9.467  -4.878  -4.418  1.00 20.69 ? 180 SER A C   1 
ATOM   910  O O   . SER A 1 123 ? -9.828  -4.299  -5.446  1.00 18.51 ? 180 SER A O   1 
ATOM   911  C CB  . SER A 1 123 ? -10.966 -5.549  -2.516  1.00 19.64 ? 180 SER A CB  1 
ATOM   912  O OG  . SER A 1 123 ? -11.773 -6.060  -3.564  1.00 22.71 ? 180 SER A OG  1 
ATOM   913  N N   . GLY A 1 124 ? -8.590  -5.886  -4.427  1.00 19.87 ? 181 GLY A N   1 
ATOM   914  C CA  . GLY A 1 124 ? -8.036  -6.362  -5.686  1.00 21.66 ? 181 GLY A CA  1 
ATOM   915  C C   . GLY A 1 124 ? -9.100  -6.869  -6.641  1.00 23.31 ? 181 GLY A C   1 
ATOM   916  O O   . GLY A 1 124 ? -9.043  -6.607  -7.845  1.00 18.71 ? 181 GLY A O   1 
ATOM   917  N N   . ALA A 1 125 ? -10.094 -7.591  -6.114  1.00 19.31 ? 182 ALA A N   1 
ATOM   918  C CA  . ALA A 1 125 ? -11.167 -8.107  -6.960  1.00 21.24 ? 182 ALA A CA  1 
ATOM   919  C C   . ALA A 1 125 ? -12.027 -6.979  -7.519  1.00 20.68 ? 182 ALA A C   1 
ATOM   920  O O   . ALA A 1 125 ? -12.445 -7.026  -8.684  1.00 20.10 ? 182 ALA A O   1 
ATOM   921  C CB  . ALA A 1 125 ? -12.025 -9.100  -6.174  1.00 22.16 ? 182 ALA A CB  1 
ATOM   922  N N   . ALA A 1 126 ? -12.296 -5.951  -6.710  1.00 17.65 ? 183 ALA A N   1 
ATOM   923  C CA  . ALA A 1 126 ? -13.082 -4.822  -7.197  1.00 18.05 ? 183 ALA A CA  1 
ATOM   924  C C   . ALA A 1 126 ? -12.322 -4.036  -8.261  1.00 17.66 ? 183 ALA A C   1 
ATOM   925  O O   . ALA A 1 126 ? -12.911 -3.599  -9.255  1.00 17.18 ? 183 ALA A O   1 
ATOM   926  C CB  . ALA A 1 126 ? -13.481 -3.916  -6.031  1.00 21.34 ? 183 ALA A CB  1 
ATOM   927  N N   . ALA A 1 127 ? -11.011 -3.851  -8.075  1.00 16.21 ? 184 ALA A N   1 
ATOM   928  C CA  . ALA A 1 127 ? -10.206 -3.196  -9.103  1.00 15.60 ? 184 ALA A CA  1 
ATOM   929  C C   . ALA A 1 127 ? -10.182 -4.017  -10.388 1.00 17.97 ? 184 ALA A C   1 
ATOM   930  O O   . ALA A 1 127 ? -10.289 -3.466  -11.493 1.00 20.87 ? 184 ALA A O   1 
ATOM   931  C CB  . ALA A 1 127 ? -8.787  -2.962  -8.589  1.00 16.14 ? 184 ALA A CB  1 
ATOM   932  N N   . ALA A 1 128 ? -10.039 -5.340  -10.261 1.00 21.47 ? 185 ALA A N   1 
ATOM   933  C CA  . ALA A 1 128 ? -10.112 -6.212  -11.427 1.00 17.10 ? 185 ALA A CA  1 
ATOM   934  C C   . ALA A 1 128 ? -11.438 -6.039  -12.157 1.00 20.61 ? 185 ALA A C   1 
ATOM   935  O O   . ALA A 1 128 ? -11.469 -5.949  -13.391 1.00 17.90 ? 185 ALA A O   1 
ATOM   936  C CB  . ALA A 1 128 ? -9.914  -7.667  -11.006 1.00 19.61 ? 185 ALA A CB  1 
ATOM   937  N N   . ALA A 1 129 ? -12.544 -5.983  -11.410 1.00 19.84 ? 186 ALA A N   1 
ATOM   938  C CA  . ALA A 1 129 ? -13.845 -5.757  -12.032 1.00 19.84 ? 186 ALA A CA  1 
ATOM   939  C C   . ALA A 1 129 ? -13.903 -4.395  -12.715 1.00 23.20 ? 186 ALA A C   1 
ATOM   940  O O   . ALA A 1 129 ? -14.538 -4.245  -13.765 1.00 20.92 ? 186 ALA A O   1 
ATOM   941  C CB  . ALA A 1 129 ? -14.958 -5.881  -10.990 1.00 22.14 ? 186 ALA A CB  1 
ATOM   942  N N   . LEU A 1 130 ? -13.254 -3.386  -12.122 1.00 19.11 ? 187 LEU A N   1 
ATOM   943  C CA  . LEU A 1 130 ? -13.187 -2.072  -12.755 1.00 19.02 ? 187 LEU A CA  1 
ATOM   944  C C   . LEU A 1 130 ? -12.420 -2.124  -14.072 1.00 21.44 ? 187 LEU A C   1 
ATOM   945  O O   . LEU A 1 130 ? -12.684 -1.324  -14.978 1.00 22.10 ? 187 LEU A O   1 
ATOM   946  C CB  . LEU A 1 130 ? -12.529 -1.060  -11.816 1.00 20.82 ? 187 LEU A CB  1 
ATOM   947  C CG  . LEU A 1 130 ? -13.320 -0.515  -10.628 1.00 22.23 ? 187 LEU A CG  1 
ATOM   948  C CD1 . LEU A 1 130 ? -12.475 0.501   -9.875  1.00 23.63 ? 187 LEU A CD1 1 
ATOM   949  C CD2 . LEU A 1 130 ? -14.628 0.109   -11.088 1.00 21.75 ? 187 LEU A CD2 1 
ATOM   950  N N   . LEU A 1 131 ? -11.459 -3.035  -14.188 1.00 17.30 ? 188 LEU A N   1 
ATOM   951  C CA  . LEU A 1 131 ? -10.687 -3.189  -15.416 1.00 18.61 ? 188 LEU A CA  1 
ATOM   952  C C   . LEU A 1 131 ? -11.249 -4.255  -16.348 1.00 18.27 ? 188 LEU A C   1 
ATOM   953  O O   . LEU A 1 131 ? -10.693 -4.468  -17.430 1.00 18.53 ? 188 LEU A O   1 
ATOM   954  C CB  . LEU A 1 131 ? -9.232  -3.525  -15.080 1.00 18.74 ? 188 LEU A CB  1 
ATOM   955  C CG  . LEU A 1 131 ? -8.456  -2.411  -14.381 1.00 22.76 ? 188 LEU A CG  1 
ATOM   956  C CD1 . LEU A 1 131 ? -7.076  -2.898  -13.969 1.00 13.03 ? 188 LEU A CD1 1 
ATOM   957  C CD2 . LEU A 1 131 ? -8.357  -1.201  -15.296 1.00 23.35 ? 188 LEU A CD2 1 
ATOM   958  N N   . GLY A 1 132 ? -12.321 -4.935  -15.960 1.00 21.24 ? 189 GLY A N   1 
ATOM   959  C CA  . GLY A 1 132 ? -12.855 -5.992  -16.793 1.00 24.63 ? 189 GLY A CA  1 
ATOM   960  C C   . GLY A 1 132 ? -11.989 -7.230  -16.875 1.00 24.44 ? 189 GLY A C   1 
ATOM   961  O O   . GLY A 1 132 ? -12.052 -7.955  -17.872 1.00 25.56 ? 189 GLY A O   1 
ATOM   962  N N   . MET A 1 133 ? -11.259 -7.527  -15.832 1.00 23.08 ? 190 MET A N   1 
ATOM   963  C CA  . MET A 1 133 ? -10.391 -8.710  -15.812 1.00 25.75 ? 190 MET A CA  1 
ATOM   964  C C   . MET A 1 133 ? -10.707 -9.562  -14.594 1.00 21.93 ? 190 MET A C   1 
ATOM   965  O O   . MET A 1 133 ? -11.342 -9.086  -13.719 1.00 25.12 ? 190 MET A O   1 
ATOM   966  C CB  . MET A 1 133 ? -8.908  -8.354  -15.864 1.00 30.00 ? 190 MET A CB  1 
ATOM   967  C CG  . MET A 1 133 ? -8.435  -7.383  -14.857 1.00 30.00 ? 190 MET A CG  1 
ATOM   968  S SD  . MET A 1 133 ? -6.813  -6.726  -15.150 1.00 30.00 ? 190 MET A SD  1 
ATOM   969  C CE  . MET A 1 133 ? -5.833  -8.199  -15.074 1.00 30.00 ? 190 MET A CE  1 
ATOM   970  N N   . SER A 1 134 ? -10.325 -10.822 -14.642 1.00 25.14 ? 191 SER A N   1 
ATOM   971  C CA  . SER A 1 134 ? -10.555 -11.723 -13.526 1.00 23.98 ? 191 SER A CA  1 
ATOM   972  C C   . SER A 1 134 ? -9.694  -11.319 -12.336 1.00 25.37 ? 191 SER A C   1 
ATOM   973  O O   . SER A 1 134 ? -8.624  -10.720 -12.489 1.00 22.53 ? 191 SER A O   1 
ATOM   974  C CB  . SER A 1 134 ? -10.231 -13.162 -13.925 1.00 26.89 ? 191 SER A CB  1 
ATOM   975  O OG  . SER A 1 134 ? -8.837  -13.316 -14.132 1.00 29.90 ? 191 SER A OG  1 
ATOM   976  N N   . ALA A 1 135 ? -10.172 -11.665 -11.139 1.00 22.47 ? 192 ALA A N   1 
ATOM   977  C CA  . ALA A 1 135 ? -9.405  -11.391 -9.930  1.00 27.38 ? 192 ALA A CA  1 
ATOM   978  C C   . ALA A 1 135 ? -8.077  -12.142 -9.935  1.00 31.49 ? 192 ALA A C   1 
ATOM   979  O O   . ALA A 1 135 ? -7.058  -11.619 -9.471  1.00 25.16 ? 192 ALA A O   1 
ATOM   980  C CB  . ALA A 1 135 ? -10.227 -11.757 -8.692  1.00 25.90 ? 192 ALA A CB  1 
ATOM   981  N N   . THR A 1 136 ? -8.066  -13.368 -10.468 1.00 27.23 ? 193 THR A N   1 
ATOM   982  C CA  . THR A 1 136 ? -6.839  -14.165 -10.489 1.00 26.55 ? 193 THR A CA  1 
ATOM   983  C C   . THR A 1 136 ? -5.789  -13.541 -11.396 1.00 27.86 ? 193 THR A C   1 
ATOM   984  O O   . THR A 1 136 ? -4.587  -13.608 -11.106 1.00 30.31 ? 193 THR A O   1 
ATOM   985  C CB  . THR A 1 136 ? -7.130  -15.596 -10.943 1.00 32.54 ? 193 THR A CB  1 
ATOM   986  O OG1 . THR A 1 136 ? -7.244  -15.632 -12.371 1.00 43.25 ? 193 THR A OG1 1 
ATOM   987  C CG2 . THR A 1 136 ? -8.415  -16.119 -10.301 1.00 26.89 ? 193 THR A CG2 1 
ATOM   988  N N   . ASN A 1 137 ? -6.220  -12.948 -12.511 1.00 25.14 ? 194 ASN A N   1 
ATOM   989  C CA  . ASN A 1 137 ? -5.277  -12.281 -13.403 1.00 27.92 ? 194 ASN A CA  1 
ATOM   990  C C   . ASN A 1 137 ? -4.749  -10.992 -12.783 1.00 27.74 ? 194 ASN A C   1 
ATOM   991  O O   . ASN A 1 137 ? -3.573  -10.647 -12.953 1.00 23.68 ? 194 ASN A O   1 
ATOM   992  C CB  . ASN A 1 137 ? -5.936  -11.997 -14.752 1.00 28.91 ? 194 ASN A CB  1 
ATOM   993  C CG  . ASN A 1 137 ? -5.874  -13.185 -15.696 1.00 35.05 ? 194 ASN A CG  1 
ATOM   994  O OD1 . ASN A 1 137 ? -4.950  -13.993 -15.630 1.00 33.16 ? 194 ASN A OD1 1 
ATOM   995  N ND2 . ASN A 1 137 ? -6.850  -13.284 -16.593 1.00 34.14 ? 194 ASN A ND2 1 
ATOM   996  N N   . PHE A 1 138 ? -5.606  -10.266 -12.060 1.00 24.88 ? 195 PHE A N   1 
ATOM   997  C CA  . PHE A 1 138 ? -5.147  -9.054  -11.391 1.00 23.08 ? 195 PHE A CA  1 
ATOM   998  C C   . PHE A 1 138 ? -4.192  -9.375  -10.250 1.00 21.29 ? 195 PHE A C   1 
ATOM   999  O O   . PHE A 1 138 ? -3.275  -8.593  -9.976  1.00 22.86 ? 195 PHE A O   1 
ATOM   1000 C CB  . PHE A 1 138 ? -6.335  -8.242  -10.871 1.00 24.01 ? 195 PHE A CB  1 
ATOM   1001 C CG  . PHE A 1 138 ? -5.961  -6.862  -10.402 1.00 21.86 ? 195 PHE A CG  1 
ATOM   1002 C CD1 . PHE A 1 138 ? -5.544  -6.644  -9.096  1.00 22.93 ? 195 PHE A CD1 1 
ATOM   1003 C CD2 . PHE A 1 138 ? -6.016  -5.784  -11.269 1.00 22.95 ? 195 PHE A CD2 1 
ATOM   1004 C CE1 . PHE A 1 138 ? -5.193  -5.377  -8.669  1.00 24.89 ? 195 PHE A CE1 1 
ATOM   1005 C CE2 . PHE A 1 138 ? -5.668  -4.512  -10.844 1.00 19.22 ? 195 PHE A CE2 1 
ATOM   1006 C CZ  . PHE A 1 138 ? -5.257  -4.311  -9.543  1.00 20.11 ? 195 PHE A CZ  1 
ATOM   1007 N N   . ARG A 1 139 ? -4.389  -10.515 -9.581  1.00 24.65 ? 196 ARG A N   1 
ATOM   1008 C CA  . ARG A 1 139 ? -3.494  -10.910 -8.498  1.00 26.31 ? 196 ARG A CA  1 
ATOM   1009 C C   . ARG A 1 139 ? -2.048  -10.994 -8.965  1.00 22.02 ? 196 ARG A C   1 
ATOM   1010 O O   . ARG A 1 139 ? -1.128  -10.773 -8.169  1.00 24.28 ? 196 ARG A O   1 
ATOM   1011 C CB  . ARG A 1 139 ? -3.928  -12.255 -7.919  1.00 29.70 ? 196 ARG A CB  1 
ATOM   1012 C CG  . ARG A 1 139 ? -5.153  -12.164 -7.041  1.00 38.21 ? 196 ARG A CG  1 
ATOM   1013 C CD  . ARG A 1 139 ? -5.656  -13.547 -6.677  1.00 44.14 ? 196 ARG A CD  1 
ATOM   1014 N NE  . ARG A 1 139 ? -7.054  -13.532 -6.263  1.00 52.35 ? 196 ARG A NE  1 
ATOM   1015 C CZ  . ARG A 1 139 ? -7.919  -14.512 -6.507  1.00 44.19 ? 196 ARG A CZ  1 
ATOM   1016 N NH1 . ARG A 1 139 ? -7.535  -15.605 -7.160  1.00 45.92 ? 196 ARG A NH1 1 
ATOM   1017 N NH2 . ARG A 1 139 ? -9.170  -14.405 -6.082  1.00 43.30 ? 196 ARG A NH2 1 
ATOM   1018 N N   . LYS A 1 140 ? -1.826  -11.301 -10.245 1.00 18.36 ? 197 LYS A N   1 
ATOM   1019 C CA  . LYS A 1 140 ? -0.468  -11.431 -10.755 1.00 21.13 ? 197 LYS A CA  1 
ATOM   1020 C C   . LYS A 1 140 ? 0.320   -10.130 -10.659 1.00 22.38 ? 197 LYS A C   1 
ATOM   1021 O O   . LYS A 1 140 ? 1.552   -10.175 -10.591 1.00 20.75 ? 197 LYS A O   1 
ATOM   1022 C CB  . LYS A 1 140 ? -0.505  -11.925 -12.201 1.00 25.76 ? 197 LYS A CB  1 
ATOM   1023 C CG  . LYS A 1 140 ? -1.028  -13.350 -12.332 1.00 29.46 ? 197 LYS A CG  1 
ATOM   1024 C CD  . LYS A 1 140 ? -1.080  -13.814 -13.776 1.00 30.40 ? 197 LYS A CD  1 
ATOM   1025 C CE  . LYS A 1 140 ? -1.579  -15.242 -13.887 1.00 39.32 ? 197 LYS A CE  1 
ATOM   1026 N NZ  . LYS A 1 140 ? -1.653  -15.689 -15.311 1.00 53.08 ? 197 LYS A NZ  1 
ATOM   1027 N N   . TYR A 1 141 ? -0.357  -8.975  -10.632 1.00 16.75 ? 198 TYR A N   1 
ATOM   1028 C CA  . TYR A 1 141 ? 0.341   -7.692  -10.570 1.00 17.94 ? 198 TYR A CA  1 
ATOM   1029 C C   . TYR A 1 141 ? 1.089   -7.490  -9.257  1.00 20.79 ? 198 TYR A C   1 
ATOM   1030 O O   . TYR A 1 141 ? 1.997   -6.655  -9.199  1.00 21.19 ? 198 TYR A O   1 
ATOM   1031 C CB  . TYR A 1 141 ? -0.647  -6.541  -10.779 1.00 15.16 ? 198 TYR A CB  1 
ATOM   1032 C CG  . TYR A 1 141 ? -1.284  -6.507  -12.153 1.00 15.73 ? 198 TYR A CG  1 
ATOM   1033 C CD1 . TYR A 1 141 ? -0.590  -6.940  -13.275 1.00 17.34 ? 198 TYR A CD1 1 
ATOM   1034 C CD2 . TYR A 1 141 ? -2.583  -6.042  -12.325 1.00 16.21 ? 198 TYR A CD2 1 
ATOM   1035 C CE1 . TYR A 1 141 ? -1.172  -6.912  -14.533 1.00 21.52 ? 198 TYR A CE1 1 
ATOM   1036 C CE2 . TYR A 1 141 ? -3.169  -6.005  -13.573 1.00 18.99 ? 198 TYR A CE2 1 
ATOM   1037 C CZ  . TYR A 1 141 ? -2.462  -6.441  -14.673 1.00 23.52 ? 198 TYR A CZ  1 
ATOM   1038 O OH  . TYR A 1 141 ? -3.051  -6.405  -15.915 1.00 23.00 ? 198 TYR A OH  1 
ATOM   1039 N N   . THR A 1 142 ? 0.734   -8.227  -8.204  1.00 21.90 ? 199 THR A N   1 
ATOM   1040 C CA  . THR A 1 142 ? 1.440   -8.150  -6.931  1.00 23.23 ? 199 THR A CA  1 
ATOM   1041 C C   . THR A 1 142 ? 2.001   -9.497  -6.489  1.00 28.74 ? 199 THR A C   1 
ATOM   1042 O O   . THR A 1 142 ? 2.388   -9.642  -5.324  1.00 37.09 ? 199 THR A O   1 
ATOM   1043 C CB  . THR A 1 142 ? 0.522   -7.590  -5.839  1.00 30.07 ? 199 THR A CB  1 
ATOM   1044 O OG1 . THR A 1 142 ? -0.685  -8.360  -5.788  1.00 28.35 ? 199 THR A OG1 1 
ATOM   1045 C CG2 . THR A 1 142 ? 0.179   -6.130  -6.117  1.00 29.99 ? 199 THR A CG2 1 
ATOM   1046 N N   . ALA A 1 143 ? 2.069   -10.476 -7.386  1.00 31.37 ? 200 ALA A N   1 
ATOM   1047 C CA  . ALA A 1 143 ? 2.447   -11.835 -7.026  1.00 32.91 ? 200 ALA A CA  1 
ATOM   1048 C C   . ALA A 1 143 ? 3.967   -12.000 -6.992  1.00 35.40 ? 200 ALA A C   1 
ATOM   1049 O O   . ALA A 1 143 ? 4.730   -11.121 -7.394  1.00 37.72 ? 200 ALA A O   1 
ATOM   1050 C CB  . ALA A 1 143 ? 1.837   -12.833 -8.008  1.00 27.76 ? 200 ALA A CB  1 
ATOM   1051 N N   . GLY A 1 144 ? 4.400   -13.163 -6.506  1.00 32.93 ? 201 GLY A N   1 
ATOM   1052 C CA  . GLY A 1 144 ? 5.800   -13.527 -6.530  1.00 34.91 ? 201 GLY A CA  1 
ATOM   1053 C C   . GLY A 1 144 ? 6.669   -12.674 -5.619  1.00 35.49 ? 201 GLY A C   1 
ATOM   1054 O O   . GLY A 1 144 ? 6.201   -11.879 -4.801  1.00 34.82 ? 201 GLY A O   1 
ATOM   1055 N N   . ASP A 1 145 ? 7.980   -12.866 -5.781  1.00 39.55 ? 202 ASP A N   1 
ATOM   1056 C CA  . ASP A 1 145 ? 8.976   -12.106 -5.033  1.00 44.22 ? 202 ASP A CA  1 
ATOM   1057 C C   . ASP A 1 145 ? 10.021  -11.468 -5.940  1.00 39.90 ? 202 ASP A C   1 
ATOM   1058 O O   . ASP A 1 145 ? 11.055  -11.012 -5.444  1.00 37.99 ? 202 ASP A O   1 
ATOM   1059 C CB  . ASP A 1 145 ? 9.670   -12.997 -3.997  1.00 45.79 ? 202 ASP A CB  1 
ATOM   1060 C CG  . ASP A 1 145 ? 8.692   -13.673 -3.060  1.00 59.60 ? 202 ASP A CG  1 
ATOM   1061 O OD1 . ASP A 1 145 ? 8.117   -12.977 -2.194  1.00 55.07 ? 202 ASP A OD1 1 
ATOM   1062 O OD2 . ASP A 1 145 ? 8.497   -14.901 -3.191  1.00 65.70 ? 202 ASP A OD2 1 
ATOM   1063 N N   . SER A 1 146 ? 9.783   -11.430 -7.249  1.00 32.48 ? 203 SER A N   1 
ATOM   1064 C CA  . SER A 1 146 ? 10.713  -10.863 -8.219  1.00 32.21 ? 203 SER A CA  1 
ATOM   1065 C C   . SER A 1 146 ? 10.072  -9.653  -8.880  1.00 30.49 ? 203 SER A C   1 
ATOM   1066 O O   . SER A 1 146 ? 9.074   -9.791  -9.596  1.00 28.45 ? 203 SER A O   1 
ATOM   1067 C CB  . SER A 1 146 ? 11.103  -11.900 -9.273  1.00 31.36 ? 203 SER A CB  1 
ATOM   1068 O OG  . SER A 1 146 ? 12.004  -11.327 -10.207 1.00 33.49 ? 203 SER A OG  1 
ATOM   1069 N N   . ALA A 1 147 ? 10.643  -8.468  -8.638  1.00 26.02 ? 204 ALA A N   1 
ATOM   1070 C CA  . ALA A 1 147 ? 10.131  -7.262  -9.279  1.00 26.37 ? 204 ALA A CA  1 
ATOM   1071 C C   . ALA A 1 147 ? 10.266  -7.343  -10.794 1.00 32.71 ? 204 ALA A C   1 
ATOM   1072 O O   . ALA A 1 147 ? 9.338   -6.980  -11.528 1.00 26.13 ? 204 ALA A O   1 
ATOM   1073 C CB  . ALA A 1 147 ? 10.859  -6.034  -8.741  1.00 18.66 ? 204 ALA A CB  1 
ATOM   1074 N N   . ALA A 1 148 ? 11.416  -7.814  -11.282 1.00 25.82 ? 205 ALA A N   1 
ATOM   1075 C CA  . ALA A 1 148 ? 11.644  -7.853  -12.723 1.00 29.38 ? 205 ALA A CA  1 
ATOM   1076 C C   . ALA A 1 148 ? 10.769  -8.906  -13.395 1.00 31.55 ? 205 ALA A C   1 
ATOM   1077 O O   . ALA A 1 148 ? 10.306  -8.705  -14.524 1.00 33.34 ? 205 ALA A O   1 
ATOM   1078 C CB  . ALA A 1 148 ? 13.121  -8.114  -13.014 1.00 32.10 ? 205 ALA A CB  1 
ATOM   1079 N N   . ASN A 1 149 ? 10.530  -10.029 -12.721 1.00 29.44 ? 206 ASN A N   1 
ATOM   1080 C CA  . ASN A 1 149 ? 9.732   -11.130 -13.259 1.00 36.37 ? 206 ASN A CA  1 
ATOM   1081 C C   . ASN A 1 149 ? 8.326   -11.143 -12.678 1.00 39.61 ? 206 ASN A C   1 
ATOM   1082 O O   . ASN A 1 149 ? 7.756   -12.206 -12.416 1.00 51.24 ? 206 ASN A O   1 
ATOM   1083 C CB  . ASN A 1 149 ? 10.428  -12.466 -13.009 1.00 42.91 ? 206 ASN A CB  1 
ATOM   1084 C CG  . ASN A 1 149 ? 11.741  -12.589 -13.758 1.00 46.49 ? 206 ASN A CG  1 
ATOM   1085 O OD1 . ASN A 1 149 ? 11.892  -12.059 -14.860 1.00 51.66 ? 206 ASN A OD1 1 
ATOM   1086 N ND2 . ASN A 1 149 ? 12.699  -13.290 -13.162 1.00 53.05 ? 206 ASN A ND2 1 
ATOM   1087 N N   . ARG A 1 150 ? 7.757   -9.968  -12.443 1.00 33.76 ? 207 ARG A N   1 
ATOM   1088 C CA  . ARG A 1 150 ? 6.386   -9.825  -11.979 1.00 30.12 ? 207 ARG A CA  1 
ATOM   1089 C C   . ARG A 1 150 ? 5.553   -9.242  -13.111 1.00 21.22 ? 207 ARG A C   1 
ATOM   1090 O O   . ARG A 1 150 ? 6.018   -8.354  -13.834 1.00 24.45 ? 207 ARG A O   1 
ATOM   1091 C CB  . ARG A 1 150 ? 6.322   -8.928  -10.739 1.00 29.73 ? 207 ARG A CB  1 
ATOM   1092 C CG  . ARG A 1 150 ? 4.930   -8.590  -10.245 1.00 26.53 ? 207 ARG A CG  1 
ATOM   1093 C CD  . ARG A 1 150 ? 5.001   -7.878  -8.898  1.00 27.85 ? 207 ARG A CD  1 
ATOM   1094 N NE  . ARG A 1 150 ? 5.559   -8.736  -7.854  1.00 26.52 ? 207 ARG A NE  1 
ATOM   1095 C CZ  . ARG A 1 150 ? 6.555   -8.394  -7.039  1.00 30.99 ? 207 ARG A CZ  1 
ATOM   1096 N NH1 . ARG A 1 150 ? 6.985   -9.251  -6.123  1.00 33.96 ? 207 ARG A NH1 1 
ATOM   1097 N NH2 . ARG A 1 150 ? 7.125   -7.200  -7.132  1.00 23.76 ? 207 ARG A NH2 1 
ATOM   1098 N N   . GLN A 1 151 ? 4.342   -9.767  -13.285 1.00 20.35 ? 208 GLN A N   1 
ATOM   1099 C CA  . GLN A 1 151 ? 3.445   -9.252  -14.312 1.00 26.61 ? 208 GLN A CA  1 
ATOM   1100 C C   . GLN A 1 151 ? 3.241   -7.754  -14.128 1.00 19.85 ? 208 GLN A C   1 
ATOM   1101 O O   . GLN A 1 151 ? 2.970   -7.286  -13.019 1.00 19.29 ? 208 GLN A O   1 
ATOM   1102 C CB  . GLN A 1 151 ? 2.101   -9.978  -14.250 1.00 25.08 ? 208 GLN A CB  1 
ATOM   1103 C CG  . GLN A 1 151 ? 1.945   -11.097 -15.265 1.00 38.47 ? 208 GLN A CG  1 
ATOM   1104 C CD  . GLN A 1 151 ? 2.010   -10.598 -16.694 1.00 41.10 ? 208 GLN A CD  1 
ATOM   1105 O OE1 . GLN A 1 151 ? 1.476   -9.537  -17.019 1.00 45.71 ? 208 GLN A OE1 1 
ATOM   1106 N NE2 . GLN A 1 151 ? 2.664   -11.366 -17.558 1.00 50.67 ? 208 GLN A NE2 1 
ATOM   1107 N N   . LYS A 1 152 ? 3.374   -7.001  -15.215 1.00 21.95 ? 209 LYS A N   1 
ATOM   1108 C CA  . LYS A 1 152 ? 3.202   -5.556  -15.185 1.00 18.82 ? 209 LYS A CA  1 
ATOM   1109 C C   . LYS A 1 152 ? 1.854   -5.176  -15.781 1.00 21.01 ? 209 LYS A C   1 
ATOM   1110 O O   . LYS A 1 152 ? 1.406   -5.774  -16.763 1.00 21.21 ? 209 LYS A O   1 
ATOM   1111 C CB  . LYS A 1 152 ? 4.325   -4.853  -15.950 1.00 21.12 ? 209 LYS A CB  1 
ATOM   1112 C CG  . LYS A 1 152 ? 5.706   -5.435  -15.695 1.00 23.69 ? 209 LYS A CG  1 
ATOM   1113 C CD  . LYS A 1 152 ? 6.353   -4.810  -14.465 1.00 23.85 ? 209 LYS A CD  1 
ATOM   1114 C CE  . LYS A 1 152 ? 7.623   -5.555  -14.067 1.00 30.15 ? 209 LYS A CE  1 
ATOM   1115 N NZ  . LYS A 1 152 ? 8.186   -6.356  -15.189 1.00 38.32 ? 209 LYS A NZ  1 
ATOM   1116 N N   . ILE A 1 153 ? 1.210   -4.182  -15.181 1.00 16.24 ? 210 ILE A N   1 
ATOM   1117 C CA  . ILE A 1 153 ? -0.036  -3.652  -15.716 1.00 14.19 ? 210 ILE A CA  1 
ATOM   1118 C C   . ILE A 1 153 ? 0.280   -2.779  -16.923 1.00 15.42 ? 210 ILE A C   1 
ATOM   1119 O O   . ILE A 1 153 ? 1.332   -2.135  -16.992 1.00 19.08 ? 210 ILE A O   1 
ATOM   1120 C CB  . ILE A 1 153 ? -0.803  -2.872  -14.629 1.00 15.42 ? 210 ILE A CB  1 
ATOM   1121 C CG1 . ILE A 1 153 ? -2.221  -2.544  -15.095 1.00 16.64 ? 210 ILE A CG1 1 
ATOM   1122 C CG2 . ILE A 1 153 ? -0.052  -1.605  -14.238 1.00 14.96 ? 210 ILE A CG2 1 
ATOM   1123 C CD1 . ILE A 1 153 ? -3.090  -1.933  -14.018 1.00 13.87 ? 210 ILE A CD1 1 
ATOM   1124 N N   . SER A 1 154 ? -0.625  -2.773  -17.894 1.00 14.99 ? 211 SER A N   1 
ATOM   1125 C CA  . SER A 1 154 ? -0.425  -2.006  -19.113 1.00 20.84 ? 211 SER A CA  1 
ATOM   1126 C C   . SER A 1 154 ? -0.653  -0.510  -18.875 1.00 16.67 ? 211 SER A C   1 
ATOM   1127 O O   . SER A 1 154 ? -1.340  -0.090  -17.939 1.00 16.21 ? 211 SER A O   1 
ATOM   1128 C CB  . SER A 1 154 ? -1.343  -2.531  -20.217 1.00 18.86 ? 211 SER A CB  1 
ATOM   1129 O OG  . SER A 1 154 ? -2.652  -2.010  -20.081 1.00 17.48 ? 211 SER A OG  1 
ATOM   1130 N N   . PHE A 1 155 ? -0.024  0.297   -19.735 1.00 15.22 ? 212 PHE A N   1 
ATOM   1131 C CA  . PHE A 1 155 ? -0.173  1.750   -19.699 1.00 16.50 ? 212 PHE A CA  1 
ATOM   1132 C C   . PHE A 1 155 ? -1.645  2.162   -19.676 1.00 14.36 ? 212 PHE A C   1 
ATOM   1133 O O   . PHE A 1 155 ? -2.087  2.922   -18.797 1.00 17.07 ? 212 PHE A O   1 
ATOM   1134 C CB  . PHE A 1 155 ? 0.561   2.333   -20.912 1.00 16.08 ? 212 PHE A CB  1 
ATOM   1135 C CG  . PHE A 1 155 ? 0.390   3.809   -21.104 1.00 16.35 ? 212 PHE A CG  1 
ATOM   1136 C CD1 . PHE A 1 155 ? 1.254   4.706   -20.497 1.00 16.35 ? 212 PHE A CD1 1 
ATOM   1137 C CD2 . PHE A 1 155 ? -0.605  4.300   -21.934 1.00 14.00 ? 212 PHE A CD2 1 
ATOM   1138 C CE1 . PHE A 1 155 ? 1.109   6.070   -20.691 1.00 16.44 ? 212 PHE A CE1 1 
ATOM   1139 C CE2 . PHE A 1 155 ? -0.756  5.659   -22.130 1.00 19.33 ? 212 PHE A CE2 1 
ATOM   1140 C CZ  . PHE A 1 155 ? 0.104   6.546   -21.507 1.00 17.14 ? 212 PHE A CZ  1 
ATOM   1141 N N   . ALA A 1 156 ? -2.422  1.645   -20.632 1.00 15.63 ? 213 ALA A N   1 
ATOM   1142 C CA  . ALA A 1 156 ? -3.826  2.026   -20.745 1.00 17.09 ? 213 ALA A CA  1 
ATOM   1143 C C   . ALA A 1 156 ? -4.619  1.573   -19.531 1.00 14.80 ? 213 ALA A C   1 
ATOM   1144 O O   . ALA A 1 156 ? -5.440  2.330   -19.002 1.00 16.86 ? 213 ALA A O   1 
ATOM   1145 C CB  . ALA A 1 156 ? -4.431  1.444   -22.022 1.00 15.80 ? 213 ALA A CB  1 
ATOM   1146 N N   . ALA A 1 157 ? -4.388  0.337   -19.073 1.00 15.49 ? 214 ALA A N   1 
ATOM   1147 C CA  . ALA A 1 157 ? -5.124  -0.173  -17.922 1.00 15.35 ? 214 ALA A CA  1 
ATOM   1148 C C   . ALA A 1 157 ? -4.776  0.602   -16.659 1.00 16.27 ? 214 ALA A C   1 
ATOM   1149 O O   . ALA A 1 157 ? -5.655  0.879   -15.840 1.00 13.93 ? 214 ALA A O   1 
ATOM   1150 C CB  . ALA A 1 157 ? -4.849  -1.665  -17.733 1.00 16.39 ? 214 ALA A CB  1 
ATOM   1151 N N   . TRP A 1 158 ? -3.506  0.977   -16.494 1.00 14.31 ? 215 TRP A N   1 
ATOM   1152 C CA  . TRP A 1 158 ? -3.099  1.729   -15.309 1.00 15.54 ? 215 TRP A CA  1 
ATOM   1153 C C   . TRP A 1 158 ? -3.760  3.101   -15.272 1.00 16.54 ? 215 TRP A C   1 
ATOM   1154 O O   . TRP A 1 158 ? -4.322  3.505   -14.244 1.00 14.67 ? 215 TRP A O   1 
ATOM   1155 C CB  . TRP A 1 158 ? -1.576  1.860   -15.279 1.00 13.33 ? 215 TRP A CB  1 
ATOM   1156 C CG  . TRP A 1 158 ? -1.016  2.788   -14.228 1.00 15.63 ? 215 TRP A CG  1 
ATOM   1157 C CD1 . TRP A 1 158 ? -0.312  3.940   -14.446 1.00 13.73 ? 215 TRP A CD1 1 
ATOM   1158 C CD2 . TRP A 1 158 ? -1.075  2.620   -12.802 1.00 15.33 ? 215 TRP A CD2 1 
ATOM   1159 N NE1 . TRP A 1 158 ? 0.058   4.505   -13.247 1.00 14.97 ? 215 TRP A NE1 1 
ATOM   1160 C CE2 . TRP A 1 158 ? -0.399  3.715   -12.224 1.00 15.30 ? 215 TRP A CE2 1 
ATOM   1161 C CE3 . TRP A 1 158 ? -1.641  1.656   -11.961 1.00 15.59 ? 215 TRP A CE3 1 
ATOM   1162 C CZ2 . TRP A 1 158 ? -0.271  3.871   -10.844 1.00 13.92 ? 215 TRP A CZ2 1 
ATOM   1163 C CZ3 . TRP A 1 158 ? -1.516  1.814   -10.589 1.00 16.88 ? 215 TRP A CZ3 1 
ATOM   1164 C CH2 . TRP A 1 158 ? -0.837  2.913   -10.045 1.00 18.10 ? 215 TRP A CH2 1 
ATOM   1165 N N   . HIS A 1 159 ? -3.712  3.838   -16.389 1.00 14.37 ? 216 HIS A N   1 
ATOM   1166 C CA  . HIS A 1 159 ? -4.313  5.172   -16.386 1.00 16.47 ? 216 HIS A CA  1 
ATOM   1167 C C   . HIS A 1 159 ? -5.838  5.104   -16.302 1.00 16.71 ? 216 HIS A C   1 
ATOM   1168 O O   . HIS A 1 159 ? -6.470  5.931   -15.622 1.00 15.44 ? 216 HIS A O   1 
ATOM   1169 C CB  . HIS A 1 159 ? -3.855  5.949   -17.618 1.00 16.41 ? 216 HIS A CB  1 
ATOM   1170 C CG  . HIS A 1 159 ? -2.415  6.349   -17.559 1.00 19.06 ? 216 HIS A CG  1 
ATOM   1171 N ND1 . HIS A 1 159 ? -1.936  7.266   -16.650 1.00 19.02 ? 216 HIS A ND1 1 
ATOM   1172 C CD2 . HIS A 1 159 ? -1.343  5.934   -18.275 1.00 18.74 ? 216 HIS A CD2 1 
ATOM   1173 C CE1 . HIS A 1 159 ? -0.633  7.412   -16.818 1.00 19.74 ? 216 HIS A CE1 1 
ATOM   1174 N NE2 . HIS A 1 159 ? -0.250  6.614   -17.798 1.00 16.98 ? 216 HIS A NE2 1 
ATOM   1175 N N   . TYR A 1 160 ? -6.449  4.116   -16.960 1.00 16.98 ? 217 TYR A N   1 
ATOM   1176 C CA  . TYR A 1 160 ? -7.885  3.917   -16.820 1.00 16.51 ? 217 TYR A CA  1 
ATOM   1177 C C   . TYR A 1 160 ? -8.260  3.609   -15.378 1.00 16.82 ? 217 TYR A C   1 
ATOM   1178 O O   . TYR A 1 160 ? -9.241  4.151   -14.857 1.00 20.19 ? 217 TYR A O   1 
ATOM   1179 C CB  . TYR A 1 160 ? -8.347  2.791   -17.742 1.00 15.23 ? 217 TYR A CB  1 
ATOM   1180 C CG  . TYR A 1 160 ? -9.840  2.556   -17.713 1.00 17.34 ? 217 TYR A CG  1 
ATOM   1181 C CD1 . TYR A 1 160 ? -10.717 3.496   -18.237 1.00 17.47 ? 217 TYR A CD1 1 
ATOM   1182 C CD2 . TYR A 1 160 ? -10.372 1.392   -17.171 1.00 15.89 ? 217 TYR A CD2 1 
ATOM   1183 C CE1 . TYR A 1 160 ? -12.077 3.290   -18.218 1.00 17.19 ? 217 TYR A CE1 1 
ATOM   1184 C CE2 . TYR A 1 160 ? -11.737 1.174   -17.152 1.00 17.38 ? 217 TYR A CE2 1 
ATOM   1185 C CZ  . TYR A 1 160 ? -12.584 2.125   -17.676 1.00 20.21 ? 217 TYR A CZ  1 
ATOM   1186 O OH  . TYR A 1 160 ? -13.945 1.919   -17.658 1.00 19.95 ? 217 TYR A OH  1 
ATOM   1187 N N   . LEU A 1 161 ? -7.488  2.742   -14.717 1.00 15.75 ? 218 LEU A N   1 
ATOM   1188 C CA  . LEU A 1 161 ? -7.753  2.411   -13.322 1.00 15.60 ? 218 LEU A CA  1 
ATOM   1189 C C   . LEU A 1 161 ? -7.644  3.641   -12.434 1.00 18.81 ? 218 LEU A C   1 
ATOM   1190 O O   . LEU A 1 161 ? -8.486  3.857   -11.557 1.00 17.90 ? 218 LEU A O   1 
ATOM   1191 C CB  . LEU A 1 161 ? -6.782  1.326   -12.854 1.00 16.35 ? 218 LEU A CB  1 
ATOM   1192 C CG  . LEU A 1 161 ? -6.822  0.952   -11.368 1.00 20.35 ? 218 LEU A CG  1 
ATOM   1193 C CD1 . LEU A 1 161 ? -8.144  0.286   -11.009 1.00 17.88 ? 218 LEU A CD1 1 
ATOM   1194 C CD2 . LEU A 1 161 ? -5.648  0.051   -11.008 1.00 18.14 ? 218 LEU A CD2 1 
ATOM   1195 N N   . LEU A 1 162 ? -6.608  4.456   -12.644 1.00 15.31 ? 219 LEU A N   1 
ATOM   1196 C CA  . LEU A 1 162 ? -6.473  5.677   -11.855 1.00 16.47 ? 219 LEU A CA  1 
ATOM   1197 C C   . LEU A 1 162 ? -7.647  6.617   -12.082 1.00 17.70 ? 219 LEU A C   1 
ATOM   1198 O O   . LEU A 1 162 ? -8.049  7.340   -11.161 1.00 18.84 ? 219 LEU A O   1 
ATOM   1199 C CB  . LEU A 1 162 ? -5.157  6.383   -12.183 1.00 14.65 ? 219 LEU A CB  1 
ATOM   1200 C CG  . LEU A 1 162 ? -3.895  5.658   -11.716 1.00 19.63 ? 219 LEU A CG  1 
ATOM   1201 C CD1 . LEU A 1 162 ? -2.658  6.522   -11.934 1.00 17.22 ? 219 LEU A CD1 1 
ATOM   1202 C CD2 . LEU A 1 162 ? -4.027  5.256   -10.253 1.00 14.91 ? 219 LEU A CD2 1 
ATOM   1203 N N   . ASP A 1 163 ? -8.209  6.627   -13.293 1.00 17.17 ? 220 ASP A N   1 
ATOM   1204 C CA  . ASP A 1 163 ? -9.404  7.431   -13.530 1.00 19.76 ? 220 ASP A CA  1 
ATOM   1205 C C   . ASP A 1 163 ? -10.608 6.865   -12.782 1.00 20.34 ? 220 ASP A C   1 
ATOM   1206 O O   . ASP A 1 163 ? -11.327 7.600   -12.095 1.00 21.42 ? 220 ASP A O   1 
ATOM   1207 C CB  . ASP A 1 163 ? -9.686  7.528   -15.031 1.00 21.25 ? 220 ASP A CB  1 
ATOM   1208 C CG  . ASP A 1 163 ? -10.823 8.487   -15.352 1.00 25.13 ? 220 ASP A CG  1 
ATOM   1209 O OD1 . ASP A 1 163 ? -11.986 8.151   -15.059 1.00 26.71 ? 220 ASP A OD1 1 
ATOM   1210 O OD2 . ASP A 1 163 ? -10.554 9.575   -15.900 1.00 24.07 ? 220 ASP A OD2 1 
ATOM   1211 N N   . ARG A 1 164 ? -10.835 5.553   -12.895 1.00 20.80 ? 221 ARG A N   1 
ATOM   1212 C CA  . ARG A 1 164 ? -12.004 4.943   -12.266 1.00 20.37 ? 221 ARG A CA  1 
ATOM   1213 C C   . ARG A 1 164 ? -11.939 5.022   -10.745 1.00 22.96 ? 221 ARG A C   1 
ATOM   1214 O O   . ARG A 1 164 ? -12.981 5.074   -10.086 1.00 20.81 ? 221 ARG A O   1 
ATOM   1215 C CB  . ARG A 1 164 ? -12.146 3.489   -12.718 1.00 22.24 ? 221 ARG A CB  1 
ATOM   1216 C CG  . ARG A 1 164 ? -12.260 3.316   -14.228 1.00 21.00 ? 221 ARG A CG  1 
ATOM   1217 C CD  . ARG A 1 164 ? -13.571 3.872   -14.755 1.00 25.47 ? 221 ARG A CD  1 
ATOM   1218 N NE  . ARG A 1 164 ? -14.705 3.042   -14.363 1.00 25.19 ? 221 ARG A NE  1 
ATOM   1219 C CZ  . ARG A 1 164 ? -15.855 3.519   -13.903 1.00 32.16 ? 221 ARG A CZ  1 
ATOM   1220 N NH1 . ARG A 1 164 ? -16.833 2.689   -13.568 1.00 35.60 ? 221 ARG A NH1 1 
ATOM   1221 N NH2 . ARG A 1 164 ? -16.030 4.827   -13.783 1.00 37.26 ? 221 ARG A NH2 1 
ATOM   1222 N N   . LEU A 1 165 ? -10.736 5.039   -10.171 1.00 20.07 ? 222 LEU A N   1 
ATOM   1223 C CA  . LEU A 1 165 ? -10.594 5.135   -8.724  1.00 20.01 ? 222 LEU A CA  1 
ATOM   1224 C C   . LEU A 1 165 ? -10.747 6.558   -8.199  1.00 25.47 ? 222 LEU A C   1 
ATOM   1225 O O   . LEU A 1 165 ? -10.778 6.749   -6.979  1.00 26.74 ? 222 LEU A O   1 
ATOM   1226 C CB  . LEU A 1 165 ? -9.235  4.581   -8.293  1.00 18.93 ? 222 LEU A CB  1 
ATOM   1227 C CG  . LEU A 1 165 ? -9.020  3.082   -8.514  1.00 17.53 ? 222 LEU A CG  1 
ATOM   1228 C CD1 . LEU A 1 165 ? -7.595  2.691   -8.147  1.00 15.26 ? 222 LEU A CD1 1 
ATOM   1229 C CD2 . LEU A 1 165 ? -10.028 2.272   -7.717  1.00 19.57 ? 222 LEU A CD2 1 
ATOM   1230 N N   . GLY A 1 166 ? -10.844 7.551   -9.078  1.00 21.14 ? 223 GLY A N   1 
ATOM   1231 C CA  . GLY A 1 166 ? -10.896 8.928   -8.630  1.00 22.91 ? 223 GLY A CA  1 
ATOM   1232 C C   . GLY A 1 166 ? -9.563  9.475   -8.174  1.00 27.98 ? 223 GLY A C   1 
ATOM   1233 O O   . GLY A 1 166 ? -9.527  10.382  -7.338  1.00 25.61 ? 223 GLY A O   1 
ATOM   1234 N N   . VAL A 1 167 ? -8.463  8.942   -8.697  1.00 23.39 ? 224 VAL A N   1 
ATOM   1235 C CA  . VAL A 1 167 ? -7.125  9.378   -8.321  1.00 21.21 ? 224 VAL A CA  1 
ATOM   1236 C C   . VAL A 1 167 ? -6.555  10.373  -9.323  1.00 21.67 ? 224 VAL A C   1 
ATOM   1237 O O   . VAL A 1 167 ? -5.973  11.385  -8.934  1.00 19.81 ? 224 VAL A O   1 
ATOM   1238 C CB  . VAL A 1 167 ? -6.194  8.156   -8.161  1.00 19.13 ? 224 VAL A CB  1 
ATOM   1239 C CG1 . VAL A 1 167 ? -4.786  8.601   -7.800  1.00 18.45 ? 224 VAL A CG1 1 
ATOM   1240 C CG2 . VAL A 1 167 ? -6.746  7.199   -7.112  1.00 18.21 ? 224 VAL A CG2 1 
ATOM   1241 N N   . LYS A 1 168 ? -6.707  10.096  -10.616 1.00 19.42 ? 225 LYS A N   1 
ATOM   1242 C CA  . LYS A 1 168 ? -6.219  10.994  -11.654 1.00 18.89 ? 225 LYS A CA  1 
ATOM   1243 C C   . LYS A 1 168 ? -7.099  10.837  -12.883 1.00 23.99 ? 225 LYS A C   1 
ATOM   1244 O O   . LYS A 1 168 ? -7.336  9.713   -13.335 1.00 20.79 ? 225 LYS A O   1 
ATOM   1245 C CB  . LYS A 1 168 ? -4.753  10.702  -12.004 1.00 21.71 ? 225 LYS A CB  1 
ATOM   1246 C CG  . LYS A 1 168 ? -4.212  11.563  -13.150 1.00 21.94 ? 225 LYS A CG  1 
ATOM   1247 C CD  . LYS A 1 168 ? -2.774  11.213  -13.515 1.00 22.52 ? 225 LYS A CD  1 
ATOM   1248 C CE  . LYS A 1 168 ? -2.642  9.756   -13.941 1.00 19.58 ? 225 LYS A CE  1 
ATOM   1249 N NZ  . LYS A 1 168 ? -3.222  9.522   -15.295 1.00 18.66 ? 225 LYS A NZ  1 
ATOM   1250 N N   . ARG A 1 169 ? -7.582  11.955  -13.414 1.00 21.33 ? 226 ARG A N   1 
ATOM   1251 C CA  . ARG A 1 169 ? -8.396  11.911  -14.621 1.00 26.93 ? 226 ARG A CA  1 
ATOM   1252 C C   . ARG A 1 169 ? -7.558  11.475  -15.816 1.00 25.11 ? 226 ARG A C   1 
ATOM   1253 O O   . ARG A 1 169 ? -6.415  11.906  -15.987 1.00 22.65 ? 226 ARG A O   1 
ATOM   1254 C CB  . ARG A 1 169 ? -9.020  13.280  -14.891 1.00 29.63 ? 226 ARG A CB  1 
ATOM   1255 C CG  . ARG A 1 169 ? -9.809  13.837  -13.718 1.00 35.98 ? 226 ARG A CG  1 
ATOM   1256 C CD  . ARG A 1 169 ? -10.733 14.966  -14.154 1.00 45.58 ? 226 ARG A CD  1 
ATOM   1257 N NE  . ARG A 1 169 ? -11.493 15.512  -13.032 1.00 47.48 ? 226 ARG A NE  1 
ATOM   1258 C CZ  . ARG A 1 169 ? -12.592 14.954  -12.532 1.00 47.26 ? 226 ARG A CZ  1 
ATOM   1259 N NH1 . ARG A 1 169 ? -13.066 13.832  -13.056 1.00 49.05 ? 226 ARG A NH1 1 
ATOM   1260 N NH2 . ARG A 1 169 ? -13.218 15.520  -11.510 1.00 49.98 ? 226 ARG A NH2 1 
ATOM   1261 N N   . ALA A 1 170 ? -8.133  10.603  -16.646 1.00 26.03 ? 227 ALA A N   1 
ATOM   1262 C CA  . ALA A 1 170 ? -7.440  10.180  -17.857 1.00 27.30 ? 227 ALA A CA  1 
ATOM   1263 C C   . ALA A 1 170 ? -7.340  11.317  -18.863 1.00 30.83 ? 227 ALA A C   1 
ATOM   1264 O O   . ALA A 1 170 ? -6.363  11.387  -19.618 1.00 28.85 ? 227 ALA A O   1 
ATOM   1265 C CB  . ALA A 1 170 ? -8.152  8.980   -18.480 1.00 23.05 ? 227 ALA A CB  1 
ATOM   1266 N N   . SER A 1 171 ? -8.335  12.207  -18.873 1.00 34.23 ? 228 SER A N   1 
ATOM   1267 C CA  . SER A 1 171 ? -8.424  13.380  -19.750 1.00 39.09 ? 228 SER A CA  1 
ATOM   1268 C C   . SER A 1 171 ? -7.875  13.158  -21.151 1.00 33.66 ? 228 SER A C   1 
ATOM   1269 O O   . SER A 1 171 ? -8.540  12.559  -21.996 1.00 34.40 ? 228 SER A O   1 
ATOM   1270 C CB  . SER A 1 171 ? -7.720  14.571  -19.100 1.00 37.55 ? 228 SER A CB  1 
ATOM   1271 O OG  . SER A 1 171 ? -8.531  15.115  -18.074 1.00 38.43 ? 228 SER A OG  1 
HETATM 1272 O O   . HOH B 2 .   ? -2.736  -10.055 25.287  1.00 66.25 ? 301 HOH A O   1 
HETATM 1273 O O   . HOH B 2 .   ? 10.738  -3.555  15.220  1.00 44.42 ? 302 HOH A O   1 
HETATM 1274 O O   . HOH B 2 .   ? -4.561  10.607  16.275  1.00 46.41 ? 303 HOH A O   1 
HETATM 1275 O O   . HOH B 2 .   ? 3.895   12.135  3.434   1.00 45.52 ? 304 HOH A O   1 
HETATM 1276 O O   . HOH B 2 .   ? 1.407   10.706  13.702  1.00 46.08 ? 305 HOH A O   1 
HETATM 1277 O O   . HOH B 2 .   ? -2.025  14.402  10.907  1.00 45.00 ? 306 HOH A O   1 
HETATM 1278 O O   . HOH B 2 .   ? -3.244  -15.330 -10.011 1.00 30.85 ? 307 HOH A O   1 
HETATM 1279 O O   . HOH B 2 .   ? 3.472   -2.793  2.341   1.00 25.82 ? 308 HOH A O   1 
HETATM 1280 O O   . HOH B 2 .   ? -2.062  -8.020  -17.520 1.00 41.10 ? 309 HOH A O   1 
HETATM 1281 O O   . HOH B 2 .   ? -11.326 -13.185 -5.790  1.00 47.85 ? 310 HOH A O   1 
HETATM 1282 O O   . HOH B 2 .   ? -15.368 3.817   -18.442 1.00 21.73 ? 311 HOH A O   1 
HETATM 1283 O O   . HOH B 2 .   ? -3.931  3.051   18.204  1.00 32.32 ? 312 HOH A O   1 
HETATM 1284 O O   . HOH B 2 .   ? -10.996 14.580  -18.043 1.00 49.07 ? 313 HOH A O   1 
HETATM 1285 O O   . HOH B 2 .   ? -9.529  -4.849  -19.638 1.00 16.20 ? 314 HOH A O   1 
HETATM 1286 O O   . HOH B 2 .   ? -1.558  4.060   16.310  1.00 30.21 ? 315 HOH A O   1 
HETATM 1287 O O   . HOH B 2 .   ? 2.999   -5.407  -11.306 1.00 16.17 ? 316 HOH A O   1 
HETATM 1288 O O   . HOH B 2 .   ? -9.408  10.868  1.188   1.00 40.21 ? 317 HOH A O   1 
HETATM 1289 O O   . HOH B 2 .   ? 4.163   -7.801  -4.057  1.00 29.98 ? 318 HOH A O   1 
HETATM 1290 O O   . HOH B 2 .   ? -2.355  14.250  -21.403 1.00 35.92 ? 319 HOH A O   1 
HETATM 1291 O O   . HOH B 2 .   ? -7.829  -10.309 17.416  1.00 42.53 ? 320 HOH A O   1 
HETATM 1292 O O   . HOH B 2 .   ? 9.462   2.899   -7.679  1.00 15.12 ? 321 HOH A O   1 
HETATM 1293 O O   . HOH B 2 .   ? 5.518   0.126   23.279  1.00 49.80 ? 322 HOH A O   1 
HETATM 1294 O O   . HOH B 2 .   ? -9.329  16.408  -4.731  1.00 39.66 ? 323 HOH A O   1 
HETATM 1295 O O   . HOH B 2 .   ? -0.342  5.346   18.478  1.00 33.60 ? 324 HOH A O   1 
HETATM 1296 O O   . HOH B 2 .   ? -10.778 11.812  -18.003 1.00 31.88 ? 325 HOH A O   1 
HETATM 1297 O O   . HOH B 2 .   ? -7.208  7.285   2.035   1.00 30.14 ? 326 HOH A O   1 
HETATM 1298 O O   . HOH B 2 .   ? -11.703 4.860   -5.387  1.00 26.98 ? 327 HOH A O   1 
HETATM 1299 O O   . HOH B 2 .   ? 4.360   12.665  -14.761 1.00 22.60 ? 328 HOH A O   1 
HETATM 1300 O O   . HOH B 2 .   ? -5.005  14.114  -15.563 1.00 28.11 ? 329 HOH A O   1 
HETATM 1301 O O   . HOH B 2 .   ? 3.329   -11.946 -11.471 1.00 27.30 ? 330 HOH A O   1 
HETATM 1302 O O   . HOH B 2 .   ? -15.414 -2.862  -8.742  1.00 25.18 ? 331 HOH A O   1 
HETATM 1303 O O   . HOH B 2 .   ? 8.070   12.685  -21.199 1.00 31.18 ? 332 HOH A O   1 
HETATM 1304 O O   . HOH B 2 .   ? 9.230   11.460  -25.143 1.00 36.04 ? 333 HOH A O   1 
HETATM 1305 O O   . HOH B 2 .   ? -5.790  8.479   -15.174 1.00 18.58 ? 334 HOH A O   1 
HETATM 1306 O O   . HOH B 2 .   ? 6.712   -4.765  -2.805  1.00 33.95 ? 335 HOH A O   1 
HETATM 1307 O O   . HOH B 2 .   ? 8.528   -0.470  -12.872 1.00 17.23 ? 336 HOH A O   1 
HETATM 1308 O O   . HOH B 2 .   ? 2.243   11.730  9.590   1.00 39.88 ? 337 HOH A O   1 
HETATM 1309 O O   . HOH B 2 .   ? -13.759 -9.423  -12.590 1.00 28.43 ? 338 HOH A O   1 
HETATM 1310 O O   . HOH B 2 .   ? -5.246  -11.440 13.301  1.00 47.59 ? 339 HOH A O   1 
HETATM 1311 O O   . HOH B 2 .   ? -1.822  8.676   17.456  1.00 47.10 ? 340 HOH A O   1 
HETATM 1312 O O   . HOH B 2 .   ? 5.829   8.024   -1.832  1.00 28.53 ? 341 HOH A O   1 
HETATM 1313 O O   . HOH B 2 .   ? -4.348  -3.620  1.462   1.00 23.31 ? 342 HOH A O   1 
HETATM 1314 O O   . HOH B 2 .   ? -12.324 4.843   -2.767  1.00 23.38 ? 343 HOH A O   1 
HETATM 1315 O O   . HOH B 2 .   ? -2.694  -7.547  -7.420  1.00 26.16 ? 344 HOH A O   1 
HETATM 1316 O O   . HOH B 2 .   ? 3.637   11.804  7.586   1.00 42.73 ? 345 HOH A O   1 
HETATM 1317 O O   . HOH B 2 .   ? -5.750  3.623   9.895   1.00 24.42 ? 346 HOH A O   1 
HETATM 1318 O O   . HOH B 2 .   ? -0.029  12.878  -15.736 1.00 30.86 ? 347 HOH A O   1 
HETATM 1319 O O   . HOH B 2 .   ? 4.645   13.000  -7.630  1.00 37.69 ? 348 HOH A O   1 
HETATM 1320 O O   . HOH B 2 .   ? -17.089 -3.616  -14.528 1.00 35.23 ? 349 HOH A O   1 
HETATM 1321 O O   . HOH B 2 .   ? -2.858  -3.330  -0.866  1.00 20.50 ? 350 HOH A O   1 
HETATM 1322 O O   . HOH B 2 .   ? 6.127   -0.511  3.424   1.00 35.61 ? 351 HOH A O   1 
HETATM 1323 O O   . HOH B 2 .   ? 11.552  7.755   -18.120 1.00 19.78 ? 352 HOH A O   1 
HETATM 1324 O O   . HOH B 2 .   ? -12.225 11.726  -14.619 1.00 39.97 ? 353 HOH A O   1 
HETATM 1325 O O   . HOH B 2 .   ? -0.673  -9.505  -3.277  1.00 46.63 ? 354 HOH A O   1 
HETATM 1326 O O   . HOH B 2 .   ? -8.615  -11.233 -17.181 1.00 21.22 ? 355 HOH A O   1 
HETATM 1327 O O   . HOH B 2 .   ? -5.748  -0.373  9.835   1.00 31.43 ? 356 HOH A O   1 
HETATM 1328 O O   . HOH B 2 .   ? 3.279   -2.550  -18.930 1.00 19.08 ? 357 HOH A O   1 
HETATM 1329 O O   . HOH B 2 .   ? -13.424 -9.316  -9.920  1.00 25.20 ? 358 HOH A O   1 
HETATM 1330 O O   . HOH B 2 .   ? 8.006   -4.716  -10.590 1.00 21.81 ? 359 HOH A O   1 
HETATM 1331 O O   . HOH B 2 .   ? 7.671   4.586   -5.239  1.00 18.52 ? 360 HOH A O   1 
HETATM 1332 O O   . HOH B 2 .   ? -11.868 10.351  -11.987 1.00 32.91 ? 361 HOH A O   1 
HETATM 1333 O O   . HOH B 2 .   ? 2.391   -7.111  -1.997  1.00 45.55 ? 362 HOH A O   1 
HETATM 1334 O O   . HOH B 2 .   ? 7.219   12.062  -18.932 1.00 33.37 ? 363 HOH A O   1 
HETATM 1335 O O   . HOH B 2 .   ? -3.935  -6.615  7.936   1.00 39.32 ? 364 HOH A O   1 
HETATM 1336 O O   . HOH B 2 .   ? -4.820  1.636   5.483   1.00 36.22 ? 365 HOH A O   1 
HETATM 1337 O O   . HOH B 2 .   ? 10.763  -5.270  -14.788 1.00 31.65 ? 366 HOH A O   1 
HETATM 1338 O O   . HOH B 2 .   ? -7.407  -9.727  -7.399  1.00 25.69 ? 367 HOH A O   1 
HETATM 1339 O O   . HOH B 2 .   ? -5.502  0.886   19.552  1.00 26.44 ? 368 HOH A O   1 
HETATM 1340 O O   . HOH B 2 .   ? 1.775   13.604  -18.792 1.00 29.54 ? 369 HOH A O   1 
HETATM 1341 O O   . HOH B 2 .   ? 7.382   -4.459  -7.848  1.00 21.13 ? 370 HOH A O   1 
HETATM 1342 O O   . HOH B 2 .   ? 2.781   -3.135  -12.720 1.00 15.20 ? 371 HOH A O   1 
HETATM 1343 O O   . HOH B 2 .   ? -5.162  13.833  -10.151 1.00 29.70 ? 372 HOH A O   1 
HETATM 1344 O O   . HOH B 2 .   ? -2.724  -4.732  -18.208 1.00 23.19 ? 373 HOH A O   1 
HETATM 1345 O O   . HOH B 2 .   ? -9.154  5.621   15.390  1.00 22.65 ? 374 HOH A O   1 
HETATM 1346 O O   . HOH B 2 .   ? -12.598 8.512   -5.605  1.00 36.55 ? 375 HOH A O   1 
HETATM 1347 O O   . HOH B 2 .   ? 8.979   1.359   -19.315 1.00 29.21 ? 376 HOH A O   1 
HETATM 1348 O O   . HOH B 2 .   ? 9.149   3.001   -23.096 1.00 29.01 ? 377 HOH A O   1 
HETATM 1349 O O   . HOH B 2 .   ? 7.230   -11.937 -8.982  1.00 37.55 ? 378 HOH A O   1 
HETATM 1350 O O   . HOH B 2 .   ? 13.709  5.381   8.260   1.00 42.60 ? 379 HOH A O   1 
HETATM 1351 O O   . HOH B 2 .   ? -8.388  -11.160 -5.267  1.00 38.11 ? 380 HOH A O   1 
HETATM 1352 O O   . HOH B 2 .   ? -10.605 -2.573  5.668   1.00 43.88 ? 381 HOH A O   1 
HETATM 1353 O O   . HOH B 2 .   ? 1.719   12.097  5.103   1.00 29.75 ? 382 HOH A O   1 
HETATM 1354 O O   . HOH B 2 .   ? 1.806   9.414   11.145  1.00 29.39 ? 383 HOH A O   1 
HETATM 1355 O O   . HOH B 2 .   ? 1.865   -0.954  -21.600 1.00 23.30 ? 384 HOH A O   1 
HETATM 1356 O O   . HOH B 2 .   ? -11.419 -1.006  2.512   1.00 36.23 ? 385 HOH A O   1 
HETATM 1357 O O   . HOH B 2 .   ? -7.043  15.448  -3.371  1.00 30.19 ? 386 HOH A O   1 
HETATM 1358 O O   . HOH B 2 .   ? -6.729  16.591  -0.575  1.00 43.11 ? 387 HOH A O   1 
HETATM 1359 O O   . HOH B 2 .   ? 4.876   14.921  -5.371  1.00 43.99 ? 388 HOH A O   1 
HETATM 1360 O O   . HOH B 2 .   ? 5.440   -4.367  -10.941 1.00 19.40 ? 389 HOH A O   1 
HETATM 1361 O O   . HOH B 2 .   ? 7.353   5.638   17.846  1.00 45.39 ? 390 HOH A O   1 
HETATM 1362 O O   . HOH B 2 .   ? 13.216  -0.108  14.230  1.00 47.54 ? 391 HOH A O   1 
HETATM 1363 O O   . HOH B 2 .   ? 7.468   -2.709  -4.774  1.00 21.22 ? 392 HOH A O   1 
HETATM 1364 O O   . HOH B 2 .   ? -2.429  -10.472 -15.734 1.00 37.63 ? 393 HOH A O   1 
HETATM 1365 O O   . HOH B 2 .   ? -6.337  14.469  -12.316 1.00 28.35 ? 394 HOH A O   1 
HETATM 1366 O O   . HOH B 2 .   ? -12.912 -12.949 -11.276 1.00 31.61 ? 395 HOH A O   1 
HETATM 1367 O O   . HOH B 2 .   ? 8.191   12.637  -9.237  1.00 38.89 ? 396 HOH A O   1 
HETATM 1368 O O   . HOH B 2 .   ? 14.525  10.856  -21.429 1.00 40.01 ? 397 HOH A O   1 
HETATM 1369 O O   . HOH B 2 .   ? 4.537   -7.974  -17.868 1.00 31.09 ? 398 HOH A O   1 
HETATM 1370 O O   . HOH B 2 .   ? -4.688  23.217  -3.532  1.00 60.23 ? 399 HOH A O   1 
HETATM 1371 O O   . HOH B 2 .   ? -7.489  9.975   8.114   1.00 34.72 ? 401 HOH A O   1 
HETATM 1372 O O   . HOH B 2 .   ? 4.089   5.431   -27.959 1.00 38.98 ? 402 HOH A O   1 
HETATM 1373 O O   . HOH B 2 .   ? -13.661 1.923   -0.790  1.00 33.78 ? 403 HOH A O   1 
HETATM 1374 O O   . HOH B 2 .   ? 5.782   11.149  2.210   1.00 49.06 ? 404 HOH A O   1 
HETATM 1375 O O   . HOH B 2 .   ? 3.113   14.085  -8.781  1.00 40.90 ? 405 HOH A O   1 
HETATM 1376 O O   . HOH B 2 .   ? -3.003  -1.816  -23.380 1.00 39.47 ? 406 HOH A O   1 
HETATM 1377 O O   . HOH B 2 .   ? -8.337  -4.066  18.846  1.00 44.94 ? 407 HOH A O   1 
HETATM 1378 O O   . HOH B 2 .   ? -3.988  6.994   19.427  1.00 37.12 ? 408 HOH A O   1 
HETATM 1379 O O   . HOH B 2 .   ? 7.856   11.991  -15.228 1.00 36.10 ? 409 HOH A O   1 
HETATM 1380 O O   . HOH B 2 .   ? -8.293  -5.527  16.698  1.00 39.30 ? 410 HOH A O   1 
HETATM 1381 O O   . HOH B 2 .   ? -9.720  -7.540  -20.348 1.00 36.52 ? 411 HOH A O   1 
HETATM 1382 O O   . HOH B 2 .   ? -2.880  -12.507 -17.933 1.00 47.92 ? 412 HOH A O   1 
HETATM 1383 O O   . HOH B 2 .   ? 7.201   -9.242  -16.966 1.00 49.35 ? 413 HOH A O   1 
HETATM 1384 O O   . HOH B 2 .   ? -7.439  0.957   6.949   1.00 44.95 ? 414 HOH A O   1 
HETATM 1385 O O   . HOH B 2 .   ? 2.033   -4.716  -20.034 1.00 40.63 ? 415 HOH A O   1 
HETATM 1386 O O   . HOH B 2 .   ? 9.238   12.415  -12.459 1.00 28.61 ? 416 HOH A O   1 
HETATM 1387 O O   . HOH B 2 .   ? 9.220   -3.351  -16.718 1.00 33.00 ? 417 HOH A O   1 
HETATM 1388 O O   . HOH B 2 .   ? -13.626 -3.454  0.066   1.00 37.20 ? 418 HOH A O   1 
HETATM 1389 O O   . HOH B 2 .   ? 0.395   10.191  -26.108 1.00 44.88 ? 419 HOH A O   1 
HETATM 1390 O O   . HOH B 2 .   ? 8.600   10.706  -17.416 1.00 39.46 ? 420 HOH A O   1 
HETATM 1391 O O   . HOH B 2 .   ? -0.785  -14.588 -8.987  1.00 32.37 ? 421 HOH A O   1 
HETATM 1392 O O   . HOH B 2 .   ? 5.053   -13.672 -10.083 1.00 38.13 ? 422 HOH A O   1 
HETATM 1393 O O   . HOH B 2 .   ? 7.894   6.968   -3.903  1.00 29.05 ? 423 HOH A O   1 
HETATM 1394 O O   . HOH B 2 .   ? -5.368  3.685   4.758   1.00 39.33 ? 424 HOH A O   1 
HETATM 1395 O O   . HOH B 2 .   ? -14.287 8.056   -7.407  1.00 43.20 ? 425 HOH A O   1 
HETATM 1396 O O   . HOH B 2 .   ? 10.633  11.724  -16.322 1.00 31.19 ? 426 HOH A O   1 
HETATM 1397 O O   . HOH B 2 .   ? -16.232 -6.930  -6.935  1.00 42.29 ? 427 HOH A O   1 
HETATM 1398 O O   . HOH B 2 .   ? -4.863  -8.876  -5.852  1.00 30.94 ? 428 HOH A O   1 
HETATM 1399 O O   . HOH B 2 .   ? 3.201   -7.681  0.167   1.00 42.85 ? 429 HOH A O   1 
HETATM 1400 O O   . HOH B 2 .   ? -2.254  4.616   20.083  1.00 38.00 ? 430 HOH A O   1 
HETATM 1401 O O   . HOH B 2 .   ? 13.204  -6.066  -16.081 1.00 46.55 ? 431 HOH A O   1 
HETATM 1402 O O   . HOH B 2 .   ? 9.256   -0.102  -0.526  1.00 34.98 ? 432 HOH A O   1 
HETATM 1403 O O   . HOH B 2 .   ? -1.046  -6.985  1.030   1.00 36.13 ? 433 HOH A O   1 
HETATM 1404 O O   . HOH B 2 .   ? -0.309  -7.644  -1.556  1.00 36.16 ? 434 HOH A O   1 
HETATM 1405 O O   . HOH B 2 .   ? -13.849 -11.947 -8.945  1.00 41.55 ? 435 HOH A O   1 
HETATM 1406 O O   . HOH B 2 .   ? -5.282  1.443   8.313   1.00 37.86 ? 436 HOH A O   1 
HETATM 1407 O O   . HOH B 2 .   ? 11.684  -3.523  -12.795 1.00 23.61 ? 437 HOH A O   1 
HETATM 1408 O O   . HOH B 2 .   ? 6.744   10.074  -0.614  1.00 32.29 ? 438 HOH A O   1 
HETATM 1409 O O   . HOH B 2 .   ? 2.141   14.018  -13.870 1.00 33.60 ? 439 HOH A O   1 
HETATM 1410 O O   . HOH B 2 .   ? -10.730 7.781   15.700  1.00 30.29 ? 440 HOH A O   1 
HETATM 1411 O O   . HOH B 2 .   ? 9.614   -2.486  -11.322 1.00 25.42 ? 441 HOH A O   1 
HETATM 1412 O O   . HOH B 2 .   ? -15.025 -0.291  -7.016  1.00 38.58 ? 442 HOH A O   1 
HETATM 1413 O O   . HOH B 2 .   ? -17.376 -2.290  -10.548 1.00 34.87 ? 443 HOH A O   1 
HETATM 1414 O O   . HOH B 2 .   ? -16.781 -4.705  -7.079  1.00 35.12 ? 444 HOH A O   1 
HETATM 1415 O O   . HOH B 2 .   ? 9.826   -0.994  -15.303 1.00 20.01 ? 445 HOH A O   1 
HETATM 1416 O O   . HOH B 2 .   ? 2.367   -14.096 -13.364 1.00 41.10 ? 446 HOH A O   1 
HETATM 1417 O O   . HOH B 2 .   ? 0.386   -4.999  -22.207 1.00 44.79 ? 447 HOH A O   1 
HETATM 1418 O O   . HOH B 2 .   ? -15.041 1.162   -2.403  1.00 39.91 ? 448 HOH A O   1 
HETATM 1419 O O   . HOH B 2 .   ? 5.832   -2.815  -19.016 1.00 40.40 ? 449 HOH A O   1 
HETATM 1420 O O   . HOH B 2 .   ? 1.133   -15.750 -10.230 1.00 45.69 ? 450 HOH A O   1 
# 
